data_4K4H
#
_entry.id   4K4H
#
_cell.length_a   194.950
_cell.length_b   97.440
_cell.length_c   105.170
_cell.angle_alpha   90.00
_cell.angle_beta   90.00
_cell.angle_gamma   90.00
#
_symmetry.space_group_name_H-M   'P 21 21 2'
#
loop_
_entity.id
_entity.type
_entity.pdbx_description
1 polymer 'DNA polymerase lambda'
2 polymer "DNA (5'-D(*CP*GP*GP*CP*GP*GP*TP*AP*CP*TP*G)-3')"
3 polymer "DNA (5'-D(*CP*AP*GP*TP*AP*C)-3')"
4 polymer "DNA (5'-D(P*GP*CP*CP*G)-3')"
5 non-polymer 'Lamivudine Triphosphate'
6 non-polymer 'CALCIUM ION'
7 non-polymer 'ACETATE ION'
8 water water
#
loop_
_entity_poly.entity_id
_entity_poly.type
_entity_poly.pdbx_seq_one_letter_code
_entity_poly.pdbx_strand_id
1 'polypeptide(L)'
;MSSQKATNHNLHITEKLEVLAKAYSVQGDKWRALGYAKAINALKSFHKPVTSYQEACSIPGIGKRMAEKIIEILESGHLR
KLDHISESVPVLELFSNIWGAGTKTAQMWYQQGFRSLEDIRSQASLTTQQAIGLKHYSDFLERMPREEATEIEQTVQKAA
QAFNSGLLCVACGSYRRGKATCGDVDVLITHPDGRSHRGIFSRLLDSLRQEGFLTDDLVSQEENGQQQKYLGVCRLPGPG
RRHRRLDIIVVPYSEFACALLYFTGSAHFNRSMRALAKTKGMSLSEHALSTAVVRNTHGCKVGPGRVLPTPTEKDVFRLL
GLPYREPAERDWLEHHHHHH
;
A,E,I,M
2 'polydeoxyribonucleotide' (DC)(DG)(DG)(DC)(DG)(DG)(DT)(DA)(DC)(DT)(DG) B,F,J,N
3 'polydeoxyribonucleotide' (DC)(DA)(DG)(DT)(DA)(DC) C,G,K,O
4 'polydeoxyribonucleotide' (DG)(DC)(DC)(DG) D,H,L,P
#
# COMPACT_ATOMS: atom_id res chain seq x y z
N ALA A 6 28.76 -27.89 -24.22
CA ALA A 6 28.19 -28.62 -25.39
C ALA A 6 28.75 -28.13 -26.74
N THR A 7 28.45 -26.88 -27.08
CA THR A 7 28.34 -26.35 -28.46
C THR A 7 26.89 -26.48 -28.86
N ASN A 8 26.13 -25.41 -28.69
CA ASN A 8 24.77 -25.39 -29.08
C ASN A 8 24.71 -25.47 -30.60
N HIS A 9 24.09 -26.56 -31.12
CA HIS A 9 24.01 -26.78 -32.58
C HIS A 9 22.76 -26.14 -33.13
N ASN A 10 21.92 -25.67 -32.23
CA ASN A 10 20.66 -25.03 -32.55
C ASN A 10 20.62 -23.59 -31.99
N LEU A 11 21.78 -22.93 -32.00
CA LEU A 11 21.92 -21.58 -31.40
C LEU A 11 20.88 -20.60 -31.91
N HIS A 12 20.61 -20.64 -33.21
CA HIS A 12 19.77 -19.67 -33.81
C HIS A 12 18.36 -19.88 -33.32
N ILE A 13 17.98 -21.14 -33.13
CA ILE A 13 16.70 -21.48 -32.53
C ILE A 13 16.60 -21.08 -31.02
N THR A 14 17.57 -21.39 -30.21
CA THR A 14 17.40 -21.13 -28.79
C THR A 14 17.34 -19.61 -28.53
N GLU A 15 18.10 -18.84 -29.29
CA GLU A 15 18.07 -17.37 -29.10
C GLU A 15 16.69 -16.87 -29.10
N LYS A 16 15.92 -17.34 -30.08
CA LYS A 16 14.62 -16.78 -30.30
C LYS A 16 13.62 -17.31 -29.28
N LEU A 17 13.77 -18.56 -28.86
CA LEU A 17 12.84 -19.12 -27.87
C LEU A 17 13.09 -18.44 -26.51
N GLU A 18 14.31 -18.04 -26.28
CA GLU A 18 14.63 -17.37 -25.03
C GLU A 18 13.92 -16.01 -24.92
N VAL A 19 13.84 -15.27 -26.02
CA VAL A 19 13.11 -14.00 -26.03
C VAL A 19 11.66 -14.23 -25.69
N LEU A 20 11.09 -15.19 -26.37
CA LEU A 20 9.75 -15.60 -26.07
C LEU A 20 9.53 -16.02 -24.61
N ALA A 21 10.52 -16.71 -24.08
CA ALA A 21 10.42 -17.29 -22.72
C ALA A 21 10.46 -16.17 -21.65
N LYS A 22 11.33 -15.21 -21.89
CA LYS A 22 11.45 -14.04 -21.06
C LYS A 22 10.09 -13.37 -20.99
N ALA A 23 9.41 -13.35 -22.13
CA ALA A 23 8.20 -12.63 -22.23
C ALA A 23 7.15 -13.21 -21.37
N TYR A 24 7.04 -14.55 -21.33
CA TYR A 24 6.03 -15.15 -20.49
C TYR A 24 6.44 -14.98 -19.05
N SER A 25 7.73 -15.06 -18.86
CA SER A 25 8.29 -15.00 -17.51
C SER A 25 7.94 -13.65 -16.84
N VAL A 26 8.14 -12.53 -17.54
CA VAL A 26 7.82 -11.22 -16.96
C VAL A 26 6.35 -10.94 -16.91
N GLN A 27 5.59 -11.59 -17.76
CA GLN A 27 4.15 -11.48 -17.63
C GLN A 27 3.59 -12.36 -16.58
N GLY A 28 4.40 -13.15 -15.90
CA GLY A 28 3.80 -13.93 -14.82
C GLY A 28 3.30 -15.34 -15.19
N ASP A 29 3.57 -15.81 -16.38
CA ASP A 29 3.01 -17.12 -16.83
C ASP A 29 4.13 -18.11 -16.60
N LYS A 30 4.23 -18.54 -15.39
CA LYS A 30 5.41 -19.20 -15.00
C LYS A 30 5.50 -20.64 -15.53
N TRP A 31 4.40 -21.38 -15.55
CA TRP A 31 4.50 -22.78 -16.04
C TRP A 31 4.88 -22.84 -17.47
N ARG A 32 4.34 -21.89 -18.24
CA ARG A 32 4.69 -21.78 -19.62
C ARG A 32 6.14 -21.47 -19.74
N ALA A 33 6.61 -20.49 -18.97
CA ALA A 33 8.03 -20.17 -18.96
C ALA A 33 8.91 -21.30 -18.48
N LEU A 34 8.44 -22.07 -17.52
CA LEU A 34 9.19 -23.32 -17.15
C LEU A 34 9.35 -24.24 -18.38
N GLY A 35 8.26 -24.43 -19.11
CA GLY A 35 8.24 -25.33 -20.29
C GLY A 35 9.23 -24.91 -21.31
N TYR A 36 9.30 -23.60 -21.57
CA TYR A 36 10.25 -23.09 -22.54
C TYR A 36 11.65 -23.35 -22.05
N ALA A 37 11.90 -23.15 -20.77
CA ALA A 37 13.30 -23.27 -20.32
C ALA A 37 13.84 -24.69 -20.49
N LYS A 38 13.00 -25.69 -20.23
CA LYS A 38 13.40 -27.08 -20.38
C LYS A 38 13.68 -27.43 -21.86
N ALA A 39 12.83 -26.93 -22.74
CA ALA A 39 12.97 -27.20 -24.17
C ALA A 39 14.23 -26.65 -24.62
N ILE A 40 14.48 -25.44 -24.17
CA ILE A 40 15.61 -24.73 -24.60
C ILE A 40 16.87 -25.45 -24.14
N ASN A 41 16.95 -25.86 -22.86
CA ASN A 41 18.10 -26.68 -22.43
C ASN A 41 18.21 -27.95 -23.31
N ALA A 42 17.07 -28.61 -23.57
CA ALA A 42 17.10 -29.82 -24.42
C ALA A 42 17.68 -29.49 -25.80
N LEU A 43 17.32 -28.34 -26.40
CA LEU A 43 17.90 -28.03 -27.71
C LEU A 43 19.40 -27.84 -27.67
N LYS A 44 19.85 -27.15 -26.63
CA LYS A 44 21.24 -26.84 -26.45
C LYS A 44 22.06 -28.11 -26.26
N SER A 45 21.48 -29.12 -25.66
CA SER A 45 22.30 -30.27 -25.38
C SER A 45 22.26 -31.30 -26.53
N PHE A 46 21.45 -31.08 -27.54
CA PHE A 46 21.30 -32.06 -28.62
C PHE A 46 22.54 -32.26 -29.49
N HIS A 47 22.80 -33.51 -29.87
CA HIS A 47 24.03 -33.86 -30.59
C HIS A 47 24.23 -33.17 -31.95
N LYS A 48 23.21 -32.56 -32.53
CA LYS A 48 23.22 -32.04 -33.91
C LYS A 48 22.10 -31.01 -34.11
N PRO A 49 22.10 -30.30 -35.24
CA PRO A 49 21.01 -29.40 -35.46
C PRO A 49 19.79 -30.20 -35.69
N VAL A 50 18.69 -29.75 -35.16
CA VAL A 50 17.50 -30.46 -35.34
C VAL A 50 17.15 -30.25 -36.80
N THR A 51 16.66 -31.29 -37.46
CA THR A 51 16.44 -31.20 -38.90
C THR A 51 15.03 -31.53 -39.28
N SER A 52 14.23 -32.03 -38.37
CA SER A 52 12.93 -32.47 -38.76
C SER A 52 12.05 -32.27 -37.56
N TYR A 53 10.77 -32.11 -37.84
CA TYR A 53 9.75 -31.94 -36.84
C TYR A 53 9.74 -33.16 -36.00
N GLN A 54 9.65 -34.32 -36.66
CA GLN A 54 9.74 -35.60 -35.97
C GLN A 54 10.91 -35.63 -35.00
N GLU A 55 12.10 -35.25 -35.39
CA GLU A 55 13.26 -35.37 -34.50
C GLU A 55 13.11 -34.41 -33.27
N ALA A 56 12.41 -33.32 -33.51
CA ALA A 56 12.14 -32.31 -32.50
C ALA A 56 11.23 -32.95 -31.46
N CYS A 57 10.08 -33.49 -31.88
CA CYS A 57 9.16 -34.15 -30.94
C CYS A 57 9.77 -35.31 -30.13
N SER A 58 10.75 -35.97 -30.74
CA SER A 58 11.41 -37.10 -30.08
C SER A 58 12.19 -36.68 -28.82
N ILE A 59 12.65 -35.42 -28.78
CA ILE A 59 13.35 -34.87 -27.64
C ILE A 59 12.45 -34.63 -26.42
N PRO A 60 12.85 -35.18 -25.27
CA PRO A 60 12.03 -34.90 -24.11
C PRO A 60 12.16 -33.43 -23.75
N GLY A 61 11.05 -32.78 -23.42
CA GLY A 61 11.01 -31.36 -23.25
C GLY A 61 10.37 -30.65 -24.42
N ILE A 62 10.33 -31.29 -25.60
CA ILE A 62 9.74 -30.71 -26.82
C ILE A 62 8.50 -31.50 -27.30
N GLY A 63 7.40 -30.79 -27.42
CA GLY A 63 6.13 -31.30 -27.94
C GLY A 63 5.75 -30.51 -29.21
N LYS A 64 4.52 -30.69 -29.62
CA LYS A 64 3.93 -30.13 -30.86
C LYS A 64 4.16 -28.62 -31.03
N ARG A 65 3.73 -27.85 -30.05
CA ARG A 65 3.83 -26.39 -30.13
C ARG A 65 5.27 -25.95 -30.25
N MET A 66 6.19 -26.59 -29.55
CA MET A 66 7.59 -26.18 -29.64
C MET A 66 8.23 -26.66 -30.93
N ALA A 67 7.89 -27.87 -31.35
CA ALA A 67 8.34 -28.35 -32.68
C ALA A 67 7.83 -27.44 -33.78
N GLU A 68 6.60 -26.97 -33.71
CA GLU A 68 6.13 -26.03 -34.78
C GLU A 68 7.06 -24.83 -34.89
N LYS A 69 7.35 -24.22 -33.74
CA LYS A 69 8.29 -23.11 -33.65
C LYS A 69 9.69 -23.46 -34.10
N ILE A 70 10.25 -24.54 -33.56
CA ILE A 70 11.58 -24.92 -33.94
C ILE A 70 11.63 -25.06 -35.46
N ILE A 71 10.61 -25.65 -36.06
CA ILE A 71 10.64 -25.90 -37.49
C ILE A 71 10.48 -24.60 -38.25
N GLU A 72 9.37 -23.90 -38.02
CA GLU A 72 9.25 -22.56 -38.59
C GLU A 72 10.55 -21.78 -38.54
N ILE A 73 11.24 -21.74 -37.40
CA ILE A 73 12.53 -21.02 -37.37
C ILE A 73 13.54 -21.66 -38.31
N LEU A 74 13.53 -22.97 -38.37
CA LEU A 74 14.58 -23.72 -39.04
C LEU A 74 14.47 -23.45 -40.54
N GLU A 75 13.26 -23.49 -41.07
CA GLU A 75 13.08 -23.25 -42.50
C GLU A 75 13.08 -21.71 -42.69
N SER A 76 11.94 -21.07 -42.49
CA SER A 76 11.76 -19.60 -42.66
C SER A 76 12.76 -18.63 -42.01
N GLY A 77 13.50 -19.03 -40.97
CA GLY A 77 14.65 -18.22 -40.47
C GLY A 77 14.36 -17.21 -39.35
N HIS A 78 13.10 -17.09 -38.98
CA HIS A 78 12.74 -16.41 -37.76
C HIS A 78 11.35 -16.85 -37.32
N LEU A 79 10.86 -16.23 -36.25
CA LEU A 79 9.66 -16.66 -35.61
C LEU A 79 8.65 -15.52 -35.56
N ARG A 80 7.54 -15.71 -36.28
CA ARG A 80 6.50 -14.71 -36.35
C ARG A 80 6.19 -14.19 -34.98
N LYS A 81 6.05 -15.10 -34.02
CA LYS A 81 5.43 -14.74 -32.75
C LYS A 81 6.18 -13.65 -32.01
N LEU A 82 7.48 -13.49 -32.29
CA LEU A 82 8.28 -12.46 -31.76
C LEU A 82 7.83 -11.01 -32.09
N ASP A 83 6.97 -10.84 -33.08
CA ASP A 83 6.55 -9.53 -33.49
C ASP A 83 5.16 -9.31 -32.99
N HIS A 84 4.65 -10.22 -32.15
CA HIS A 84 3.39 -9.97 -31.49
C HIS A 84 3.50 -9.94 -29.98
N ILE A 85 4.70 -9.88 -29.47
CA ILE A 85 4.88 -9.80 -28.02
C ILE A 85 4.37 -8.45 -27.51
N SER A 86 3.53 -8.46 -26.47
CA SER A 86 2.99 -7.20 -25.98
C SER A 86 4.07 -6.13 -25.71
N GLU A 87 3.71 -4.88 -25.88
CA GLU A 87 4.68 -3.76 -25.78
C GLU A 87 5.12 -3.54 -24.31
N SER A 88 4.27 -4.01 -23.41
CA SER A 88 4.46 -3.83 -22.00
C SER A 88 5.59 -4.69 -21.48
N VAL A 89 5.93 -5.76 -22.20
CA VAL A 89 6.95 -6.66 -21.76
C VAL A 89 8.26 -5.95 -21.38
N PRO A 90 8.75 -5.08 -22.23
CA PRO A 90 10.05 -4.57 -21.76
C PRO A 90 9.97 -3.69 -20.48
N VAL A 91 8.83 -3.10 -20.21
CA VAL A 91 8.64 -2.36 -18.97
C VAL A 91 8.49 -3.35 -17.82
N LEU A 92 7.78 -4.44 -18.04
CA LEU A 92 7.55 -5.39 -16.99
C LEU A 92 8.89 -6.02 -16.57
N GLU A 93 9.80 -6.16 -17.50
CA GLU A 93 11.10 -6.71 -17.27
C GLU A 93 11.93 -5.73 -16.45
N LEU A 94 11.88 -4.48 -16.86
CA LEU A 94 12.55 -3.43 -16.14
C LEU A 94 12.15 -3.40 -14.66
N PHE A 95 10.86 -3.35 -14.39
CA PHE A 95 10.34 -3.31 -13.04
C PHE A 95 10.63 -4.60 -12.23
N SER A 96 10.46 -5.76 -12.84
CA SER A 96 10.89 -7.04 -12.26
C SER A 96 12.40 -7.18 -11.96
N ASN A 97 13.25 -6.43 -12.64
CA ASN A 97 14.64 -6.46 -12.31
C ASN A 97 14.99 -5.71 -11.02
N ILE A 98 14.01 -5.07 -10.41
CA ILE A 98 14.11 -4.54 -9.05
C ILE A 98 13.97 -5.67 -7.99
N TRP A 99 14.96 -5.76 -7.13
CA TRP A 99 14.96 -6.79 -6.10
C TRP A 99 13.81 -6.49 -5.16
N GLY A 100 12.93 -7.47 -5.01
CA GLY A 100 11.76 -7.35 -4.20
C GLY A 100 10.52 -7.03 -4.98
N ALA A 101 10.64 -6.77 -6.27
CA ALA A 101 9.41 -6.59 -7.05
C ALA A 101 9.31 -7.73 -8.08
N GLY A 102 8.21 -8.41 -8.07
CA GLY A 102 8.04 -9.51 -8.99
C GLY A 102 6.99 -9.10 -10.00
N THR A 103 6.43 -10.09 -10.65
CA THR A 103 5.44 -9.81 -11.70
C THR A 103 4.18 -9.13 -11.23
N LYS A 104 3.71 -9.39 -10.03
CA LYS A 104 2.54 -8.66 -9.57
C LYS A 104 2.76 -7.20 -9.37
N THR A 105 3.88 -6.84 -8.75
CA THR A 105 4.18 -5.43 -8.48
C THR A 105 4.42 -4.74 -9.79
N ALA A 106 5.17 -5.42 -10.64
CA ALA A 106 5.45 -4.84 -11.90
C ALA A 106 4.18 -4.56 -12.72
N GLN A 107 3.15 -5.43 -12.63
CA GLN A 107 1.88 -5.21 -13.30
C GLN A 107 1.06 -4.07 -12.67
N MET A 108 1.09 -3.98 -11.35
CA MET A 108 0.43 -2.96 -10.61
C MET A 108 1.00 -1.63 -11.03
N TRP A 109 2.32 -1.50 -11.02
CA TRP A 109 2.96 -0.28 -11.50
C TRP A 109 2.58 0.07 -12.94
N TYR A 110 2.43 -0.97 -13.77
CA TYR A 110 2.11 -0.74 -15.17
C TYR A 110 0.72 -0.12 -15.26
N GLN A 111 -0.28 -0.68 -14.54
CA GLN A 111 -1.66 -0.17 -14.51
C GLN A 111 -1.83 1.19 -13.88
N GLN A 112 -0.81 1.63 -13.12
CA GLN A 112 -0.69 2.97 -12.51
C GLN A 112 0.01 3.87 -13.49
N GLY A 113 0.52 3.30 -14.56
CA GLY A 113 0.97 4.10 -15.67
C GLY A 113 2.41 4.46 -15.63
N PHE A 114 3.19 3.78 -14.79
CA PHE A 114 4.65 4.05 -14.77
C PHE A 114 5.38 3.32 -15.87
N ARG A 115 6.45 3.88 -16.39
CA ARG A 115 7.05 3.29 -17.54
C ARG A 115 8.53 3.33 -17.51
N SER A 116 9.10 3.87 -16.44
CA SER A 116 10.57 4.05 -16.32
C SER A 116 10.89 3.96 -14.80
N LEU A 117 12.16 3.86 -14.48
CA LEU A 117 12.59 3.81 -13.10
C LEU A 117 12.27 5.16 -12.37
N GLU A 118 12.48 6.29 -13.10
CA GLU A 118 12.07 7.60 -12.57
C GLU A 118 10.61 7.67 -12.21
N ASP A 119 9.74 7.11 -13.00
CA ASP A 119 8.32 7.06 -12.59
C ASP A 119 8.18 6.30 -11.25
N ILE A 120 8.95 5.21 -11.13
CA ILE A 120 9.08 4.45 -9.89
C ILE A 120 9.61 5.31 -8.71
N ARG A 121 10.84 5.80 -8.76
CA ARG A 121 11.34 6.72 -7.73
C ARG A 121 10.32 7.79 -7.32
N SER A 122 9.86 8.56 -8.30
CA SER A 122 9.21 9.79 -7.96
C SER A 122 7.78 9.57 -7.58
N GLN A 123 7.17 8.42 -7.91
CA GLN A 123 5.71 8.29 -7.68
C GLN A 123 5.10 7.01 -7.16
N ALA A 124 5.85 5.93 -7.31
CA ALA A 124 5.39 4.63 -6.98
C ALA A 124 5.55 4.46 -5.49
N SER A 125 4.69 3.64 -4.89
CA SER A 125 4.86 3.17 -3.52
C SER A 125 5.72 1.91 -3.59
N LEU A 126 6.69 1.89 -2.71
CA LEU A 126 7.77 0.96 -2.69
C LEU A 126 7.85 0.40 -1.30
N THR A 127 7.93 -0.92 -1.18
CA THR A 127 8.34 -1.53 0.06
C THR A 127 9.79 -1.16 0.39
N THR A 128 10.20 -1.51 1.59
CA THR A 128 11.56 -1.25 2.06
C THR A 128 12.50 -1.95 1.19
N GLN A 129 12.20 -3.21 0.90
CA GLN A 129 13.13 -3.98 0.07
C GLN A 129 13.30 -3.41 -1.31
N GLN A 130 12.19 -2.99 -1.95
CA GLN A 130 12.17 -2.48 -3.31
C GLN A 130 12.92 -1.17 -3.40
N ALA A 131 12.79 -0.36 -2.35
CA ALA A 131 13.59 0.90 -2.29
C ALA A 131 15.08 0.63 -2.32
N ILE A 132 15.50 -0.38 -1.57
CA ILE A 132 16.87 -0.80 -1.64
C ILE A 132 17.15 -1.38 -2.99
N GLY A 133 16.23 -2.24 -3.47
CA GLY A 133 16.43 -2.83 -4.80
C GLY A 133 16.61 -1.72 -5.83
N LEU A 134 15.77 -0.69 -5.72
CA LEU A 134 15.78 0.41 -6.69
C LEU A 134 17.04 1.27 -6.65
N LYS A 135 17.46 1.72 -5.47
CA LYS A 135 18.69 2.50 -5.45
C LYS A 135 19.95 1.75 -5.88
N HIS A 136 19.96 0.42 -5.79
CA HIS A 136 21.13 -0.31 -6.28
C HIS A 136 20.80 -1.03 -7.60
N TYR A 137 19.82 -0.55 -8.35
CA TYR A 137 19.35 -1.21 -9.60
C TYR A 137 20.44 -1.60 -10.52
N SER A 138 21.31 -0.64 -10.84
CA SER A 138 22.43 -0.90 -11.74
C SER A 138 23.47 -1.83 -11.18
N ASP A 139 23.89 -1.62 -9.94
CA ASP A 139 24.92 -2.47 -9.42
C ASP A 139 24.41 -3.91 -9.39
N PHE A 140 23.16 -4.09 -9.02
CA PHE A 140 22.65 -5.48 -8.86
C PHE A 140 22.40 -6.14 -10.17
N LEU A 141 22.26 -5.36 -11.26
CA LEU A 141 22.18 -5.97 -12.56
C LEU A 141 23.54 -6.45 -13.07
N GLU A 142 24.63 -5.98 -12.51
CA GLU A 142 25.92 -6.36 -13.07
C GLU A 142 26.41 -7.63 -12.41
N ARG A 143 26.95 -8.57 -13.18
CA ARG A 143 27.62 -9.71 -12.64
C ARG A 143 29.02 -9.36 -12.25
N MET A 144 29.52 -9.94 -11.17
CA MET A 144 30.83 -9.63 -10.70
C MET A 144 31.81 -10.67 -11.17
N PRO A 145 33.06 -10.29 -11.32
CA PRO A 145 34.07 -11.29 -11.60
C PRO A 145 34.20 -12.30 -10.51
N ARG A 146 34.52 -13.51 -10.88
CA ARG A 146 34.76 -14.56 -9.94
C ARG A 146 35.73 -14.16 -8.78
N GLU A 147 36.71 -13.31 -9.05
CA GLU A 147 37.68 -12.87 -8.05
C GLU A 147 37.09 -11.93 -6.97
N GLU A 148 36.13 -11.11 -7.33
CA GLU A 148 35.46 -10.25 -6.34
C GLU A 148 34.61 -11.18 -5.40
N ALA A 149 34.00 -12.19 -5.97
CA ALA A 149 33.24 -13.17 -5.16
C ALA A 149 34.11 -13.84 -4.15
N THR A 150 35.27 -14.30 -4.56
CA THR A 150 36.25 -14.84 -3.59
C THR A 150 36.56 -13.84 -2.47
N GLU A 151 36.73 -12.55 -2.76
CA GLU A 151 37.11 -11.61 -1.65
C GLU A 151 35.94 -11.42 -0.70
N ILE A 152 34.73 -11.49 -1.23
CA ILE A 152 33.53 -11.28 -0.42
C ILE A 152 33.40 -12.42 0.54
N GLU A 153 33.61 -13.63 0.03
CA GLU A 153 33.51 -14.83 0.82
C GLU A 153 34.56 -14.86 1.89
N GLN A 154 35.78 -14.42 1.54
CA GLN A 154 36.91 -14.42 2.46
C GLN A 154 36.63 -13.43 3.60
N THR A 155 35.98 -12.34 3.27
CA THR A 155 35.56 -11.35 4.27
C THR A 155 34.64 -11.98 5.28
N VAL A 156 33.67 -12.74 4.76
CA VAL A 156 32.64 -13.32 5.63
C VAL A 156 33.31 -14.38 6.49
N GLN A 157 34.12 -15.22 5.87
CA GLN A 157 34.85 -16.26 6.58
C GLN A 157 35.80 -15.76 7.67
N LYS A 158 36.62 -14.81 7.30
CA LYS A 158 37.53 -14.17 8.28
C LYS A 158 36.75 -13.57 9.46
N ALA A 159 35.62 -12.93 9.19
CA ALA A 159 34.83 -12.37 10.28
C ALA A 159 34.22 -13.48 11.17
N ALA A 160 33.80 -14.60 10.55
CA ALA A 160 33.27 -15.74 11.29
C ALA A 160 34.37 -16.46 12.14
N GLN A 161 35.51 -16.71 11.56
CA GLN A 161 36.56 -17.40 12.28
C GLN A 161 37.22 -16.60 13.40
N ALA A 162 37.13 -15.28 13.35
CA ALA A 162 37.43 -14.45 14.49
C ALA A 162 36.60 -14.87 15.68
N PHE A 163 35.40 -15.43 15.51
CA PHE A 163 34.56 -15.83 16.65
C PHE A 163 34.78 -17.27 16.99
N ASN A 164 34.93 -18.10 15.96
CA ASN A 164 35.22 -19.48 16.16
C ASN A 164 36.00 -19.96 14.99
N SER A 165 37.24 -20.30 15.28
CA SER A 165 38.17 -20.77 14.26
C SER A 165 37.71 -22.10 13.63
N GLY A 166 36.87 -22.88 14.29
CA GLY A 166 36.44 -24.14 13.69
C GLY A 166 35.24 -24.01 12.72
N LEU A 167 34.73 -22.80 12.52
CA LEU A 167 33.58 -22.57 11.67
C LEU A 167 33.99 -22.82 10.24
N LEU A 168 33.19 -23.59 9.51
CA LEU A 168 33.37 -23.86 8.09
C LEU A 168 32.54 -22.88 7.24
N CYS A 169 33.17 -22.18 6.28
CA CYS A 169 32.52 -21.25 5.36
C CYS A 169 32.80 -21.63 3.93
N VAL A 170 31.76 -21.72 3.13
CA VAL A 170 32.00 -22.06 1.73
C VAL A 170 31.07 -21.32 0.84
N ALA A 171 31.64 -20.88 -0.24
CA ALA A 171 30.90 -20.14 -1.21
C ALA A 171 30.22 -21.13 -2.15
N CYS A 172 28.93 -20.95 -2.40
CA CYS A 172 28.22 -21.92 -3.16
C CYS A 172 27.78 -21.25 -4.43
N GLY A 173 26.58 -21.58 -4.91
CA GLY A 173 26.03 -20.98 -6.07
C GLY A 173 26.86 -21.23 -7.28
N SER A 174 26.77 -20.28 -8.20
CA SER A 174 27.56 -20.29 -9.41
C SER A 174 29.03 -20.36 -9.11
N TYR A 175 29.49 -19.89 -7.94
CA TYR A 175 30.94 -19.88 -7.68
C TYR A 175 31.42 -21.27 -7.61
N ARG A 176 30.68 -22.10 -6.88
CA ARG A 176 31.10 -23.46 -6.60
C ARG A 176 30.86 -24.25 -7.85
N ARG A 177 29.96 -23.78 -8.71
CA ARG A 177 29.79 -24.47 -9.97
C ARG A 177 30.83 -24.03 -11.00
N GLY A 178 31.80 -23.22 -10.61
CA GLY A 178 32.94 -22.91 -11.46
C GLY A 178 32.79 -21.73 -12.42
N LYS A 179 31.78 -20.90 -12.28
CA LYS A 179 31.58 -19.86 -13.29
C LYS A 179 32.61 -18.74 -13.18
N ALA A 180 32.72 -17.98 -14.24
CA ALA A 180 33.69 -16.88 -14.33
C ALA A 180 33.13 -15.62 -13.72
N THR A 181 31.82 -15.41 -13.82
CA THR A 181 31.17 -14.31 -13.13
C THR A 181 30.03 -14.80 -12.22
N CYS A 182 29.65 -13.99 -11.20
CA CYS A 182 28.59 -14.37 -10.21
C CYS A 182 27.63 -13.26 -10.09
N GLY A 183 26.33 -13.59 -10.14
CA GLY A 183 25.27 -12.62 -9.92
C GLY A 183 25.21 -12.17 -8.48
N ASP A 184 25.43 -13.11 -7.56
CA ASP A 184 25.51 -12.80 -6.14
C ASP A 184 26.22 -13.96 -5.44
N VAL A 185 26.77 -13.61 -4.29
CA VAL A 185 27.51 -14.55 -3.50
C VAL A 185 26.65 -15.25 -2.44
N ASP A 186 26.85 -16.53 -2.33
CA ASP A 186 26.09 -17.39 -1.48
C ASP A 186 27.07 -18.03 -0.51
N VAL A 187 26.97 -17.72 0.78
CA VAL A 187 27.92 -18.31 1.73
C VAL A 187 27.20 -19.20 2.73
N LEU A 188 27.68 -20.44 2.82
CA LEU A 188 27.13 -21.48 3.74
C LEU A 188 28.12 -21.63 4.92
N ILE A 189 27.60 -21.53 6.15
CA ILE A 189 28.40 -21.64 7.37
C ILE A 189 27.83 -22.77 8.20
N THR A 190 28.74 -23.59 8.74
CA THR A 190 28.38 -24.64 9.68
C THR A 190 29.57 -24.85 10.63
N HIS A 191 29.46 -25.81 11.55
CA HIS A 191 30.56 -26.20 12.47
C HIS A 191 30.47 -27.68 12.70
N PRO A 192 31.54 -28.44 12.40
CA PRO A 192 31.50 -29.90 12.51
C PRO A 192 31.22 -30.45 13.90
N ASP A 193 31.22 -29.63 14.94
CA ASP A 193 30.91 -30.15 16.28
C ASP A 193 29.42 -30.25 16.55
N GLY A 194 28.62 -29.86 15.56
CA GLY A 194 27.18 -30.02 15.63
C GLY A 194 26.44 -28.96 16.45
N ARG A 195 27.15 -27.99 17.00
CA ARG A 195 26.59 -27.12 18.00
C ARG A 195 26.93 -25.66 17.86
N SER A 196 28.19 -25.37 17.57
CA SER A 196 28.65 -23.99 17.68
C SER A 196 28.27 -23.14 16.48
N HIS A 197 27.45 -23.66 15.57
CA HIS A 197 26.78 -22.79 14.59
C HIS A 197 25.74 -21.85 15.24
N ARG A 198 25.30 -22.15 16.46
CA ARG A 198 24.25 -21.36 17.11
C ARG A 198 24.63 -19.99 17.59
N GLY A 199 23.77 -19.02 17.32
CA GLY A 199 24.01 -17.61 17.67
C GLY A 199 24.99 -16.84 16.81
N ILE A 200 25.43 -17.43 15.70
CA ILE A 200 26.44 -16.80 14.86
C ILE A 200 26.00 -15.53 14.23
N PHE A 201 24.73 -15.44 13.86
CA PHE A 201 24.37 -14.34 13.03
C PHE A 201 24.49 -13.09 13.82
N SER A 202 24.12 -13.12 15.08
CA SER A 202 24.23 -11.90 15.85
C SER A 202 25.61 -11.27 15.81
N ARG A 203 26.58 -12.13 16.00
CA ARG A 203 27.92 -11.68 16.13
C ARG A 203 28.45 -11.34 14.75
N LEU A 204 28.22 -12.23 13.78
CA LEU A 204 28.73 -12.07 12.44
C LEU A 204 28.20 -10.80 11.77
N LEU A 205 26.89 -10.58 11.79
CA LEU A 205 26.33 -9.37 11.21
C LEU A 205 26.84 -8.11 11.87
N ASP A 206 26.96 -8.15 13.19
CA ASP A 206 27.43 -6.94 13.90
C ASP A 206 28.86 -6.62 13.45
N SER A 207 29.67 -7.64 13.40
CA SER A 207 31.03 -7.50 12.95
C SER A 207 31.11 -6.97 11.49
N LEU A 208 30.27 -7.49 10.60
CA LEU A 208 30.32 -7.09 9.22
C LEU A 208 29.78 -5.68 9.06
N ARG A 209 28.84 -5.27 9.87
CA ARG A 209 28.44 -3.87 9.89
C ARG A 209 29.47 -2.94 10.46
N GLN A 210 30.25 -3.41 11.41
CA GLN A 210 31.17 -2.52 12.12
C GLN A 210 32.12 -1.87 11.18
N GLU A 211 32.72 -2.64 10.27
CA GLU A 211 33.69 -2.05 9.35
C GLU A 211 33.08 -1.68 7.99
N GLY A 212 31.75 -1.70 7.90
CA GLY A 212 31.06 -1.01 6.81
C GLY A 212 30.80 -1.89 5.60
N PHE A 213 31.12 -3.18 5.74
CA PHE A 213 30.96 -4.14 4.64
C PHE A 213 29.47 -4.40 4.27
N LEU A 214 28.60 -4.60 5.24
CA LEU A 214 27.17 -4.70 4.94
C LEU A 214 26.60 -3.29 4.93
N THR A 215 25.91 -2.96 3.86
CA THR A 215 25.37 -1.62 3.68
C THR A 215 23.85 -1.60 3.73
N ASP A 216 23.18 -2.74 3.60
CA ASP A 216 21.72 -2.77 3.65
C ASP A 216 21.31 -4.21 3.87
N ASP A 217 20.15 -4.38 4.49
CA ASP A 217 19.64 -5.71 4.75
C ASP A 217 18.32 -5.86 4.01
N LEU A 218 18.12 -6.98 3.36
CA LEU A 218 16.87 -7.20 2.65
C LEU A 218 15.95 -8.16 3.41
N VAL A 219 16.44 -9.35 3.66
CA VAL A 219 15.80 -10.28 4.61
C VAL A 219 16.74 -10.79 5.72
N SER A 220 16.37 -10.46 6.93
CA SER A 220 17.21 -10.76 8.09
C SER A 220 16.39 -10.59 9.31
N GLN A 221 15.88 -11.74 9.80
CA GLN A 221 14.97 -11.69 10.92
C GLN A 221 15.75 -11.78 12.25
N GLU A 222 16.27 -10.66 12.70
CA GLU A 222 17.28 -10.64 13.77
C GLU A 222 16.64 -10.71 15.14
N GLU A 223 15.32 -10.68 15.16
CA GLU A 223 14.56 -10.96 16.35
C GLU A 223 14.71 -12.40 16.71
N ASN A 224 15.02 -13.24 15.73
CA ASN A 224 15.05 -14.73 15.92
C ASN A 224 16.48 -15.20 16.18
N GLY A 225 16.75 -15.61 17.40
CA GLY A 225 18.02 -16.25 17.75
C GLY A 225 18.31 -17.53 16.91
N GLN A 226 17.31 -18.15 16.33
CA GLN A 226 17.54 -19.30 15.45
C GLN A 226 17.46 -18.91 13.98
N GLN A 227 17.64 -17.61 13.68
CA GLN A 227 17.68 -17.14 12.31
C GLN A 227 18.59 -18.11 11.48
N GLN A 228 18.12 -18.48 10.33
CA GLN A 228 18.88 -19.32 9.43
C GLN A 228 19.37 -18.60 8.18
N LYS A 229 18.77 -17.51 7.78
CA LYS A 229 19.25 -16.84 6.62
C LYS A 229 19.33 -15.34 6.73
N TYR A 230 20.30 -14.83 5.98
CA TYR A 230 20.55 -13.43 5.78
C TYR A 230 20.68 -13.14 4.24
N LEU A 231 19.83 -12.27 3.76
CA LEU A 231 19.90 -11.73 2.43
C LEU A 231 20.10 -10.25 2.59
N GLY A 232 21.18 -9.77 2.03
CA GLY A 232 21.54 -8.39 2.10
C GLY A 232 22.54 -7.92 1.04
N VAL A 233 23.22 -6.85 1.40
CA VAL A 233 24.01 -6.09 0.43
C VAL A 233 25.33 -5.77 1.06
N CYS A 234 26.39 -6.08 0.34
CA CYS A 234 27.71 -5.81 0.83
C CYS A 234 28.50 -4.94 -0.24
N ARG A 235 29.66 -4.49 0.16
CA ARG A 235 30.54 -3.62 -0.69
C ARG A 235 31.93 -3.75 -0.13
N LEU A 236 32.81 -4.27 -0.96
CA LEU A 236 34.19 -4.43 -0.58
C LEU A 236 34.79 -3.06 -0.38
N PRO A 237 35.90 -2.99 0.35
CA PRO A 237 36.39 -1.63 0.66
C PRO A 237 37.29 -1.15 -0.45
N GLY A 238 37.64 0.11 -0.44
CA GLY A 238 38.51 0.63 -1.51
C GLY A 238 37.71 1.35 -2.58
N PRO A 239 38.37 2.18 -3.37
CA PRO A 239 37.64 3.16 -4.19
C PRO A 239 36.84 2.56 -5.30
N GLY A 240 35.60 3.00 -5.48
CA GLY A 240 34.78 2.66 -6.61
C GLY A 240 34.09 1.29 -6.62
N ARG A 241 34.20 0.54 -5.55
CA ARG A 241 33.59 -0.79 -5.51
C ARG A 241 32.07 -0.70 -5.67
N ARG A 242 31.51 -1.75 -6.27
CA ARG A 242 30.08 -1.87 -6.41
C ARG A 242 29.43 -2.51 -5.16
N HIS A 243 28.16 -2.21 -4.95
CA HIS A 243 27.32 -2.95 -4.03
C HIS A 243 26.96 -4.31 -4.66
N ARG A 244 27.15 -5.39 -3.90
CA ARG A 244 26.79 -6.74 -4.31
C ARG A 244 25.76 -7.40 -3.37
N ARG A 245 24.90 -8.21 -3.95
CA ARG A 245 24.07 -9.16 -3.18
C ARG A 245 24.87 -10.30 -2.51
N LEU A 246 24.63 -10.43 -1.21
CA LEU A 246 25.21 -11.47 -0.36
C LEU A 246 24.06 -12.18 0.34
N ASP A 247 24.10 -13.50 0.31
CA ASP A 247 23.23 -14.44 0.95
C ASP A 247 24.13 -15.31 1.88
N ILE A 248 23.77 -15.41 3.15
CA ILE A 248 24.47 -16.22 4.14
C ILE A 248 23.42 -17.15 4.80
N ILE A 249 23.70 -18.45 4.86
CA ILE A 249 22.90 -19.42 5.61
C ILE A 249 23.80 -20.07 6.60
N VAL A 250 23.26 -20.30 7.79
CA VAL A 250 23.98 -20.95 8.87
C VAL A 250 23.21 -22.21 9.16
N VAL A 251 23.85 -23.35 9.10
CA VAL A 251 23.13 -24.60 9.28
C VAL A 251 23.86 -25.55 10.21
N PRO A 252 23.11 -26.44 10.90
CA PRO A 252 23.75 -27.44 11.73
C PRO A 252 24.50 -28.41 10.85
N TYR A 253 25.53 -29.05 11.41
CA TYR A 253 26.39 -29.89 10.61
C TYR A 253 25.65 -31.09 10.05
N SER A 254 24.66 -31.63 10.75
CA SER A 254 23.99 -32.79 10.18
C SER A 254 23.18 -32.46 8.92
N GLU A 255 22.98 -31.16 8.66
CA GLU A 255 22.26 -30.73 7.49
C GLU A 255 23.21 -30.31 6.39
N PHE A 256 24.52 -30.40 6.63
CA PHE A 256 25.50 -29.86 5.74
C PHE A 256 25.37 -30.36 4.33
N ALA A 257 25.21 -31.65 4.08
CA ALA A 257 25.24 -32.13 2.70
C ALA A 257 24.01 -31.63 1.95
N CYS A 258 22.83 -31.66 2.56
CA CYS A 258 21.65 -31.16 1.88
C CYS A 258 21.68 -29.63 1.66
N ALA A 259 22.28 -28.91 2.60
CA ALA A 259 22.36 -27.45 2.50
C ALA A 259 23.32 -27.08 1.41
N LEU A 260 24.42 -27.84 1.33
CA LEU A 260 25.43 -27.65 0.30
C LEU A 260 24.86 -27.90 -1.06
N LEU A 261 24.09 -28.97 -1.16
CA LEU A 261 23.49 -29.32 -2.44
C LEU A 261 22.52 -28.22 -2.86
N TYR A 262 21.69 -27.79 -1.93
CA TYR A 262 20.67 -26.83 -2.21
C TYR A 262 21.36 -25.54 -2.68
N PHE A 263 22.32 -25.09 -1.91
CA PHE A 263 22.94 -23.77 -2.10
C PHE A 263 23.88 -23.74 -3.31
N THR A 264 24.34 -24.90 -3.72
CA THR A 264 25.18 -24.96 -4.90
C THR A 264 24.25 -24.81 -6.11
N GLY A 265 23.01 -25.30 -6.02
CA GLY A 265 22.05 -25.33 -7.14
C GLY A 265 22.60 -26.09 -8.32
N SER A 266 22.24 -25.75 -9.58
CA SER A 266 21.40 -24.63 -9.97
C SER A 266 19.99 -24.81 -9.43
N ALA A 267 19.19 -23.76 -9.55
CA ALA A 267 17.74 -23.85 -9.26
C ALA A 267 17.06 -25.02 -10.02
N HIS A 268 17.24 -25.07 -11.34
CA HIS A 268 16.66 -26.12 -12.13
C HIS A 268 17.11 -27.48 -11.73
N PHE A 269 18.36 -27.60 -11.37
CA PHE A 269 18.93 -28.85 -10.91
C PHE A 269 18.25 -29.28 -9.64
N ASN A 270 18.11 -28.35 -8.71
CA ASN A 270 17.47 -28.64 -7.43
C ASN A 270 15.98 -29.07 -7.64
N ARG A 271 15.26 -28.35 -8.49
CA ARG A 271 13.87 -28.75 -8.82
C ARG A 271 13.76 -30.16 -9.32
N SER A 272 14.59 -30.50 -10.31
CA SER A 272 14.57 -31.87 -10.82
C SER A 272 14.95 -32.90 -9.76
N MET A 273 15.96 -32.61 -8.93
CA MET A 273 16.30 -33.54 -7.85
C MET A 273 15.13 -33.82 -6.93
N ARG A 274 14.40 -32.75 -6.60
CA ARG A 274 13.29 -32.82 -5.67
C ARG A 274 12.12 -33.50 -6.36
N ALA A 275 11.85 -33.18 -7.59
CA ALA A 275 10.84 -33.94 -8.36
C ALA A 275 11.22 -35.41 -8.37
N LEU A 276 12.49 -35.74 -8.56
CA LEU A 276 12.88 -37.17 -8.54
C LEU A 276 12.61 -37.85 -7.22
N ALA A 277 13.00 -37.21 -6.15
CA ALA A 277 12.80 -37.72 -4.82
C ALA A 277 11.35 -38.01 -4.56
N LYS A 278 10.46 -37.09 -4.92
CA LYS A 278 9.02 -37.28 -4.70
C LYS A 278 8.51 -38.53 -5.48
N THR A 279 8.99 -38.76 -6.70
CA THR A 279 8.59 -39.94 -7.47
C THR A 279 8.96 -41.19 -6.73
N LYS A 280 9.94 -41.12 -5.82
CA LYS A 280 10.32 -42.29 -5.03
C LYS A 280 9.86 -42.36 -3.58
N GLY A 281 8.70 -41.81 -3.25
CA GLY A 281 8.25 -41.62 -1.87
C GLY A 281 9.30 -41.05 -0.91
N MET A 282 10.13 -40.14 -1.41
CA MET A 282 10.95 -39.33 -0.54
C MET A 282 10.63 -37.83 -0.67
N SER A 283 11.29 -37.01 0.15
CA SER A 283 11.16 -35.53 0.06
C SER A 283 12.55 -34.96 0.27
N LEU A 284 13.02 -34.12 -0.67
CA LEU A 284 14.36 -33.52 -0.59
C LEU A 284 14.23 -32.03 -0.31
N SER A 285 14.84 -31.58 0.78
CA SER A 285 14.86 -30.15 1.06
C SER A 285 16.25 -29.70 1.38
N GLU A 286 16.37 -28.42 1.69
CA GLU A 286 17.64 -27.82 2.13
C GLU A 286 18.04 -28.41 3.46
N HIS A 287 17.08 -28.92 4.24
CA HIS A 287 17.36 -29.53 5.56
C HIS A 287 17.68 -31.01 5.50
N ALA A 288 16.98 -31.76 4.67
CA ALA A 288 17.15 -33.19 4.66
C ALA A 288 16.53 -33.89 3.50
N LEU A 289 16.96 -35.14 3.39
CA LEU A 289 16.30 -36.11 2.55
C LEU A 289 15.53 -37.03 3.47
N SER A 290 14.27 -37.27 3.13
CA SER A 290 13.31 -37.92 3.98
C SER A 290 12.56 -38.97 3.22
N THR A 291 12.31 -40.11 3.90
CA THR A 291 11.59 -41.33 3.35
C THR A 291 10.22 -41.53 3.99
N ALA A 292 9.39 -42.33 3.31
CA ALA A 292 8.00 -42.59 3.74
C ALA A 292 7.22 -41.29 4.02
N VAL A 293 6.80 -40.64 2.94
CA VAL A 293 5.94 -39.48 3.03
C VAL A 293 4.48 -39.95 2.82
N VAL A 294 3.51 -39.16 3.29
CA VAL A 294 2.05 -39.41 3.11
C VAL A 294 1.68 -40.90 3.15
N LYS A 301 -4.03 -33.82 3.98
CA LYS A 301 -3.03 -34.07 5.01
C LYS A 301 -1.92 -35.02 4.54
N VAL A 302 -0.69 -34.76 4.98
CA VAL A 302 0.44 -35.65 4.71
C VAL A 302 1.15 -35.94 6.04
N GLY A 303 1.98 -36.99 6.08
CA GLY A 303 2.83 -37.32 7.25
C GLY A 303 4.33 -37.03 7.01
N PRO A 304 5.06 -36.52 8.04
CA PRO A 304 6.44 -35.99 7.87
C PRO A 304 7.53 -36.98 7.42
N GLY A 305 7.37 -38.26 7.68
CA GLY A 305 8.36 -39.26 7.22
C GLY A 305 9.65 -39.08 7.98
N ARG A 306 10.64 -39.93 7.77
CA ARG A 306 11.87 -39.84 8.57
C ARG A 306 13.13 -39.38 7.79
N VAL A 307 13.99 -38.65 8.48
CA VAL A 307 15.24 -38.19 7.90
C VAL A 307 16.27 -39.32 7.57
N LEU A 308 16.65 -39.50 6.30
CA LEU A 308 17.80 -40.37 6.02
C LEU A 308 19.10 -39.58 6.31
N PRO A 309 20.03 -40.15 7.10
CA PRO A 309 21.28 -39.42 7.33
C PRO A 309 22.11 -39.39 6.07
N THR A 310 22.75 -38.25 5.81
CA THR A 310 23.41 -38.03 4.53
C THR A 310 24.62 -37.24 4.88
N PRO A 311 25.73 -37.92 5.26
CA PRO A 311 26.86 -37.12 5.72
C PRO A 311 27.52 -36.35 4.59
N THR A 312 27.31 -36.76 3.33
CA THR A 312 27.92 -36.05 2.18
C THR A 312 26.97 -35.99 1.02
N GLU A 313 27.26 -35.10 0.07
CA GLU A 313 26.37 -34.92 -1.10
C GLU A 313 26.23 -36.23 -1.83
N LYS A 314 27.31 -37.01 -1.91
CA LYS A 314 27.28 -38.40 -2.53
C LYS A 314 26.21 -39.34 -1.97
N ASP A 315 26.04 -39.33 -0.67
CA ASP A 315 24.91 -40.03 -0.05
C ASP A 315 23.54 -39.64 -0.60
N VAL A 316 23.29 -38.36 -0.84
CA VAL A 316 22.00 -37.96 -1.42
C VAL A 316 21.79 -38.47 -2.86
N PHE A 317 22.80 -38.34 -3.66
CA PHE A 317 22.79 -38.87 -5.04
C PHE A 317 22.56 -40.42 -4.99
N ARG A 318 23.33 -41.11 -4.14
CA ARG A 318 23.29 -42.57 -4.03
C ARG A 318 21.88 -42.95 -3.64
N LEU A 319 21.35 -42.34 -2.60
CA LEU A 319 19.97 -42.63 -2.16
C LEU A 319 18.94 -42.26 -3.19
N LEU A 320 19.28 -41.41 -4.14
CA LEU A 320 18.32 -41.13 -5.20
C LEU A 320 18.55 -41.97 -6.40
N GLY A 321 19.56 -42.86 -6.33
CA GLY A 321 19.95 -43.73 -7.45
C GLY A 321 20.67 -43.06 -8.57
N LEU A 322 21.29 -41.93 -8.28
CA LEU A 322 22.04 -41.23 -9.27
C LEU A 322 23.52 -41.36 -8.96
N PRO A 323 24.35 -41.22 -9.98
CA PRO A 323 25.79 -41.00 -9.74
C PRO A 323 26.08 -39.56 -9.26
N TYR A 324 27.09 -39.35 -8.42
CA TYR A 324 27.56 -38.04 -8.04
C TYR A 324 27.76 -37.19 -9.26
N ARG A 325 27.29 -35.95 -9.16
CA ARG A 325 27.41 -34.96 -10.16
C ARG A 325 28.30 -33.89 -9.57
N GLU A 326 29.36 -33.61 -10.29
CA GLU A 326 30.31 -32.56 -9.95
C GLU A 326 29.60 -31.24 -9.97
N PRO A 327 29.98 -30.33 -9.06
CA PRO A 327 29.29 -29.03 -9.07
C PRO A 327 29.29 -28.29 -10.42
N ALA A 328 30.37 -28.38 -11.21
CA ALA A 328 30.35 -27.73 -12.56
C ALA A 328 29.36 -28.33 -13.53
N GLU A 329 28.91 -29.56 -13.28
CA GLU A 329 27.94 -30.17 -14.15
C GLU A 329 26.51 -30.13 -13.64
N ARG A 330 26.23 -29.23 -12.72
CA ARG A 330 24.91 -29.15 -12.12
C ARG A 330 24.07 -28.00 -12.64
N ASP A 331 24.26 -27.67 -13.90
CA ASP A 331 23.41 -26.69 -14.50
C ASP A 331 21.99 -27.23 -14.68
N TRP A 332 21.89 -28.47 -15.16
CA TRP A 332 20.63 -29.12 -15.39
C TRP A 332 20.79 -30.60 -15.00
N LEU A 333 19.75 -31.22 -14.45
CA LEU A 333 19.87 -32.67 -14.12
C LEU A 333 19.83 -33.52 -15.41
N GLU A 334 18.91 -33.20 -16.31
CA GLU A 334 18.71 -34.01 -17.50
C GLU A 334 19.83 -33.81 -18.59
N HIS A 335 20.76 -32.91 -18.33
CA HIS A 335 22.01 -32.79 -19.08
C HIS A 335 23.12 -33.76 -18.60
N HIS A 336 23.45 -34.76 -19.42
CA HIS A 336 24.40 -35.83 -19.03
C HIS A 336 25.77 -35.67 -19.74
N HIS A 337 26.52 -36.78 -19.79
CA HIS A 337 27.79 -36.95 -20.56
C HIS A 337 28.97 -36.15 -19.99
N HIS A 338 29.99 -36.85 -19.52
CA HIS A 338 31.26 -36.25 -19.07
C HIS A 338 31.61 -34.98 -19.88
N ALA E 6 -3.78 5.95 -46.94
CA ALA E 6 -5.23 6.25 -47.21
C ALA E 6 -5.48 7.58 -47.92
N THR E 7 -6.16 7.51 -49.06
CA THR E 7 -6.56 8.69 -49.82
C THR E 7 -8.07 8.64 -50.07
N ASN E 8 -8.61 9.73 -50.62
CA ASN E 8 -10.02 9.93 -50.83
C ASN E 8 -10.41 9.53 -52.24
N HIS E 9 -11.10 8.42 -52.40
CA HIS E 9 -11.52 7.93 -53.72
C HIS E 9 -12.83 8.50 -54.21
N ASN E 10 -13.45 9.29 -53.35
CA ASN E 10 -14.79 9.91 -53.58
C ASN E 10 -14.90 11.43 -53.48
N LEU E 11 -13.79 12.08 -53.80
CA LEU E 11 -13.69 13.54 -53.78
C LEU E 11 -14.77 14.28 -54.61
N HIS E 12 -15.09 13.72 -55.74
CA HIS E 12 -16.14 14.27 -56.57
C HIS E 12 -17.53 14.26 -55.92
N ILE E 13 -17.72 13.38 -54.93
CA ILE E 13 -18.92 13.40 -54.13
C ILE E 13 -18.74 14.33 -52.98
N THR E 14 -17.64 14.13 -52.27
CA THR E 14 -17.44 14.86 -51.03
C THR E 14 -17.33 16.35 -51.20
N GLU E 15 -16.74 16.82 -52.29
CA GLU E 15 -16.68 18.27 -52.50
C GLU E 15 -18.06 18.90 -52.66
N LYS E 16 -19.01 18.17 -53.24
CA LYS E 16 -20.38 18.69 -53.40
C LYS E 16 -21.13 18.63 -52.13
N LEU E 17 -21.01 17.49 -51.45
CA LEU E 17 -21.66 17.39 -50.16
C LEU E 17 -21.16 18.49 -49.22
N GLU E 18 -19.88 18.86 -49.25
CA GLU E 18 -19.31 19.85 -48.32
C GLU E 18 -19.94 21.22 -48.50
N VAL E 19 -20.29 21.58 -49.71
CA VAL E 19 -21.00 22.83 -49.95
C VAL E 19 -22.33 22.86 -49.21
N LEU E 20 -23.03 21.76 -49.26
CA LEU E 20 -24.35 21.68 -48.67
C LEU E 20 -24.21 21.66 -47.15
N ALA E 21 -23.23 20.96 -46.62
CA ALA E 21 -22.97 20.90 -45.20
C ALA E 21 -22.71 22.29 -44.64
N LYS E 22 -21.89 23.03 -45.37
CA LYS E 22 -21.54 24.39 -44.99
C LYS E 22 -22.76 25.30 -45.05
N ALA E 23 -23.63 25.11 -46.03
CA ALA E 23 -24.82 25.95 -46.09
C ALA E 23 -25.72 25.71 -44.87
N TYR E 24 -25.91 24.45 -44.46
CA TYR E 24 -26.74 24.19 -43.29
C TYR E 24 -26.07 24.73 -42.01
N SER E 25 -24.77 24.56 -41.90
CA SER E 25 -24.04 24.98 -40.76
C SER E 25 -24.16 26.54 -40.52
N VAL E 26 -23.93 27.35 -41.54
CA VAL E 26 -24.07 28.82 -41.40
C VAL E 26 -25.51 29.27 -41.17
N GLN E 27 -26.50 28.47 -41.56
CA GLN E 27 -27.91 28.77 -41.21
C GLN E 27 -28.31 28.31 -39.80
N GLY E 28 -27.35 27.84 -39.02
CA GLY E 28 -27.61 27.38 -37.68
C GLY E 28 -28.19 25.97 -37.60
N ASP E 29 -28.28 25.25 -38.70
CA ASP E 29 -28.93 23.92 -38.66
C ASP E 29 -27.87 22.90 -38.36
N LYS E 30 -27.45 22.91 -37.09
CA LYS E 30 -26.18 22.24 -36.77
C LYS E 30 -26.27 20.74 -36.82
N TRP E 31 -27.41 20.13 -36.54
CA TRP E 31 -27.37 18.65 -36.38
C TRP E 31 -27.40 18.07 -37.74
N ARG E 32 -28.13 18.68 -38.64
CA ARG E 32 -28.08 18.28 -40.02
C ARG E 32 -26.64 18.41 -40.57
N ALA E 33 -25.94 19.51 -40.28
CA ALA E 33 -24.54 19.72 -40.76
C ALA E 33 -23.66 18.64 -40.24
N LEU E 34 -23.85 18.32 -38.96
CA LEU E 34 -23.11 17.25 -38.34
C LEU E 34 -23.39 15.88 -39.03
N GLY E 35 -24.64 15.64 -39.44
CA GLY E 35 -24.93 14.45 -40.26
C GLY E 35 -24.22 14.45 -41.58
N TYR E 36 -24.23 15.58 -42.28
CA TYR E 36 -23.41 15.69 -43.48
C TYR E 36 -21.92 15.44 -43.19
N ALA E 37 -21.40 16.05 -42.13
CA ALA E 37 -19.97 15.98 -41.88
C ALA E 37 -19.58 14.55 -41.65
N LYS E 38 -20.39 13.82 -40.89
CA LYS E 38 -20.08 12.41 -40.71
C LYS E 38 -20.25 11.56 -41.94
N ALA E 39 -21.22 11.87 -42.78
CA ALA E 39 -21.32 11.16 -44.08
C ALA E 39 -20.09 11.43 -44.96
N ILE E 40 -19.66 12.70 -45.00
CA ILE E 40 -18.47 13.07 -45.78
C ILE E 40 -17.26 12.28 -45.29
N ASN E 41 -17.06 12.25 -44.01
CA ASN E 41 -15.94 11.46 -43.48
C ASN E 41 -16.05 10.02 -43.75
N ALA E 42 -17.24 9.45 -43.73
CA ALA E 42 -17.30 8.04 -44.10
C ALA E 42 -16.94 7.86 -45.57
N LEU E 43 -17.33 8.79 -46.43
CA LEU E 43 -16.99 8.66 -47.83
C LEU E 43 -15.46 8.84 -48.07
N LYS E 44 -14.82 9.79 -47.35
CA LYS E 44 -13.36 9.96 -47.43
C LYS E 44 -12.64 8.72 -46.98
N SER E 45 -13.19 7.99 -46.02
CA SER E 45 -12.48 6.87 -45.49
C SER E 45 -12.79 5.59 -46.21
N PHE E 46 -13.71 5.62 -47.16
CA PHE E 46 -14.07 4.39 -47.80
C PHE E 46 -12.93 3.93 -48.69
N HIS E 47 -12.79 2.62 -48.86
CA HIS E 47 -11.63 2.02 -49.57
C HIS E 47 -11.67 2.13 -51.11
N LYS E 48 -12.78 2.52 -51.72
CA LYS E 48 -12.83 2.61 -53.15
C LYS E 48 -13.85 3.70 -53.53
N PRO E 49 -13.92 4.09 -54.84
CA PRO E 49 -14.99 4.95 -55.26
C PRO E 49 -16.37 4.26 -55.09
N VAL E 50 -17.37 4.97 -54.61
CA VAL E 50 -18.71 4.40 -54.47
C VAL E 50 -19.35 4.41 -55.86
N THR E 51 -19.98 3.32 -56.27
CA THR E 51 -20.50 3.28 -57.60
C THR E 51 -21.95 2.83 -57.66
N SER E 52 -22.64 2.67 -56.53
CA SER E 52 -24.07 2.28 -56.52
C SER E 52 -24.78 2.70 -55.27
N TYR E 53 -26.10 2.75 -55.35
CA TYR E 53 -26.91 3.12 -54.23
C TYR E 53 -26.74 2.14 -53.10
N GLN E 54 -26.78 0.88 -53.46
CA GLN E 54 -26.73 -0.14 -52.47
C GLN E 54 -25.36 -0.07 -51.80
N GLU E 55 -24.29 0.13 -52.57
CA GLU E 55 -22.97 0.25 -51.96
C GLU E 55 -22.92 1.44 -50.98
N ALA E 56 -23.47 2.56 -51.38
CA ALA E 56 -23.52 3.71 -50.44
C ALA E 56 -24.17 3.38 -49.08
N CYS E 57 -25.36 2.78 -49.16
CA CYS E 57 -26.16 2.38 -48.00
C CYS E 57 -25.40 1.43 -47.13
N SER E 58 -24.46 0.67 -47.69
CA SER E 58 -23.69 -0.25 -46.89
C SER E 58 -22.74 0.47 -45.93
N ILE E 59 -22.53 1.77 -46.12
CA ILE E 59 -21.44 2.48 -45.40
C ILE E 59 -22.04 3.13 -44.15
N PRO E 60 -21.53 2.77 -42.96
CA PRO E 60 -22.01 3.37 -41.72
C PRO E 60 -21.88 4.89 -41.81
N GLY E 61 -22.95 5.62 -41.53
CA GLY E 61 -22.97 7.07 -41.70
C GLY E 61 -23.72 7.56 -42.94
N ILE E 62 -24.08 6.63 -43.81
CA ILE E 62 -24.88 6.97 -44.95
C ILE E 62 -26.21 6.20 -44.92
N GLY E 63 -27.28 6.94 -45.03
CA GLY E 63 -28.60 6.39 -45.07
C GLY E 63 -29.18 6.66 -46.42
N LYS E 64 -30.45 6.31 -46.51
CA LYS E 64 -31.26 6.47 -47.70
C LYS E 64 -31.13 7.84 -48.36
N ARG E 65 -31.22 8.89 -47.58
CA ARG E 65 -31.24 10.25 -48.12
C ARG E 65 -29.88 10.69 -48.66
N MET E 66 -28.82 10.38 -47.94
CA MET E 66 -27.45 10.69 -48.45
C MET E 66 -27.15 9.80 -49.70
N ALA E 67 -27.64 8.55 -49.67
CA ALA E 67 -27.43 7.63 -50.81
C ALA E 67 -28.08 8.16 -52.03
N GLU E 68 -29.26 8.75 -51.88
CA GLU E 68 -29.96 9.35 -53.00
C GLU E 68 -29.10 10.47 -53.58
N LYS E 69 -28.46 11.25 -52.71
CA LYS E 69 -27.69 12.40 -53.23
C LYS E 69 -26.48 11.90 -53.95
N ILE E 70 -25.87 10.87 -53.42
CA ILE E 70 -24.67 10.25 -54.02
C ILE E 70 -25.00 9.66 -55.38
N ILE E 71 -26.08 8.87 -55.46
CA ILE E 71 -26.50 8.25 -56.75
C ILE E 71 -26.84 9.37 -57.77
N GLU E 72 -27.47 10.46 -57.35
CA GLU E 72 -27.66 11.56 -58.29
C GLU E 72 -26.36 12.14 -58.82
N ILE E 73 -25.41 12.35 -57.93
CA ILE E 73 -24.12 12.86 -58.36
C ILE E 73 -23.43 11.88 -59.34
N LEU E 74 -23.42 10.60 -59.00
CA LEU E 74 -22.87 9.57 -59.87
C LEU E 74 -23.48 9.54 -61.25
N GLU E 75 -24.80 9.53 -61.33
CA GLU E 75 -25.51 9.48 -62.62
C GLU E 75 -25.43 10.77 -63.40
N SER E 76 -25.40 11.91 -62.73
CA SER E 76 -25.54 13.16 -63.48
C SER E 76 -24.27 14.01 -63.47
N GLY E 77 -23.40 13.82 -62.49
CA GLY E 77 -22.26 14.71 -62.35
C GLY E 77 -22.63 15.97 -61.62
N HIS E 78 -23.83 16.03 -61.06
CA HIS E 78 -24.30 17.22 -60.42
C HIS E 78 -25.22 16.90 -59.21
N LEU E 79 -25.42 17.88 -58.34
CA LEU E 79 -26.46 17.82 -57.31
C LEU E 79 -27.38 19.04 -57.43
N ARG E 80 -28.58 18.85 -58.00
CA ARG E 80 -29.54 19.95 -58.29
C ARG E 80 -29.71 20.87 -57.09
N LYS E 81 -29.86 20.25 -55.91
CA LYS E 81 -30.03 20.94 -54.64
C LYS E 81 -29.03 22.09 -54.42
N LEU E 82 -27.78 21.94 -54.86
CA LEU E 82 -26.79 23.04 -54.80
C LEU E 82 -27.28 24.30 -55.49
N ASP E 83 -28.19 24.15 -56.43
CA ASP E 83 -28.75 25.29 -57.13
C ASP E 83 -29.83 25.98 -56.37
N HIS E 84 -30.32 25.37 -55.34
CA HIS E 84 -31.44 25.94 -54.60
C HIS E 84 -31.03 26.42 -53.21
N ILE E 85 -29.73 26.59 -52.98
CA ILE E 85 -29.24 27.16 -51.73
C ILE E 85 -29.73 28.62 -51.56
N SER E 86 -30.30 28.92 -50.41
CA SER E 86 -30.71 30.27 -50.08
C SER E 86 -29.61 31.28 -50.43
N GLU E 87 -30.05 32.44 -50.92
CA GLU E 87 -29.19 33.51 -51.41
C GLU E 87 -28.44 34.18 -50.26
N SER E 88 -28.92 33.98 -49.02
CA SER E 88 -28.26 34.52 -47.87
C SER E 88 -26.93 33.82 -47.57
N VAL E 89 -26.78 32.59 -48.04
CA VAL E 89 -25.74 31.72 -47.51
C VAL E 89 -24.39 32.37 -47.66
N PRO E 90 -24.05 32.87 -48.85
CA PRO E 90 -22.68 33.40 -49.05
C PRO E 90 -22.34 34.57 -48.09
N VAL E 91 -23.34 35.37 -47.79
CA VAL E 91 -23.17 36.46 -46.88
C VAL E 91 -23.02 35.92 -45.47
N LEU E 92 -23.80 34.91 -45.12
CA LEU E 92 -23.65 34.35 -43.80
C LEU E 92 -22.28 33.71 -43.60
N GLU E 93 -21.73 33.16 -44.66
CA GLU E 93 -20.42 32.59 -44.63
C GLU E 93 -19.37 33.69 -44.47
N LEU E 94 -19.46 34.68 -45.33
CA LEU E 94 -18.63 35.89 -45.20
C LEU E 94 -18.54 36.35 -43.75
N PHE E 95 -19.68 36.66 -43.16
CA PHE E 95 -19.71 37.14 -41.78
C PHE E 95 -19.13 36.17 -40.75
N SER E 96 -19.45 34.88 -40.82
CA SER E 96 -18.94 33.93 -39.83
C SER E 96 -17.48 33.56 -40.09
N ASN E 97 -16.94 33.94 -41.23
CA ASN E 97 -15.51 33.92 -41.36
C ASN E 97 -14.72 34.93 -40.56
N ILE E 98 -15.42 35.83 -39.87
CA ILE E 98 -14.79 36.72 -38.93
C ILE E 98 -14.59 35.94 -37.65
N TRP E 99 -13.33 35.93 -37.18
CA TRP E 99 -13.06 35.15 -35.98
C TRP E 99 -13.82 35.83 -34.86
N GLY E 100 -14.58 35.07 -34.09
CA GLY E 100 -15.38 35.62 -32.98
C GLY E 100 -16.87 35.85 -33.34
N ALA E 101 -17.21 35.79 -34.63
CA ALA E 101 -18.63 35.87 -35.05
C ALA E 101 -19.06 34.51 -35.54
N GLY E 102 -20.18 34.04 -35.05
CA GLY E 102 -20.65 32.71 -35.46
C GLY E 102 -21.98 32.88 -36.15
N THR E 103 -22.74 31.80 -36.18
CA THR E 103 -23.96 31.77 -36.92
C THR E 103 -24.95 32.79 -36.35
N LYS E 104 -25.02 32.96 -35.05
CA LYS E 104 -26.06 33.91 -34.58
C LYS E 104 -25.75 35.38 -34.89
N THR E 105 -24.50 35.76 -34.62
CA THR E 105 -24.06 37.09 -34.93
C THR E 105 -24.28 37.32 -36.37
N ALA E 106 -23.82 36.41 -37.18
CA ALA E 106 -24.00 36.63 -38.63
C ALA E 106 -25.47 36.78 -39.09
N GLN E 107 -26.35 35.99 -38.52
CA GLN E 107 -27.79 36.12 -38.82
C GLN E 107 -28.30 37.47 -38.35
N MET E 108 -27.99 37.80 -37.10
CA MET E 108 -28.35 39.14 -36.56
C MET E 108 -27.92 40.20 -37.54
N TRP E 109 -26.64 40.23 -37.93
CA TRP E 109 -26.18 41.20 -38.89
C TRP E 109 -26.94 41.16 -40.17
N TYR E 110 -27.26 39.97 -40.64
CA TYR E 110 -27.87 39.87 -41.96
C TYR E 110 -29.26 40.49 -41.90
N GLN E 111 -29.91 40.27 -40.76
CA GLN E 111 -31.25 40.80 -40.55
C GLN E 111 -31.33 42.33 -40.46
N GLN E 112 -30.26 42.98 -40.01
CA GLN E 112 -30.17 44.44 -40.09
C GLN E 112 -29.86 44.93 -41.50
N GLY E 113 -29.74 44.03 -42.46
CA GLY E 113 -29.54 44.46 -43.85
C GLY E 113 -28.09 44.55 -44.22
N PHE E 114 -27.20 44.13 -43.33
CA PHE E 114 -25.79 44.10 -43.72
C PHE E 114 -25.48 43.02 -44.77
N ARG E 115 -24.66 43.37 -45.74
CA ARG E 115 -24.34 42.45 -46.84
C ARG E 115 -22.85 42.31 -47.15
N SER E 116 -22.05 43.19 -46.59
CA SER E 116 -20.63 43.22 -46.89
C SER E 116 -19.78 43.48 -45.63
N LEU E 117 -18.49 43.25 -45.77
CA LEU E 117 -17.61 43.51 -44.66
C LEU E 117 -17.53 45.03 -44.35
N GLU E 118 -17.66 45.85 -45.39
CA GLU E 118 -17.69 47.29 -45.19
C GLU E 118 -18.95 47.68 -44.39
N ASP E 119 -20.08 47.10 -44.71
CA ASP E 119 -21.27 47.25 -43.87
C ASP E 119 -20.93 46.99 -42.41
N ILE E 120 -20.30 45.85 -42.13
CA ILE E 120 -19.99 45.51 -40.73
C ILE E 120 -19.11 46.62 -40.06
N ARG E 121 -18.05 46.94 -40.73
CA ARG E 121 -17.06 47.88 -40.20
C ARG E 121 -17.69 49.22 -39.81
N SER E 122 -18.45 49.78 -40.75
CA SER E 122 -18.97 51.10 -40.66
C SER E 122 -20.24 51.15 -39.79
N GLN E 123 -20.93 50.02 -39.60
CA GLN E 123 -22.26 50.02 -38.99
C GLN E 123 -22.56 49.04 -37.88
N ALA E 124 -21.67 48.09 -37.60
CA ALA E 124 -21.94 47.12 -36.54
C ALA E 124 -20.98 47.22 -35.39
N SER E 125 -21.54 47.19 -34.18
CA SER E 125 -20.76 46.94 -32.95
C SER E 125 -19.98 45.59 -32.99
N LEU E 126 -18.72 45.64 -32.60
CA LEU E 126 -17.86 44.45 -32.61
C LEU E 126 -17.35 44.28 -31.21
N THR E 127 -17.29 43.05 -30.77
CA THR E 127 -16.52 42.70 -29.60
C THR E 127 -15.05 42.92 -29.91
N THR E 128 -14.22 42.93 -28.86
CA THR E 128 -12.79 43.04 -29.01
C THR E 128 -12.23 42.00 -29.96
N GLN E 129 -12.68 40.75 -29.79
CA GLN E 129 -12.19 39.65 -30.59
C GLN E 129 -12.60 39.83 -32.03
N GLN E 130 -13.87 40.14 -32.26
CA GLN E 130 -14.37 40.28 -33.62
C GLN E 130 -13.67 41.40 -34.36
N ALA E 131 -13.32 42.48 -33.63
CA ALA E 131 -12.59 43.61 -34.30
C ALA E 131 -11.22 43.13 -34.78
N ILE E 132 -10.61 42.31 -33.95
CA ILE E 132 -9.31 41.69 -34.36
C ILE E 132 -9.50 40.73 -35.57
N GLY E 133 -10.54 39.93 -35.53
CA GLY E 133 -10.77 38.99 -36.67
C GLY E 133 -11.12 39.72 -37.96
N LEU E 134 -11.78 40.88 -37.84
CA LEU E 134 -12.14 41.66 -39.06
C LEU E 134 -10.88 42.31 -39.61
N LYS E 135 -10.07 42.92 -38.73
CA LYS E 135 -8.79 43.55 -39.10
C LYS E 135 -7.91 42.54 -39.83
N HIS E 136 -7.89 41.27 -39.42
CA HIS E 136 -6.99 40.31 -40.10
C HIS E 136 -7.75 39.38 -40.96
N TYR E 137 -8.94 39.82 -41.37
CA TYR E 137 -9.85 38.89 -42.04
C TYR E 137 -9.19 38.16 -43.16
N SER E 138 -8.52 38.87 -44.04
CA SER E 138 -7.91 38.17 -45.21
C SER E 138 -6.72 37.28 -44.84
N ASP E 139 -5.85 37.75 -43.99
CA ASP E 139 -4.74 36.87 -43.54
C ASP E 139 -5.28 35.55 -42.96
N PHE E 140 -6.28 35.64 -42.11
CA PHE E 140 -6.77 34.49 -41.35
C PHE E 140 -7.39 33.43 -42.29
N LEU E 141 -7.90 33.85 -43.44
CA LEU E 141 -8.45 32.93 -44.44
C LEU E 141 -7.35 32.26 -45.28
N GLU E 142 -6.11 32.72 -45.27
CA GLU E 142 -5.08 31.97 -45.97
C GLU E 142 -4.55 30.88 -45.03
N ARG E 143 -4.14 29.76 -45.60
CA ARG E 143 -3.42 28.73 -44.95
C ARG E 143 -1.98 29.05 -45.18
N MET E 144 -1.12 28.66 -44.27
CA MET E 144 0.30 28.98 -44.40
C MET E 144 1.01 27.74 -44.85
N PRO E 145 2.17 27.88 -45.47
CA PRO E 145 2.98 26.69 -45.72
C PRO E 145 3.55 26.02 -44.46
N ARG E 146 3.81 24.73 -44.55
CA ARG E 146 4.22 23.96 -43.40
C ARG E 146 5.48 24.52 -42.69
N GLU E 147 6.32 25.15 -43.49
CA GLU E 147 7.61 25.72 -43.11
C GLU E 147 7.40 27.02 -42.37
N GLU E 148 6.40 27.80 -42.75
CA GLU E 148 6.05 28.93 -41.90
C GLU E 148 5.61 28.45 -40.48
N ALA E 149 4.79 27.41 -40.43
CA ALA E 149 4.41 26.86 -39.14
C ALA E 149 5.57 26.41 -38.28
N THR E 150 6.55 25.75 -38.88
CA THR E 150 7.79 25.39 -38.11
C THR E 150 8.46 26.58 -37.42
N GLU E 151 8.59 27.63 -38.18
CA GLU E 151 9.23 28.80 -37.74
C GLU E 151 8.48 29.46 -36.59
N ILE E 152 7.17 29.32 -36.61
CA ILE E 152 6.35 29.82 -35.54
C ILE E 152 6.56 28.99 -34.31
N GLU E 153 6.56 27.67 -34.48
CA GLU E 153 6.78 26.75 -33.37
C GLU E 153 8.17 26.97 -32.72
N GLN E 154 9.16 27.22 -33.53
CA GLN E 154 10.56 27.43 -33.12
C GLN E 154 10.65 28.72 -32.27
N THR E 155 9.98 29.78 -32.74
CA THR E 155 9.91 31.05 -32.03
C THR E 155 9.32 30.80 -30.68
N VAL E 156 8.26 30.02 -30.61
CA VAL E 156 7.65 29.82 -29.32
C VAL E 156 8.57 28.92 -28.48
N GLN E 157 9.19 27.94 -29.12
CA GLN E 157 10.03 27.02 -28.40
C GLN E 157 11.23 27.74 -27.72
N LYS E 158 11.99 28.51 -28.52
CA LYS E 158 13.08 29.37 -28.00
C LYS E 158 12.63 30.29 -26.85
N ALA E 159 11.53 31.01 -27.00
CA ALA E 159 11.14 31.91 -25.92
C ALA E 159 10.88 31.10 -24.66
N ALA E 160 10.36 29.88 -24.82
CA ALA E 160 9.96 29.07 -23.66
C ALA E 160 11.17 28.37 -22.96
N GLN E 161 12.13 27.96 -23.75
CA GLN E 161 13.28 27.23 -23.25
C GLN E 161 14.23 28.16 -22.44
N ALA E 162 14.28 29.43 -22.82
CA ALA E 162 14.89 30.47 -22.01
C ALA E 162 14.40 30.52 -20.55
N PHE E 163 13.14 30.18 -20.24
CA PHE E 163 12.77 30.06 -18.81
C PHE E 163 13.12 28.70 -18.18
N ASN E 164 13.29 27.67 -19.02
CA ASN E 164 13.60 26.31 -18.56
C ASN E 164 13.93 25.45 -19.77
N SER E 165 15.17 25.00 -19.81
CA SER E 165 15.73 24.24 -20.92
C SER E 165 15.07 22.90 -21.15
N GLY E 166 14.40 22.36 -20.14
CA GLY E 166 13.78 21.04 -20.25
C GLY E 166 12.28 21.06 -20.64
N LEU E 167 11.79 22.18 -21.17
CA LEU E 167 10.40 22.25 -21.62
C LEU E 167 10.20 21.53 -22.95
N LEU E 168 9.14 20.74 -23.04
CA LEU E 168 8.79 20.15 -24.34
C LEU E 168 7.73 21.03 -25.04
N CYS E 169 8.09 21.50 -26.23
CA CYS E 169 7.17 22.24 -27.10
C CYS E 169 6.97 21.49 -28.41
N VAL E 170 5.73 21.24 -28.79
CA VAL E 170 5.48 20.57 -30.07
C VAL E 170 4.24 21.13 -30.81
N ALA E 171 4.36 21.33 -32.11
CA ALA E 171 3.26 21.84 -32.95
C ALA E 171 2.37 20.68 -33.30
N CYS E 172 1.09 20.83 -33.00
CA CYS E 172 0.11 19.75 -33.15
C CYS E 172 -0.76 20.10 -34.36
N GLY E 173 -2.07 19.88 -34.23
CA GLY E 173 -3.02 19.89 -35.35
C GLY E 173 -2.46 19.36 -36.65
N SER E 174 -2.87 20.00 -37.72
CA SER E 174 -2.55 19.50 -39.03
C SER E 174 -1.10 19.41 -39.25
N TYR E 175 -0.34 20.21 -38.52
CA TYR E 175 1.13 20.18 -38.70
C TYR E 175 1.66 18.83 -38.32
N ARG E 176 1.24 18.37 -37.18
CA ARG E 176 1.73 17.10 -36.70
C ARG E 176 1.17 15.98 -37.59
N ARG E 177 -0.03 16.18 -38.17
CA ARG E 177 -0.68 15.16 -39.00
C ARG E 177 -0.10 15.11 -40.39
N GLY E 178 0.99 15.85 -40.63
CA GLY E 178 1.81 15.68 -41.80
C GLY E 178 1.38 16.48 -43.01
N LYS E 179 0.50 17.45 -42.80
CA LYS E 179 -0.16 18.23 -43.85
C LYS E 179 0.78 19.34 -44.34
N ALA E 180 0.61 19.70 -45.61
CA ALA E 180 1.53 20.57 -46.31
C ALA E 180 1.26 22.02 -46.00
N THR E 181 0.07 22.35 -45.56
CA THR E 181 -0.25 23.72 -45.27
C THR E 181 -1.06 23.67 -44.02
N CYS E 182 -1.09 24.77 -43.29
CA CYS E 182 -1.76 24.79 -41.95
C CYS E 182 -2.63 26.01 -41.83
N GLY E 183 -3.84 25.82 -41.32
CA GLY E 183 -4.75 26.93 -41.10
C GLY E 183 -4.35 27.80 -39.90
N ASP E 184 -3.77 27.21 -38.87
CA ASP E 184 -3.26 27.93 -37.72
C ASP E 184 -2.22 27.00 -37.05
N VAL E 185 -1.45 27.52 -36.10
CA VAL E 185 -0.44 26.72 -35.41
C VAL E 185 -0.90 26.49 -34.00
N ASP E 186 -0.81 25.24 -33.57
CA ASP E 186 -1.22 24.78 -32.24
C ASP E 186 0.04 24.30 -31.48
N VAL E 187 0.49 25.03 -30.47
CA VAL E 187 1.74 24.67 -29.80
C VAL E 187 1.44 24.17 -28.44
N LEU E 188 1.88 22.94 -28.17
CA LEU E 188 1.67 22.29 -26.88
C LEU E 188 2.95 22.31 -26.07
N ILE E 189 2.84 22.67 -24.80
CA ILE E 189 4.03 22.78 -23.93
C ILE E 189 3.79 22.01 -22.64
N THR E 190 4.80 21.25 -22.28
CA THR E 190 4.87 20.59 -20.96
C THR E 190 6.33 20.46 -20.50
N HIS E 191 6.45 19.99 -19.26
CA HIS E 191 7.77 19.58 -18.68
C HIS E 191 7.60 18.14 -18.12
N PRO E 192 8.47 17.21 -18.52
CA PRO E 192 8.49 15.82 -17.93
C PRO E 192 8.54 15.69 -16.40
N ASP E 193 8.94 16.69 -15.66
CA ASP E 193 8.98 16.44 -14.22
C ASP E 193 7.61 16.52 -13.59
N GLY E 194 6.62 16.94 -14.37
CA GLY E 194 5.26 17.00 -13.85
C GLY E 194 5.05 18.23 -12.99
N ARG E 195 5.99 19.18 -13.03
CA ARG E 195 5.94 20.32 -12.10
C ARG E 195 6.36 21.65 -12.68
N SER E 196 7.39 21.64 -13.53
CA SER E 196 8.04 22.84 -14.03
C SER E 196 7.38 23.52 -15.26
N HIS E 197 6.12 23.17 -15.49
CA HIS E 197 5.31 23.78 -16.53
C HIS E 197 4.60 24.97 -15.89
N ARG E 198 4.51 24.94 -14.56
CA ARG E 198 3.85 26.03 -13.81
C ARG E 198 4.64 27.35 -13.91
N GLY E 199 3.90 28.45 -13.89
CA GLY E 199 4.51 29.77 -13.92
C GLY E 199 5.22 30.11 -15.22
N ILE E 200 5.12 29.23 -16.21
CA ILE E 200 5.70 29.51 -17.50
C ILE E 200 4.73 30.39 -18.28
N PHE E 201 3.44 30.09 -18.17
CA PHE E 201 2.46 30.68 -19.11
C PHE E 201 2.55 32.19 -19.30
N SER E 202 2.41 32.96 -18.20
CA SER E 202 2.35 34.42 -18.27
C SER E 202 3.64 35.01 -18.69
N ARG E 203 4.73 34.50 -18.14
CA ARG E 203 6.00 34.99 -18.56
C ARG E 203 6.27 34.68 -20.02
N LEU E 204 5.82 33.52 -20.51
CA LEU E 204 6.02 33.20 -21.95
C LEU E 204 5.31 34.19 -22.83
N LEU E 205 4.03 34.38 -22.56
CA LEU E 205 3.24 35.33 -23.35
C LEU E 205 3.89 36.69 -23.24
N ASP E 206 4.24 37.09 -22.02
CA ASP E 206 4.94 38.42 -21.83
C ASP E 206 6.17 38.58 -22.70
N SER E 207 7.00 37.56 -22.70
CA SER E 207 8.20 37.60 -23.51
C SER E 207 7.92 37.74 -25.02
N LEU E 208 6.85 37.06 -25.47
CA LEU E 208 6.51 37.07 -26.89
C LEU E 208 5.84 38.39 -27.28
N ARG E 209 4.98 38.93 -26.41
CA ARG E 209 4.44 40.29 -26.57
C ARG E 209 5.56 41.29 -26.65
N GLN E 210 6.47 41.26 -25.68
CA GLN E 210 7.60 42.20 -25.67
C GLN E 210 8.46 42.10 -26.91
N GLU E 211 8.51 40.91 -27.50
CA GLU E 211 9.27 40.70 -28.74
C GLU E 211 8.55 41.31 -29.96
N GLY E 212 7.31 41.73 -29.77
CA GLY E 212 6.44 42.02 -30.91
C GLY E 212 5.97 40.80 -31.74
N PHE E 213 6.14 39.59 -31.24
CA PHE E 213 5.74 38.41 -31.99
C PHE E 213 4.22 38.26 -31.89
N LEU E 214 3.73 38.25 -30.66
CA LEU E 214 2.31 38.26 -30.39
C LEU E 214 1.73 39.61 -30.63
N THR E 215 0.84 39.76 -31.61
CA THR E 215 0.30 41.06 -32.04
C THR E 215 -1.02 41.35 -31.43
N ASP E 216 -1.82 40.34 -31.14
CA ASP E 216 -3.12 40.54 -30.50
C ASP E 216 -3.46 39.30 -29.71
N ASP E 217 -4.25 39.49 -28.69
CA ASP E 217 -4.72 38.43 -27.84
C ASP E 217 -6.21 38.28 -28.06
N LEU E 218 -6.69 37.03 -28.08
CA LEU E 218 -8.08 36.75 -28.31
C LEU E 218 -8.70 36.11 -27.07
N VAL E 219 -8.04 35.08 -26.52
CA VAL E 219 -8.50 34.51 -25.26
C VAL E 219 -7.36 34.01 -24.40
N SER E 220 -7.54 34.16 -23.07
CA SER E 220 -6.71 33.43 -22.06
C SER E 220 -7.48 32.47 -21.07
N GLN E 221 -7.13 31.18 -21.08
CA GLN E 221 -7.83 30.10 -20.36
C GLN E 221 -6.84 29.42 -19.41
N GLU E 222 -6.48 30.13 -18.33
CA GLU E 222 -5.22 29.85 -17.58
C GLU E 222 -5.48 29.19 -16.21
N GLY E 225 -10.30 27.21 -15.29
CA GLY E 225 -10.36 26.10 -16.23
C GLY E 225 -8.98 25.52 -16.41
N GLN E 226 -8.92 24.19 -16.40
CA GLN E 226 -7.64 23.48 -16.25
C GLN E 226 -6.94 23.29 -17.56
N GLN E 227 -5.65 22.89 -17.41
CA GLN E 227 -4.55 23.28 -18.28
C GLN E 227 -4.65 24.78 -18.56
N GLN E 228 -3.61 25.35 -19.14
CA GLN E 228 -3.69 26.75 -19.53
C GLN E 228 -3.63 26.87 -21.09
N LYS E 229 -4.61 27.59 -21.62
CA LYS E 229 -4.64 27.86 -23.04
C LYS E 229 -4.59 29.36 -23.37
N TYR E 230 -3.82 29.69 -24.42
CA TYR E 230 -3.78 30.99 -25.06
C TYR E 230 -4.16 30.89 -26.54
N LEU E 231 -5.14 31.70 -26.94
CA LEU E 231 -5.50 31.90 -28.33
C LEU E 231 -5.19 33.34 -28.72
N GLY E 232 -4.41 33.52 -29.78
CA GLY E 232 -4.05 34.85 -30.28
C GLY E 232 -3.51 34.89 -31.67
N VAL E 233 -2.78 35.96 -31.93
CA VAL E 233 -2.36 36.28 -33.28
C VAL E 233 -0.88 36.58 -33.27
N CYS E 234 -0.16 36.10 -34.27
CA CYS E 234 1.23 36.28 -34.28
C CYS E 234 1.64 36.68 -35.66
N ARG E 235 2.89 37.10 -35.76
CA ARG E 235 3.47 37.54 -37.01
C ARG E 235 4.96 37.38 -36.90
N LEU E 236 5.54 36.66 -37.83
CA LEU E 236 6.97 36.53 -37.87
C LEU E 236 7.57 37.87 -38.30
N PRO E 237 8.81 38.11 -37.86
CA PRO E 237 9.39 39.44 -38.09
C PRO E 237 9.86 39.60 -39.53
N GLY E 238 9.89 40.84 -39.99
CA GLY E 238 10.40 41.17 -41.31
C GLY E 238 9.29 41.54 -42.26
N PRO E 239 9.64 41.97 -43.47
CA PRO E 239 8.59 42.36 -44.43
C PRO E 239 7.93 41.11 -45.01
N GLY E 240 6.78 41.27 -45.61
CA GLY E 240 6.13 40.21 -46.38
C GLY E 240 5.49 39.10 -45.56
N ARG E 241 5.20 39.35 -44.29
CA ARG E 241 4.66 38.31 -43.44
C ARG E 241 3.22 38.63 -43.14
N ARG E 242 2.42 37.58 -43.14
CA ARG E 242 1.01 37.65 -42.80
C ARG E 242 0.83 37.38 -41.33
N HIS E 243 -0.18 37.98 -40.72
CA HIS E 243 -0.57 37.65 -39.36
C HIS E 243 -1.22 36.24 -39.34
N ARG E 244 -0.89 35.42 -38.36
CA ARG E 244 -1.41 34.08 -38.25
C ARG E 244 -2.06 33.81 -36.87
N ARG E 245 -3.04 32.94 -36.86
CA ARG E 245 -3.57 32.46 -35.60
C ARG E 245 -2.63 31.43 -34.92
N LEU E 246 -2.44 31.64 -33.63
CA LEU E 246 -1.54 30.83 -32.80
C LEU E 246 -2.26 30.48 -31.52
N ASP E 247 -2.25 29.18 -31.19
CA ASP E 247 -2.80 28.61 -29.96
C ASP E 247 -1.53 28.01 -29.25
N ILE E 248 -1.33 28.38 -27.98
CA ILE E 248 -0.28 27.86 -27.07
C ILE E 248 -1.04 27.27 -25.90
N ILE E 249 -0.71 26.01 -25.58
CA ILE E 249 -1.32 25.34 -24.46
C ILE E 249 -0.20 24.77 -23.53
N VAL E 250 -0.40 24.88 -22.24
CA VAL E 250 0.57 24.42 -21.23
C VAL E 250 -0.10 23.39 -20.34
N VAL E 251 0.47 22.20 -20.28
CA VAL E 251 -0.19 21.09 -19.57
C VAL E 251 0.83 20.27 -18.73
N PRO E 252 0.42 19.76 -17.57
CA PRO E 252 1.20 18.80 -16.75
C PRO E 252 1.41 17.51 -17.53
N TYR E 253 2.60 16.95 -17.35
CA TYR E 253 3.10 15.83 -18.11
C TYR E 253 2.15 14.67 -18.01
N SER E 254 1.41 14.59 -16.92
CA SER E 254 0.49 13.51 -16.68
C SER E 254 -0.81 13.60 -17.52
N GLU E 255 -1.09 14.77 -18.09
CA GLU E 255 -2.21 14.91 -19.04
C GLU E 255 -1.65 14.97 -20.49
N PHE E 256 -0.32 14.89 -20.64
CA PHE E 256 0.30 15.13 -21.92
C PHE E 256 -0.32 14.27 -23.02
N ALA E 257 -0.63 13.02 -22.68
CA ALA E 257 -1.05 12.06 -23.65
C ALA E 257 -2.37 12.48 -24.24
N CYS E 258 -3.37 12.64 -23.39
CA CYS E 258 -4.70 13.13 -23.74
C CYS E 258 -4.70 14.55 -24.42
N ALA E 259 -3.76 15.41 -24.04
CA ALA E 259 -3.67 16.81 -24.53
C ALA E 259 -3.08 16.74 -25.91
N LEU E 260 -2.03 15.96 -26.06
CA LEU E 260 -1.42 15.84 -27.38
C LEU E 260 -2.39 15.19 -28.38
N LEU E 261 -3.22 14.33 -27.86
CA LEU E 261 -4.12 13.58 -28.73
C LEU E 261 -5.25 14.53 -29.10
N TYR E 262 -5.84 15.22 -28.11
CA TYR E 262 -6.80 16.31 -28.41
C TYR E 262 -6.26 17.29 -29.42
N PHE E 263 -5.05 17.72 -29.24
CA PHE E 263 -4.53 18.85 -30.05
C PHE E 263 -4.00 18.44 -31.34
N THR E 264 -3.70 17.16 -31.48
CA THR E 264 -3.36 16.66 -32.81
C THR E 264 -4.67 16.54 -33.66
N GLY E 265 -5.76 16.16 -33.04
CA GLY E 265 -7.00 15.95 -33.76
C GLY E 265 -6.88 14.91 -34.84
N SER E 266 -7.70 14.95 -35.91
CA SER E 266 -8.53 16.06 -36.33
C SER E 266 -9.64 16.22 -35.36
N ALA E 267 -10.36 17.31 -35.51
CA ALA E 267 -11.56 17.50 -34.75
C ALA E 267 -12.57 16.31 -34.85
N HIS E 268 -12.77 15.75 -36.03
CA HIS E 268 -13.85 14.73 -36.14
C HIS E 268 -13.37 13.44 -35.57
N PHE E 269 -12.12 13.13 -35.86
CA PHE E 269 -11.39 12.13 -35.04
C PHE E 269 -11.69 12.25 -33.50
N ASN E 270 -11.45 13.38 -32.89
CA ASN E 270 -11.67 13.47 -31.46
C ASN E 270 -13.11 13.21 -31.04
N ARG E 271 -14.06 13.72 -31.82
CA ARG E 271 -15.48 13.57 -31.53
C ARG E 271 -15.96 12.16 -31.57
N SER E 272 -15.38 11.41 -32.49
CA SER E 272 -15.67 10.01 -32.60
C SER E 272 -15.19 9.24 -31.33
N MET E 273 -13.89 9.35 -31.09
CA MET E 273 -13.27 8.79 -29.87
C MET E 273 -14.14 9.07 -28.65
N ARG E 274 -14.47 10.33 -28.43
CA ARG E 274 -15.25 10.68 -27.26
C ARG E 274 -16.61 9.96 -27.16
N ALA E 275 -17.30 9.83 -28.29
CA ALA E 275 -18.56 9.15 -28.37
C ALA E 275 -18.38 7.65 -28.04
N LEU E 276 -17.35 7.03 -28.63
CA LEU E 276 -16.91 5.67 -28.28
C LEU E 276 -16.66 5.39 -26.74
N ALA E 277 -15.78 6.17 -26.08
CA ALA E 277 -15.69 6.18 -24.61
C ALA E 277 -17.05 6.22 -23.95
N LYS E 278 -17.92 7.08 -24.42
CA LYS E 278 -19.23 7.24 -23.79
C LYS E 278 -20.04 5.94 -23.85
N THR E 279 -19.95 5.24 -24.98
CA THR E 279 -20.52 3.88 -25.14
C THR E 279 -19.98 2.84 -24.13
N LYS E 280 -18.73 2.99 -23.70
CA LYS E 280 -18.04 2.00 -22.85
C LYS E 280 -17.93 2.44 -21.41
N GLY E 281 -18.98 3.11 -20.91
CA GLY E 281 -19.05 3.70 -19.54
C GLY E 281 -17.92 4.65 -19.16
N MET E 282 -17.22 5.16 -20.18
CA MET E 282 -16.00 5.95 -20.01
C MET E 282 -16.22 7.41 -20.44
N SER E 283 -15.20 8.25 -20.30
CA SER E 283 -15.32 9.68 -20.62
C SER E 283 -13.98 10.21 -20.97
N LEU E 284 -13.84 10.65 -22.22
CA LEU E 284 -12.58 11.13 -22.73
C LEU E 284 -12.65 12.66 -22.94
N SER E 285 -11.61 13.32 -22.38
CA SER E 285 -11.36 14.75 -22.54
C SER E 285 -9.90 15.00 -22.75
N GLU E 286 -9.57 16.28 -23.00
CA GLU E 286 -8.19 16.70 -23.16
C GLU E 286 -7.41 16.53 -21.86
N HIS E 287 -8.11 16.44 -20.71
CA HIS E 287 -7.45 16.14 -19.44
C HIS E 287 -7.18 14.65 -19.22
N ALA E 288 -8.19 13.79 -19.43
CA ALA E 288 -8.11 12.39 -19.01
C ALA E 288 -9.15 11.43 -19.62
N LEU E 289 -8.82 10.15 -19.55
CA LEU E 289 -9.75 9.08 -19.81
C LEU E 289 -10.25 8.60 -18.44
N SER E 290 -11.56 8.61 -18.22
CA SER E 290 -12.17 8.11 -16.98
C SER E 290 -13.04 6.85 -17.19
N THR E 291 -13.10 5.99 -16.17
CA THR E 291 -14.06 4.87 -16.12
C THR E 291 -15.07 5.09 -14.98
N ALA E 292 -15.91 4.09 -14.70
CA ALA E 292 -17.15 4.26 -13.93
C ALA E 292 -17.96 5.36 -14.63
N VAL E 293 -18.14 6.51 -13.99
CA VAL E 293 -18.82 7.63 -14.64
C VAL E 293 -20.28 7.24 -14.76
N VAL E 294 -21.07 7.48 -13.72
CA VAL E 294 -22.45 7.00 -13.75
C VAL E 294 -23.35 8.13 -14.24
N ARG E 295 -23.59 8.16 -15.55
CA ARG E 295 -24.47 9.14 -16.16
C ARG E 295 -25.89 8.91 -15.67
N ASN E 296 -26.15 9.47 -14.48
CA ASN E 296 -27.44 9.34 -13.81
C ASN E 296 -28.47 10.25 -14.48
N THR E 297 -29.75 10.02 -14.18
CA THR E 297 -30.91 10.77 -14.73
C THR E 297 -30.94 10.77 -16.29
N HIS E 298 -30.48 11.84 -16.94
CA HIS E 298 -30.26 11.84 -18.39
C HIS E 298 -28.84 11.30 -18.58
N GLY E 299 -28.16 11.71 -19.64
CA GLY E 299 -26.77 11.32 -19.87
C GLY E 299 -25.82 12.22 -19.12
N CYS E 300 -26.12 12.45 -17.84
CA CYS E 300 -25.48 13.50 -17.05
C CYS E 300 -24.15 13.03 -16.50
N LYS E 301 -24.06 12.76 -15.21
CA LYS E 301 -22.84 12.25 -14.66
C LYS E 301 -22.97 12.07 -13.18
N VAL E 302 -23.15 13.20 -12.51
CA VAL E 302 -22.97 13.25 -11.07
C VAL E 302 -21.59 12.64 -10.77
N GLY E 303 -21.47 11.31 -10.78
CA GLY E 303 -20.18 10.66 -10.52
C GLY E 303 -19.14 10.84 -11.62
N PRO E 304 -17.98 11.48 -11.30
CA PRO E 304 -16.88 11.78 -12.26
C PRO E 304 -16.07 10.55 -12.66
N GLY E 305 -16.11 9.52 -11.82
CA GLY E 305 -15.53 8.26 -12.14
C GLY E 305 -14.02 8.31 -12.11
N ARG E 306 -13.44 7.12 -11.96
CA ARG E 306 -11.99 6.97 -11.80
C ARG E 306 -11.29 7.27 -13.09
N VAL E 307 -10.18 7.99 -12.94
CA VAL E 307 -9.28 8.33 -14.03
C VAL E 307 -8.28 7.24 -14.25
N LEU E 308 -8.43 6.56 -15.38
CA LEU E 308 -7.40 5.66 -15.91
C LEU E 308 -6.13 6.36 -16.31
N PRO E 309 -4.93 5.86 -15.91
CA PRO E 309 -3.69 6.55 -16.30
C PRO E 309 -3.29 6.25 -17.69
N THR E 310 -2.72 7.23 -18.37
CA THR E 310 -2.56 7.17 -19.80
C THR E 310 -1.29 7.90 -20.17
N PRO E 311 -0.14 7.32 -19.86
CA PRO E 311 1.15 7.97 -20.04
C PRO E 311 1.62 8.21 -21.46
N THR E 312 0.98 7.59 -22.43
CA THR E 312 1.27 7.85 -23.87
C THR E 312 0.02 7.67 -24.73
N GLU E 313 0.07 8.06 -26.00
CA GLU E 313 -1.15 8.05 -26.85
C GLU E 313 -1.74 6.60 -26.98
N LYS E 314 -0.86 5.66 -27.26
CA LYS E 314 -1.18 4.19 -27.29
C LYS E 314 -2.03 3.67 -26.14
N ASP E 315 -1.74 4.14 -24.96
CA ASP E 315 -2.49 3.67 -23.82
C ASP E 315 -3.92 4.08 -23.94
N VAL E 316 -4.18 5.25 -24.55
CA VAL E 316 -5.59 5.64 -24.74
C VAL E 316 -6.26 4.75 -25.78
N PHE E 317 -5.54 4.47 -26.86
CA PHE E 317 -6.09 3.63 -27.91
C PHE E 317 -6.38 2.23 -27.28
N ARG E 318 -5.36 1.67 -26.62
CA ARG E 318 -5.49 0.40 -25.96
C ARG E 318 -6.74 0.35 -25.10
N LEU E 319 -6.91 1.27 -24.16
CA LEU E 319 -8.03 1.18 -23.19
C LEU E 319 -9.40 1.44 -23.76
N LEU E 320 -9.44 1.87 -25.01
CA LEU E 320 -10.69 2.03 -25.73
C LEU E 320 -10.95 0.83 -26.67
N GLY E 321 -9.99 -0.07 -26.77
CA GLY E 321 -10.14 -1.25 -27.61
C GLY E 321 -9.88 -0.96 -29.08
N LEU E 322 -8.98 -0.01 -29.33
CA LEU E 322 -8.61 0.42 -30.67
C LEU E 322 -7.15 0.17 -30.94
N PRO E 323 -6.81 -0.16 -32.21
CA PRO E 323 -5.42 -0.20 -32.61
C PRO E 323 -4.92 1.22 -32.71
N TYR E 324 -3.62 1.40 -32.55
CA TYR E 324 -3.00 2.70 -32.55
C TYR E 324 -2.98 3.21 -33.98
N ARG E 325 -3.13 4.52 -34.14
CA ARG E 325 -2.95 5.20 -35.43
C ARG E 325 -1.96 6.40 -35.30
N GLU E 326 -0.97 6.39 -36.18
CA GLU E 326 -0.05 7.47 -36.35
C GLU E 326 -0.87 8.76 -36.52
N PRO E 327 -0.24 9.93 -36.25
CA PRO E 327 -0.91 11.23 -36.46
C PRO E 327 -1.44 11.49 -37.86
N ALA E 328 -0.64 11.27 -38.89
CA ALA E 328 -1.13 11.30 -40.29
C ALA E 328 -2.43 10.50 -40.61
N GLU E 329 -2.85 9.59 -39.74
CA GLU E 329 -3.97 8.70 -40.03
C GLU E 329 -5.10 9.03 -39.10
N ARG E 330 -5.23 10.31 -38.72
CA ARG E 330 -6.25 10.70 -37.75
C ARG E 330 -7.16 11.83 -38.25
N ASP E 331 -7.38 11.84 -39.57
CA ASP E 331 -8.38 12.72 -40.14
C ASP E 331 -9.79 12.31 -39.77
N TRP E 332 -9.99 11.03 -39.53
CA TRP E 332 -11.33 10.50 -39.27
C TRP E 332 -11.07 9.14 -38.61
N LEU E 333 -12.03 8.66 -37.83
CA LEU E 333 -11.94 7.33 -37.13
C LEU E 333 -12.64 6.21 -37.88
N ALA I 6 -20.82 34.92 28.91
CA ALA I 6 -19.34 34.95 28.96
C ALA I 6 -18.74 33.52 28.90
N THR I 7 -19.20 32.62 29.78
CA THR I 7 -18.60 31.27 29.86
C THR I 7 -19.66 30.12 29.78
N ASN I 8 -19.41 29.00 30.48
CA ASN I 8 -20.12 27.76 30.20
C ASN I 8 -20.91 27.20 31.38
N HIS I 9 -22.22 27.40 31.34
CA HIS I 9 -23.07 26.95 32.43
C HIS I 9 -23.29 25.45 32.43
N ASN I 10 -22.78 24.82 31.38
CA ASN I 10 -23.09 23.45 31.12
C ASN I 10 -21.81 22.67 31.01
N LEU I 11 -20.78 23.17 31.72
CA LEU I 11 -19.44 22.55 31.68
C LEU I 11 -19.54 21.04 31.82
N HIS I 12 -20.22 20.62 32.87
CA HIS I 12 -20.30 19.23 33.26
C HIS I 12 -21.01 18.31 32.21
N ILE I 13 -21.72 18.89 31.25
CA ILE I 13 -22.30 18.10 30.16
C ILE I 13 -21.24 18.05 29.04
N THR I 14 -20.76 19.21 28.64
CA THR I 14 -19.86 19.34 27.52
C THR I 14 -18.61 18.50 27.72
N GLU I 15 -17.99 18.59 28.89
CA GLU I 15 -16.86 17.72 29.25
C GLU I 15 -17.13 16.29 28.86
N LYS I 16 -18.26 15.74 29.31
CA LYS I 16 -18.58 14.33 28.98
C LYS I 16 -18.84 14.08 27.48
N LEU I 17 -19.42 15.08 26.82
CA LEU I 17 -19.77 14.97 25.41
C LEU I 17 -18.52 15.05 24.55
N GLU I 18 -17.54 15.88 24.92
CA GLU I 18 -16.37 16.02 24.03
C GLU I 18 -15.50 14.76 24.03
N VAL I 19 -15.52 14.01 25.10
CA VAL I 19 -14.75 12.77 25.17
C VAL I 19 -15.34 11.75 24.24
N LEU I 20 -16.65 11.70 24.17
CA LEU I 20 -17.29 10.78 23.21
C LEU I 20 -17.10 11.25 21.77
N ALA I 21 -17.15 12.55 21.57
CA ALA I 21 -16.95 13.14 20.27
C ALA I 21 -15.53 12.86 19.73
N LYS I 22 -14.55 12.98 20.60
CA LYS I 22 -13.17 12.64 20.29
C LYS I 22 -13.10 11.15 19.87
N ALA I 23 -13.75 10.28 20.64
CA ALA I 23 -13.76 8.87 20.27
C ALA I 23 -14.23 8.63 18.84
N TYR I 24 -15.31 9.30 18.46
CA TYR I 24 -15.82 9.08 17.16
C TYR I 24 -14.89 9.66 16.12
N SER I 25 -14.32 10.81 16.45
CA SER I 25 -13.41 11.48 15.53
C SER I 25 -12.17 10.67 15.20
N VAL I 26 -11.48 10.15 16.21
CA VAL I 26 -10.26 9.32 15.96
C VAL I 26 -10.58 7.94 15.37
N GLN I 27 -11.83 7.49 15.47
CA GLN I 27 -12.23 6.23 14.81
C GLN I 27 -12.74 6.46 13.38
N GLY I 28 -12.72 7.71 12.92
CA GLY I 28 -13.06 7.98 11.51
C GLY I 28 -14.52 8.29 11.21
N ASP I 29 -15.34 8.36 12.27
CA ASP I 29 -16.78 8.68 12.13
C ASP I 29 -16.97 10.18 12.12
N LYS I 30 -16.60 10.80 11.02
CA LYS I 30 -16.30 12.21 11.07
C LYS I 30 -17.54 13.08 11.11
N TRP I 31 -18.60 12.62 10.44
CA TRP I 31 -19.85 13.38 10.41
C TRP I 31 -20.57 13.30 11.79
N ARG I 32 -20.56 12.14 12.42
CA ARG I 32 -21.10 12.06 13.77
C ARG I 32 -20.32 12.96 14.70
N ALA I 33 -19.00 12.86 14.69
CA ALA I 33 -18.10 13.76 15.47
C ALA I 33 -18.44 15.23 15.27
N LEU I 34 -18.73 15.58 14.04
CA LEU I 34 -19.15 16.97 13.73
C LEU I 34 -20.47 17.36 14.39
N GLY I 35 -21.47 16.48 14.29
CA GLY I 35 -22.76 16.73 14.97
C GLY I 35 -22.55 16.87 16.47
N TYR I 36 -21.63 16.09 17.02
CA TYR I 36 -21.36 16.28 18.41
C TYR I 36 -20.74 17.63 18.64
N ALA I 37 -19.78 18.01 17.80
CA ALA I 37 -19.09 19.25 18.06
C ALA I 37 -20.08 20.44 18.03
N LYS I 38 -21.07 20.40 17.13
CA LYS I 38 -22.04 21.49 16.99
C LYS I 38 -22.90 21.54 18.21
N ALA I 39 -23.28 20.39 18.72
CA ALA I 39 -24.16 20.36 19.87
C ALA I 39 -23.36 20.84 21.07
N ILE I 40 -22.09 20.45 21.16
CA ILE I 40 -21.29 20.92 22.26
C ILE I 40 -21.12 22.45 22.26
N ASN I 41 -20.87 23.05 21.12
CA ASN I 41 -20.86 24.49 21.09
C ASN I 41 -22.14 25.12 21.60
N ALA I 42 -23.23 24.86 20.89
CA ALA I 42 -24.57 25.21 21.34
C ALA I 42 -24.79 25.03 22.86
N LEU I 43 -24.34 23.94 23.45
CA LEU I 43 -24.43 23.85 24.91
C LEU I 43 -23.52 24.80 25.70
N LYS I 44 -22.29 25.02 25.21
CA LYS I 44 -21.22 25.73 25.98
C LYS I 44 -21.66 27.17 26.19
N SER I 45 -22.36 27.67 25.16
CA SER I 45 -22.73 29.05 25.05
C SER I 45 -24.25 29.31 25.23
N PHE I 46 -24.98 28.42 25.91
CA PHE I 46 -26.40 28.65 26.20
C PHE I 46 -26.49 29.54 27.46
N HIS I 47 -27.41 30.50 27.54
CA HIS I 47 -27.37 31.51 28.60
C HIS I 47 -27.47 30.96 30.02
N LYS I 48 -27.63 29.65 30.21
CA LYS I 48 -27.81 29.08 31.55
C LYS I 48 -27.66 27.58 31.54
N PRO I 49 -27.69 26.91 32.72
CA PRO I 49 -27.73 25.48 32.74
C PRO I 49 -29.03 25.01 32.12
N VAL I 50 -28.95 23.93 31.36
CA VAL I 50 -30.13 23.34 30.77
C VAL I 50 -30.60 22.37 31.84
N THR I 51 -31.89 22.41 32.16
CA THR I 51 -32.35 21.57 33.27
C THR I 51 -33.39 20.53 32.90
N SER I 52 -33.84 20.56 31.66
CA SER I 52 -34.84 19.60 31.22
C SER I 52 -34.62 19.16 29.78
N TYR I 53 -35.31 18.06 29.47
CA TYR I 53 -35.26 17.48 28.17
C TYR I 53 -35.82 18.45 27.17
N GLN I 54 -36.91 19.10 27.56
CA GLN I 54 -37.65 19.95 26.67
C GLN I 54 -36.84 21.21 26.42
N GLU I 55 -36.26 21.76 27.47
CA GLU I 55 -35.35 22.89 27.27
C GLU I 55 -34.16 22.55 26.33
N ALA I 56 -33.51 21.44 26.59
CA ALA I 56 -32.47 21.01 25.69
C ALA I 56 -32.92 20.95 24.20
N CYS I 57 -34.10 20.39 23.94
CA CYS I 57 -34.61 20.32 22.56
C CYS I 57 -34.92 21.67 21.95
N SER I 58 -35.15 22.70 22.77
CA SER I 58 -35.36 24.04 22.24
C SER I 58 -34.13 24.67 21.56
N ILE I 59 -32.97 24.00 21.60
CA ILE I 59 -31.70 24.62 21.20
C ILE I 59 -31.33 24.13 19.82
N PRO I 60 -31.13 25.05 18.89
CA PRO I 60 -30.72 24.55 17.61
C PRO I 60 -29.36 23.87 17.75
N GLY I 61 -29.17 22.85 16.94
CA GLY I 61 -28.04 21.96 17.01
C GLY I 61 -28.29 20.79 17.93
N ILE I 62 -29.34 20.85 18.75
CA ILE I 62 -29.65 19.74 19.69
C ILE I 62 -31.00 19.07 19.32
N GLY I 63 -30.89 17.83 18.87
CA GLY I 63 -32.01 16.98 18.54
C GLY I 63 -32.33 15.99 19.64
N LYS I 64 -33.33 15.18 19.34
CA LYS I 64 -33.80 14.18 20.26
C LYS I 64 -32.73 13.31 20.91
N ARG I 65 -31.77 12.84 20.14
CA ARG I 65 -30.78 11.89 20.66
C ARG I 65 -29.78 12.62 21.52
N MET I 66 -29.30 13.77 21.05
CA MET I 66 -28.43 14.54 21.90
C MET I 66 -29.13 14.93 23.24
N ALA I 67 -30.42 15.25 23.20
CA ALA I 67 -31.14 15.58 24.45
C ALA I 67 -31.27 14.41 25.40
N GLU I 68 -31.29 13.19 24.86
CA GLU I 68 -31.37 11.98 25.69
C GLU I 68 -30.13 11.79 26.50
N LYS I 69 -28.98 12.19 25.96
CA LYS I 69 -27.74 12.07 26.68
C LYS I 69 -27.66 13.16 27.72
N ILE I 70 -28.19 14.33 27.38
CA ILE I 70 -28.12 15.50 28.25
C ILE I 70 -28.92 15.29 29.50
N ILE I 71 -30.12 14.70 29.38
CA ILE I 71 -30.87 14.35 30.59
C ILE I 71 -30.29 13.13 31.30
N GLU I 72 -29.70 12.19 30.58
CA GLU I 72 -29.08 11.08 31.27
C GLU I 72 -28.01 11.65 32.17
N ILE I 73 -27.29 12.65 31.70
CA ILE I 73 -26.29 13.27 32.53
C ILE I 73 -26.90 14.03 33.69
N LEU I 74 -27.93 14.84 33.46
CA LEU I 74 -28.56 15.59 34.59
C LEU I 74 -28.96 14.69 35.76
N GLU I 75 -29.66 13.61 35.44
CA GLU I 75 -30.33 12.80 36.46
C GLU I 75 -29.43 11.76 37.10
N SER I 76 -28.36 11.38 36.41
CA SER I 76 -27.44 10.36 36.93
C SER I 76 -26.01 10.85 37.09
N GLY I 77 -25.65 11.94 36.41
CA GLY I 77 -24.29 12.51 36.51
C GLY I 77 -23.23 11.82 35.65
N HIS I 78 -23.56 10.65 35.10
CA HIS I 78 -22.69 9.88 34.23
C HIS I 78 -23.29 9.77 32.81
N LEU I 79 -22.49 9.26 31.88
CA LEU I 79 -22.99 8.87 30.57
C LEU I 79 -22.54 7.44 30.29
N ARG I 80 -23.52 6.59 29.98
CA ARG I 80 -23.29 5.17 29.99
C ARG I 80 -22.42 4.84 28.82
N LYS I 81 -22.68 5.51 27.69
CA LYS I 81 -21.92 5.26 26.47
C LYS I 81 -20.42 5.47 26.62
N LEU I 82 -20.01 6.30 27.61
CA LEU I 82 -18.60 6.53 27.90
C LEU I 82 -17.88 5.34 28.47
N ASP I 83 -18.62 4.39 29.01
CA ASP I 83 -18.02 3.21 29.59
C ASP I 83 -17.85 2.11 28.55
N HIS I 84 -18.18 2.42 27.31
CA HIS I 84 -18.08 1.44 26.22
C HIS I 84 -17.16 1.88 25.08
N ILE I 85 -16.41 2.96 25.33
CA ILE I 85 -15.41 3.45 24.39
C ILE I 85 -14.22 2.50 24.25
N SER I 86 -13.94 2.06 23.03
CA SER I 86 -12.80 1.17 22.80
C SER I 86 -11.50 1.60 23.45
N GLU I 87 -10.75 0.65 23.95
CA GLU I 87 -9.52 0.97 24.65
C GLU I 87 -8.41 1.46 23.71
N SER I 88 -8.66 1.45 22.40
CA SER I 88 -7.70 1.82 21.43
C SER I 88 -7.66 3.33 21.24
N VAL I 89 -8.68 4.04 21.72
CA VAL I 89 -8.85 5.44 21.37
C VAL I 89 -7.64 6.32 21.72
N PRO I 90 -7.08 6.20 22.91
CA PRO I 90 -5.90 7.01 23.19
C PRO I 90 -4.72 6.78 22.26
N VAL I 91 -4.52 5.53 21.82
CA VAL I 91 -3.44 5.22 20.90
C VAL I 91 -3.78 5.79 19.55
N LEU I 92 -5.03 5.68 19.13
CA LEU I 92 -5.39 6.18 17.82
C LEU I 92 -5.27 7.72 17.74
N GLU I 93 -5.53 8.39 18.85
CA GLU I 93 -5.40 9.83 18.95
C GLU I 93 -3.96 10.16 18.90
N LEU I 94 -3.17 9.34 19.56
CA LEU I 94 -1.76 9.64 19.66
C LEU I 94 -1.14 9.63 18.26
N PHE I 95 -1.47 8.58 17.48
CA PHE I 95 -1.00 8.41 16.15
C PHE I 95 -1.55 9.43 15.15
N SER I 96 -2.83 9.76 15.21
CA SER I 96 -3.38 10.76 14.31
C SER I 96 -3.02 12.25 14.70
N ASN I 97 -2.41 12.46 15.85
CA ASN I 97 -1.76 13.70 16.12
C ASN I 97 -0.56 13.95 15.26
N ILE I 98 -0.05 12.92 14.60
CA ILE I 98 1.05 13.09 13.66
C ILE I 98 0.45 13.74 12.42
N TRP I 99 1.01 14.89 12.05
CA TRP I 99 0.65 15.57 10.83
C TRP I 99 0.93 14.69 9.69
N GLY I 100 -0.10 14.48 8.92
CA GLY I 100 -0.05 13.59 7.78
C GLY I 100 -0.56 12.18 8.03
N ALA I 101 -0.85 11.81 9.27
CA ALA I 101 -1.46 10.51 9.53
C ALA I 101 -2.85 10.75 10.03
N GLY I 102 -3.83 10.12 9.39
CA GLY I 102 -5.24 10.23 9.86
C GLY I 102 -5.69 8.93 10.50
N THR I 103 -7.00 8.77 10.47
CA THR I 103 -7.66 7.65 11.12
CA THR I 103 -7.70 7.64 11.11
C THR I 103 -7.34 6.29 10.48
N LYS I 104 -7.25 6.22 9.15
CA LYS I 104 -6.88 4.96 8.52
C LYS I 104 -5.43 4.54 8.80
N THR I 105 -4.51 5.49 8.83
CA THR I 105 -3.11 5.17 9.07
C THR I 105 -2.99 4.80 10.53
N ALA I 106 -3.68 5.52 11.41
CA ALA I 106 -3.62 5.17 12.81
C ALA I 106 -4.11 3.73 13.06
N GLN I 107 -5.19 3.36 12.39
CA GLN I 107 -5.77 2.02 12.53
C GLN I 107 -4.90 0.95 11.93
N MET I 108 -4.28 1.20 10.76
CA MET I 108 -3.27 0.24 10.26
C MET I 108 -2.12 0.02 11.29
N TRP I 109 -1.53 1.10 11.76
CA TRP I 109 -0.46 0.97 12.71
C TRP I 109 -0.87 0.14 13.97
N TYR I 110 -2.06 0.40 14.47
CA TYR I 110 -2.61 -0.30 15.59
C TYR I 110 -2.80 -1.79 15.28
N GLN I 111 -3.24 -2.13 14.06
CA GLN I 111 -3.43 -3.54 13.65
C GLN I 111 -2.05 -4.24 13.58
N GLN I 112 -1.03 -3.46 13.26
CA GLN I 112 0.32 -3.96 13.16
C GLN I 112 0.94 -4.08 14.54
N GLY I 113 0.25 -3.69 15.61
CA GLY I 113 0.75 -3.93 16.93
C GLY I 113 1.47 -2.74 17.56
N PHE I 114 1.40 -1.56 16.97
CA PHE I 114 2.23 -0.43 17.50
C PHE I 114 1.37 0.31 18.47
N ARG I 115 1.93 0.68 19.60
CA ARG I 115 1.19 1.34 20.65
C ARG I 115 1.86 2.67 21.06
N SER I 116 3.01 3.04 20.52
CA SER I 116 3.74 4.18 21.03
C SER I 116 4.43 4.87 19.90
N LEU I 117 4.82 6.13 20.11
CA LEU I 117 5.55 6.83 19.05
C LEU I 117 6.92 6.17 18.78
N GLU I 118 7.52 5.60 19.81
CA GLU I 118 8.78 4.90 19.60
C GLU I 118 8.63 3.72 18.62
N ASP I 119 7.56 2.97 18.80
CA ASP I 119 7.25 1.89 17.85
C ASP I 119 7.09 2.45 16.47
N ILE I 120 6.44 3.61 16.33
CA ILE I 120 6.23 4.16 14.99
C ILE I 120 7.60 4.50 14.41
N ARG I 121 8.40 5.23 15.19
CA ARG I 121 9.71 5.69 14.72
C ARG I 121 10.59 4.50 14.28
N SER I 122 10.62 3.43 15.07
CA SER I 122 11.52 2.30 14.80
C SER I 122 10.96 1.27 13.84
N GLN I 123 9.64 1.13 13.70
CA GLN I 123 9.14 0.04 12.87
C GLN I 123 8.18 0.44 11.80
N ALA I 124 7.51 1.59 11.94
CA ALA I 124 6.39 1.88 11.02
C ALA I 124 6.86 2.32 9.67
N SER I 125 6.08 2.03 8.65
CA SER I 125 6.29 2.65 7.33
C SER I 125 5.66 4.11 7.26
N LEU I 126 6.51 5.10 7.00
CA LEU I 126 6.16 6.53 7.15
C LEU I 126 6.31 7.25 5.84
N THR I 127 5.30 8.01 5.43
CA THR I 127 5.47 8.92 4.29
C THR I 127 6.41 10.04 4.64
N THR I 128 6.73 10.83 3.65
CA THR I 128 7.63 11.95 3.86
C THR I 128 7.00 12.92 4.82
N GLN I 129 5.74 13.25 4.59
CA GLN I 129 5.06 14.21 5.45
C GLN I 129 5.04 13.67 6.85
N GLN I 130 4.69 12.38 6.97
CA GLN I 130 4.53 11.77 8.28
C GLN I 130 5.79 11.80 9.06
N ALA I 131 6.94 11.55 8.44
CA ALA I 131 8.21 11.52 9.18
C ALA I 131 8.58 12.92 9.70
N ILE I 132 8.24 13.94 8.91
CA ILE I 132 8.34 15.34 9.40
C ILE I 132 7.44 15.64 10.61
N GLY I 133 6.17 15.30 10.45
CA GLY I 133 5.22 15.27 11.54
C GLY I 133 5.70 14.61 12.80
N LEU I 134 6.33 13.45 12.66
CA LEU I 134 6.68 12.64 13.84
C LEU I 134 7.93 13.23 14.49
N LYS I 135 8.88 13.62 13.66
CA LYS I 135 10.09 14.22 14.21
C LYS I 135 9.76 15.52 14.95
N HIS I 136 8.68 16.21 14.55
CA HIS I 136 8.27 17.46 15.21
C HIS I 136 7.04 17.30 16.10
N TYR I 137 6.83 16.10 16.62
CA TYR I 137 5.54 15.76 17.26
C TYR I 137 5.21 16.69 18.40
N SER I 138 6.11 16.81 19.37
CA SER I 138 5.84 17.65 20.57
C SER I 138 5.74 19.10 20.19
N ASP I 139 6.66 19.58 19.35
CA ASP I 139 6.62 21.00 18.94
C ASP I 139 5.26 21.32 18.30
N PHE I 140 4.74 20.41 17.48
CA PHE I 140 3.52 20.68 16.69
C PHE I 140 2.27 20.51 17.52
N LEU I 141 2.36 19.70 18.56
CA LEU I 141 1.22 19.58 19.45
C LEU I 141 0.97 20.83 20.29
N GLU I 142 2.03 21.53 20.71
CA GLU I 142 1.93 22.81 21.45
C GLU I 142 1.38 23.91 20.60
N ARG I 143 0.51 24.72 21.19
CA ARG I 143 0.06 25.98 20.58
C ARG I 143 1.10 27.04 20.92
N MET I 144 1.33 27.98 20.06
CA MET I 144 2.35 28.96 20.34
C MET I 144 1.65 30.19 20.89
N PRO I 145 2.37 30.95 21.68
CA PRO I 145 1.94 32.27 22.14
C PRO I 145 1.65 33.15 20.94
N ARG I 146 0.62 33.96 21.04
CA ARG I 146 0.23 34.90 20.00
C ARG I 146 1.40 35.82 19.56
N GLU I 147 2.28 36.11 20.52
CA GLU I 147 3.47 36.92 20.29
C GLU I 147 4.41 36.28 19.27
N GLU I 148 4.67 34.98 19.45
CA GLU I 148 5.50 34.21 18.51
C GLU I 148 4.96 34.19 17.06
N ALA I 149 3.64 34.02 16.94
CA ALA I 149 2.92 34.08 15.68
C ALA I 149 3.12 35.42 15.03
N THR I 150 3.03 36.47 15.84
CA THR I 150 3.30 37.80 15.35
C THR I 150 4.70 37.89 14.74
N GLU I 151 5.70 37.34 15.44
CA GLU I 151 7.09 37.35 14.91
C GLU I 151 7.22 36.55 13.61
N ILE I 152 6.55 35.39 13.52
CA ILE I 152 6.53 34.59 12.25
C ILE I 152 5.90 35.39 11.12
N GLU I 153 4.78 36.07 11.41
CA GLU I 153 4.22 36.92 10.38
C GLU I 153 5.22 38.07 10.01
N GLN I 154 5.88 38.68 10.99
CA GLN I 154 6.90 39.71 10.66
C GLN I 154 7.99 39.16 9.70
N THR I 155 8.44 37.93 9.96
CA THR I 155 9.47 37.29 9.16
C THR I 155 9.01 37.16 7.74
N VAL I 156 7.82 36.63 7.56
CA VAL I 156 7.31 36.51 6.23
C VAL I 156 7.20 37.88 5.60
N GLN I 157 6.67 38.84 6.34
CA GLN I 157 6.35 40.16 5.77
C GLN I 157 7.63 40.86 5.27
N LYS I 158 8.67 40.85 6.08
CA LYS I 158 9.97 41.45 5.74
C LYS I 158 10.49 40.85 4.46
N ALA I 159 10.57 39.50 4.43
CA ALA I 159 11.02 38.84 3.21
C ALA I 159 10.19 39.25 2.06
N ALA I 160 8.86 39.31 2.22
CA ALA I 160 8.05 39.60 1.04
C ALA I 160 8.16 41.05 0.58
N GLN I 161 8.24 41.95 1.54
CA GLN I 161 8.31 43.36 1.23
C GLN I 161 9.60 43.76 0.51
N ALA I 162 10.68 43.02 0.74
CA ALA I 162 11.90 43.19 -0.05
C ALA I 162 11.64 43.04 -1.57
N PHE I 163 10.66 42.27 -1.97
CA PHE I 163 10.47 42.09 -3.38
C PHE I 163 9.58 43.16 -3.95
N ASN I 164 8.77 43.76 -3.09
CA ASN I 164 7.78 44.74 -3.52
C ASN I 164 7.06 45.21 -2.28
N SER I 165 7.07 46.52 -2.10
CA SER I 165 6.88 46.99 -0.76
C SER I 165 5.42 47.33 -0.55
N GLY I 166 4.60 47.30 -1.61
CA GLY I 166 3.15 47.33 -1.49
C GLY I 166 2.42 45.95 -1.30
N LEU I 167 3.16 44.86 -1.13
CA LEU I 167 2.53 43.57 -0.71
C LEU I 167 1.94 43.60 0.69
N LEU I 168 0.71 43.07 0.83
CA LEU I 168 0.06 42.91 2.14
C LEU I 168 0.19 41.47 2.57
N CYS I 169 0.59 41.26 3.81
CA CYS I 169 0.68 39.98 4.41
C CYS I 169 -0.07 40.01 5.72
N VAL I 170 -1.06 39.13 5.84
CA VAL I 170 -1.87 39.00 7.04
C VAL I 170 -1.93 37.56 7.54
N ALA I 171 -1.59 37.37 8.81
CA ALA I 171 -1.78 36.13 9.44
C ALA I 171 -3.27 35.96 9.73
N CYS I 172 -3.81 34.80 9.39
CA CYS I 172 -5.21 34.47 9.55
C CYS I 172 -5.39 33.43 10.63
N GLY I 173 -6.31 32.49 10.38
CA GLY I 173 -6.68 31.52 11.38
C GLY I 173 -6.94 32.07 12.74
N SER I 174 -6.54 31.31 13.76
CA SER I 174 -6.80 31.68 15.12
C SER I 174 -6.10 32.98 15.55
N TYR I 175 -5.02 33.36 14.90
CA TYR I 175 -4.38 34.67 15.20
C TYR I 175 -5.27 35.84 14.88
N ARG I 176 -5.82 35.79 13.66
CA ARG I 176 -6.65 36.82 13.19
C ARG I 176 -7.97 36.82 13.94
N ARG I 177 -8.38 35.68 14.54
CA ARG I 177 -9.56 35.64 15.37
C ARG I 177 -9.23 36.02 16.81
N GLY I 178 -8.00 36.41 17.10
CA GLY I 178 -7.76 37.11 18.33
C GLY I 178 -7.32 36.20 19.42
N LYS I 179 -7.06 34.92 19.17
CA LYS I 179 -6.71 34.01 20.26
C LYS I 179 -5.30 34.32 20.78
N ALA I 180 -5.04 33.93 22.01
CA ALA I 180 -3.80 34.25 22.70
C ALA I 180 -2.79 33.12 22.54
N THR I 181 -3.27 31.96 22.06
CA THR I 181 -2.37 31.00 21.49
C THR I 181 -2.86 30.53 20.11
N CYS I 182 -1.94 29.96 19.33
CA CYS I 182 -2.20 29.57 17.93
C CYS I 182 -1.59 28.23 17.69
N GLY I 183 -2.35 27.37 17.00
CA GLY I 183 -1.90 26.02 16.67
C GLY I 183 -0.89 26.05 15.56
N ASP I 184 -1.16 26.90 14.59
CA ASP I 184 -0.28 27.14 13.47
C ASP I 184 -0.64 28.51 12.88
N VAL I 185 0.32 28.99 12.07
CA VAL I 185 0.24 30.24 11.37
C VAL I 185 -0.02 30.12 9.90
N ASP I 186 -0.93 30.94 9.41
CA ASP I 186 -1.39 30.87 8.05
C ASP I 186 -1.22 32.31 7.52
N VAL I 187 -0.23 32.57 6.66
CA VAL I 187 -0.01 33.95 6.10
C VAL I 187 -0.46 34.09 4.67
N LEU I 188 -1.41 35.01 4.51
CA LEU I 188 -2.05 35.36 3.26
C LEU I 188 -1.45 36.62 2.72
N ILE I 189 -1.06 36.58 1.43
CA ILE I 189 -0.35 37.62 0.76
C ILE I 189 -1.00 37.96 -0.58
N THR I 190 -1.10 39.25 -0.84
CA THR I 190 -1.64 39.73 -2.09
C THR I 190 -1.02 41.12 -2.38
N HIS I 191 -1.46 41.69 -3.49
CA HIS I 191 -1.10 43.10 -3.82
C HIS I 191 -2.30 43.93 -4.30
N PRO I 192 -2.54 45.13 -3.70
CA PRO I 192 -3.71 45.93 -4.08
C PRO I 192 -3.79 46.27 -5.55
N ASP I 193 -2.67 46.30 -6.23
CA ASP I 193 -2.66 46.61 -7.68
C ASP I 193 -3.23 45.51 -8.59
N GLY I 194 -3.54 44.32 -8.04
CA GLY I 194 -4.16 43.26 -8.84
C GLY I 194 -3.26 42.47 -9.78
N ARG I 195 -1.95 42.62 -9.64
CA ARG I 195 -0.96 42.06 -10.61
C ARG I 195 0.36 41.64 -9.95
N SER I 196 0.84 42.50 -9.07
CA SER I 196 2.18 42.43 -8.51
C SER I 196 2.44 41.23 -7.59
N HIS I 197 1.38 40.47 -7.27
CA HIS I 197 1.52 39.21 -6.52
C HIS I 197 2.15 38.10 -7.38
N ARG I 198 2.13 38.23 -8.70
CA ARG I 198 2.69 37.17 -9.55
C ARG I 198 4.20 37.10 -9.41
N GLY I 199 4.72 35.88 -9.36
CA GLY I 199 6.15 35.62 -9.27
C GLY I 199 6.78 35.73 -7.90
N ILE I 200 6.02 36.29 -6.96
CA ILE I 200 6.48 36.42 -5.60
C ILE I 200 6.66 35.05 -4.92
N PHE I 201 5.78 34.12 -5.26
CA PHE I 201 5.68 32.90 -4.42
C PHE I 201 7.01 32.17 -4.32
N SER I 202 7.52 31.68 -5.44
CA SER I 202 8.72 30.86 -5.36
C SER I 202 9.93 31.66 -4.87
N ARG I 203 9.98 32.91 -5.27
CA ARG I 203 11.07 33.74 -4.84
C ARG I 203 11.03 33.97 -3.36
N LEU I 204 9.83 34.19 -2.81
CA LEU I 204 9.71 34.34 -1.34
C LEU I 204 10.18 33.12 -0.55
N LEU I 205 9.82 31.95 -1.07
CA LEU I 205 10.12 30.73 -0.40
C LEU I 205 11.66 30.55 -0.46
N ASP I 206 12.27 30.81 -1.62
CA ASP I 206 13.75 30.73 -1.72
C ASP I 206 14.45 31.63 -0.74
N SER I 207 14.04 32.86 -0.69
CA SER I 207 14.50 33.76 0.35
C SER I 207 14.36 33.22 1.73
N LEU I 208 13.17 32.69 2.06
CA LEU I 208 13.02 32.18 3.40
C LEU I 208 13.78 30.90 3.64
N ARG I 209 14.00 30.11 2.63
CA ARG I 209 14.98 29.00 2.80
C ARG I 209 16.38 29.61 3.03
N GLN I 210 16.74 30.55 2.15
CA GLN I 210 18.08 31.12 2.12
C GLN I 210 18.47 31.40 3.53
N GLU I 211 17.59 32.07 4.29
CA GLU I 211 17.86 32.42 5.70
C GLU I 211 17.72 31.30 6.74
N GLY I 212 17.48 30.04 6.37
CA GLY I 212 17.22 28.98 7.41
C GLY I 212 15.91 29.04 8.21
N PHE I 213 15.01 29.92 7.81
CA PHE I 213 13.70 30.09 8.51
C PHE I 213 12.79 28.87 8.32
N LEU I 214 12.62 28.46 7.07
CA LEU I 214 11.88 27.25 6.72
C LEU I 214 12.76 26.01 6.80
N THR I 215 12.45 25.09 7.70
CA THR I 215 13.28 23.93 7.98
C THR I 215 12.87 22.65 7.31
N ASP I 216 11.61 22.50 6.88
CA ASP I 216 11.15 21.28 6.17
C ASP I 216 9.95 21.74 5.39
N ASP I 217 9.66 21.16 4.22
CA ASP I 217 8.43 21.41 3.47
C ASP I 217 7.51 20.23 3.65
N LEU I 218 6.19 20.46 3.71
CA LEU I 218 5.22 19.37 3.66
C LEU I 218 4.57 19.28 2.28
N VAL I 219 4.13 20.42 1.77
CA VAL I 219 3.79 20.54 0.36
C VAL I 219 4.48 21.79 -0.13
N SER I 220 5.51 21.62 -0.96
CA SER I 220 6.34 22.76 -1.39
C SER I 220 5.57 23.71 -2.26
N GLN I 221 4.70 23.18 -3.09
CA GLN I 221 3.83 24.04 -3.84
C GLN I 221 2.57 23.37 -4.33
N GLU I 222 1.47 24.07 -4.11
CA GLU I 222 0.16 23.64 -4.44
C GLU I 222 -0.58 24.81 -5.15
N GLU I 223 -1.18 24.53 -6.29
CA GLU I 223 -1.87 25.57 -7.03
C GLU I 223 -3.33 25.24 -7.17
N ASN I 224 -4.14 26.19 -6.74
CA ASN I 224 -5.58 26.12 -6.79
C ASN I 224 -6.07 27.38 -7.47
N GLY I 225 -6.45 27.23 -8.73
CA GLY I 225 -6.69 28.34 -9.59
C GLY I 225 -5.47 29.23 -9.57
N GLN I 226 -5.69 30.49 -9.22
CA GLN I 226 -4.63 31.46 -9.19
C GLN I 226 -4.03 31.60 -7.75
N GLN I 227 -4.41 30.72 -6.82
CA GLN I 227 -3.82 30.78 -5.51
C GLN I 227 -2.67 29.79 -5.48
N GLN I 228 -1.61 30.18 -4.80
CA GLN I 228 -0.45 29.34 -4.68
C GLN I 228 -0.18 29.19 -3.20
N LYS I 229 0.06 27.98 -2.76
CA LYS I 229 0.13 27.66 -1.33
C LYS I 229 1.28 26.76 -1.05
N TYR I 230 1.98 27.07 0.05
CA TYR I 230 3.07 26.34 0.62
C TYR I 230 2.60 25.89 2.00
N LEU I 231 2.89 24.65 2.33
CA LEU I 231 2.64 24.12 3.66
C LEU I 231 3.97 23.61 4.16
N GLY I 232 4.49 24.16 5.24
CA GLY I 232 5.72 23.62 5.78
C GLY I 232 5.96 23.95 7.20
N VAL I 233 7.25 24.12 7.54
CA VAL I 233 7.72 24.14 8.93
C VAL I 233 8.73 25.23 9.05
N CYS I 234 8.63 26.03 10.10
CA CYS I 234 9.53 27.16 10.27
C CYS I 234 10.01 27.14 11.71
N ARG I 235 11.03 27.96 11.97
CA ARG I 235 11.61 28.09 13.30
C ARG I 235 12.29 29.43 13.39
N LEU I 236 11.89 30.24 14.36
CA LEU I 236 12.41 31.59 14.44
C LEU I 236 13.91 31.48 14.83
N PRO I 237 14.69 32.53 14.58
CA PRO I 237 16.15 32.32 14.76
C PRO I 237 16.49 32.38 16.22
N GLY I 238 17.57 31.74 16.64
CA GLY I 238 18.00 31.86 18.01
C GLY I 238 17.69 30.64 18.85
N PRO I 239 18.03 30.71 20.15
CA PRO I 239 17.95 29.54 21.03
C PRO I 239 16.57 29.42 21.67
N GLY I 240 16.24 28.25 22.20
CA GLY I 240 14.96 28.04 22.90
C GLY I 240 13.71 27.91 22.02
N ARG I 241 13.91 27.96 20.70
CA ARG I 241 12.84 28.16 19.75
C ARG I 241 12.31 26.85 19.20
N ARG I 242 11.01 26.71 19.14
CA ARG I 242 10.43 25.49 18.61
C ARG I 242 10.07 25.55 17.12
N HIS I 243 9.86 24.38 16.51
CA HIS I 243 9.40 24.30 15.13
C HIS I 243 7.89 24.47 15.06
N ARG I 244 7.43 25.24 14.08
CA ARG I 244 5.99 25.49 13.97
C ARG I 244 5.54 25.26 12.56
N ARG I 245 4.30 24.79 12.44
CA ARG I 245 3.64 24.75 11.16
C ARG I 245 3.36 26.16 10.62
N LEU I 246 3.69 26.36 9.36
CA LEU I 246 3.47 27.64 8.66
C LEU I 246 2.94 27.32 7.29
N ASP I 247 1.85 27.99 6.91
CA ASP I 247 1.35 27.96 5.56
C ASP I 247 1.52 29.37 4.99
N ILE I 248 1.83 29.46 3.70
CA ILE I 248 1.87 30.77 3.01
C ILE I 248 1.03 30.65 1.77
N ILE I 249 0.10 31.59 1.60
CA ILE I 249 -0.80 31.57 0.47
C ILE I 249 -0.73 32.91 -0.29
N VAL I 250 -0.43 32.84 -1.57
CA VAL I 250 -0.36 34.06 -2.39
C VAL I 250 -1.58 34.02 -3.27
N VAL I 251 -2.45 35.03 -3.11
CA VAL I 251 -3.64 35.21 -3.93
C VAL I 251 -3.71 36.59 -4.64
N PRO I 252 -4.41 36.61 -5.78
CA PRO I 252 -4.78 37.87 -6.40
C PRO I 252 -5.76 38.71 -5.56
N TYR I 253 -5.70 40.01 -5.78
CA TYR I 253 -6.49 40.97 -5.03
C TYR I 253 -7.96 40.74 -5.16
N SER I 254 -8.39 40.42 -6.35
CA SER I 254 -9.80 40.08 -6.62
C SER I 254 -10.40 39.04 -5.64
N GLU I 255 -9.58 38.12 -5.12
CA GLU I 255 -10.04 36.99 -4.27
C GLU I 255 -9.77 37.23 -2.78
N PHE I 256 -9.16 38.39 -2.49
CA PHE I 256 -8.59 38.63 -1.17
C PHE I 256 -9.66 38.51 -0.10
N ALA I 257 -10.86 38.94 -0.42
CA ALA I 257 -11.89 38.96 0.61
C ALA I 257 -12.32 37.55 0.96
N CYS I 258 -12.55 36.75 -0.07
CA CYS I 258 -13.01 35.40 0.16
C CYS I 258 -11.89 34.52 0.71
N ALA I 259 -10.66 34.86 0.37
CA ALA I 259 -9.51 34.20 0.96
C ALA I 259 -9.29 34.52 2.41
N LEU I 260 -9.46 35.76 2.77
CA LEU I 260 -9.32 36.08 4.17
C LEU I 260 -10.31 35.33 4.98
N LEU I 261 -11.53 35.31 4.42
CA LEU I 261 -12.67 34.68 5.09
C LEU I 261 -12.37 33.19 5.32
N TYR I 262 -12.00 32.53 4.24
CA TYR I 262 -11.72 31.07 4.24
C TYR I 262 -10.58 30.80 5.21
N PHE I 263 -9.51 31.54 5.07
CA PHE I 263 -8.34 31.25 5.89
C PHE I 263 -8.45 31.79 7.27
N THR I 264 -9.40 32.71 7.54
CA THR I 264 -9.61 33.11 8.94
C THR I 264 -10.45 32.07 9.70
N GLY I 265 -11.33 31.38 8.98
CA GLY I 265 -12.18 30.37 9.60
C GLY I 265 -13.10 30.96 10.65
N SER I 266 -13.45 30.19 11.69
CA SER I 266 -12.94 28.85 11.97
C SER I 266 -13.50 27.93 10.89
N ALA I 267 -13.12 26.68 10.98
CA ALA I 267 -13.61 25.66 10.03
C ALA I 267 -15.13 25.51 10.14
N HIS I 268 -15.64 25.54 11.37
CA HIS I 268 -17.08 25.38 11.59
C HIS I 268 -17.79 26.56 11.03
N PHE I 269 -17.24 27.74 11.23
CA PHE I 269 -17.83 28.93 10.72
C PHE I 269 -17.89 28.88 9.20
N ASN I 270 -16.82 28.45 8.57
CA ASN I 270 -16.83 28.36 7.10
C ASN I 270 -17.93 27.38 6.64
N ARG I 271 -18.08 26.28 7.38
CA ARG I 271 -19.06 25.22 7.01
C ARG I 271 -20.44 25.81 7.06
N SER I 272 -20.71 26.49 8.17
CA SER I 272 -21.95 27.23 8.27
C SER I 272 -22.16 28.15 7.06
N MET I 273 -21.16 28.94 6.71
CA MET I 273 -21.33 29.88 5.58
C MET I 273 -21.60 29.18 4.27
N ARG I 274 -20.84 28.12 3.99
CA ARG I 274 -21.07 27.37 2.77
C ARG I 274 -22.49 26.84 2.73
N ALA I 275 -23.03 26.43 3.87
CA ALA I 275 -24.41 25.91 3.92
C ALA I 275 -25.36 27.01 3.49
N LEU I 276 -25.32 28.09 4.25
CA LEU I 276 -26.10 29.26 3.96
C LEU I 276 -26.07 29.64 2.50
N ALA I 277 -24.89 29.80 1.94
CA ALA I 277 -24.77 30.14 0.53
C ALA I 277 -25.61 29.21 -0.37
N LYS I 278 -25.52 27.93 -0.04
CA LYS I 278 -26.14 26.89 -0.81
C LYS I 278 -27.66 27.13 -0.83
N THR I 279 -28.23 27.40 0.35
CA THR I 279 -29.65 27.66 0.47
C THR I 279 -30.04 28.82 -0.43
N LYS I 280 -29.20 29.85 -0.47
CA LYS I 280 -29.50 30.99 -1.27
C LYS I 280 -29.11 30.80 -2.70
N GLY I 281 -28.93 29.58 -3.15
CA GLY I 281 -28.54 29.36 -4.55
C GLY I 281 -27.12 29.77 -4.94
N MET I 282 -26.16 29.65 -4.04
CA MET I 282 -24.81 30.18 -4.28
C MET I 282 -23.74 29.20 -3.78
N SER I 283 -22.49 29.37 -4.25
CA SER I 283 -21.32 28.65 -3.67
C SER I 283 -20.18 29.60 -3.19
N LEU I 284 -19.69 29.36 -1.99
CA LEU I 284 -18.68 30.18 -1.38
C LEU I 284 -17.45 29.34 -1.24
N SER I 285 -16.40 29.80 -1.93
CA SER I 285 -15.09 29.16 -1.91
C SER I 285 -14.00 30.12 -1.39
N GLU I 286 -12.76 29.68 -1.46
CA GLU I 286 -11.63 30.51 -1.03
C GLU I 286 -11.32 31.50 -2.09
N HIS I 287 -11.89 31.31 -3.27
CA HIS I 287 -11.75 32.22 -4.41
C HIS I 287 -12.88 33.25 -4.53
N ALA I 288 -14.11 32.81 -4.32
CA ALA I 288 -15.30 33.60 -4.66
C ALA I 288 -16.60 33.18 -4.01
N LEU I 289 -17.53 34.14 -3.93
CA LEU I 289 -18.93 33.88 -3.71
C LEU I 289 -19.57 33.96 -5.05
N SER I 290 -20.03 32.82 -5.55
CA SER I 290 -20.54 32.70 -6.92
C SER I 290 -22.04 32.32 -6.94
N THR I 291 -22.75 32.72 -8.00
CA THR I 291 -24.16 32.28 -8.24
C THR I 291 -24.15 30.83 -8.68
N ALA I 292 -25.30 30.24 -8.92
CA ALA I 292 -25.42 28.78 -9.08
C ALA I 292 -24.80 28.22 -10.36
N VAL I 293 -24.48 26.93 -10.29
CA VAL I 293 -23.95 26.21 -11.45
C VAL I 293 -24.92 26.23 -12.63
N VAL I 294 -24.38 26.49 -13.82
CA VAL I 294 -25.14 26.45 -15.10
C VAL I 294 -24.71 25.28 -16.01
N ARG I 295 -25.53 24.32 -16.45
CA ARG I 295 -26.95 24.00 -16.11
C ARG I 295 -27.87 24.30 -17.32
N ASN I 296 -27.35 24.00 -18.51
CA ASN I 296 -28.12 24.13 -19.76
C ASN I 296 -29.00 22.91 -20.02
N THR I 297 -28.68 21.83 -19.32
CA THR I 297 -29.13 20.50 -19.68
C THR I 297 -30.06 19.93 -18.60
N HIS I 298 -31.36 20.15 -18.79
CA HIS I 298 -32.43 19.28 -18.29
C HIS I 298 -32.30 18.85 -16.80
N GLY I 299 -31.30 18.03 -16.47
CA GLY I 299 -31.00 17.66 -15.07
C GLY I 299 -29.52 17.59 -14.74
N CYS I 300 -28.72 18.46 -15.40
CA CYS I 300 -27.24 18.53 -15.22
C CYS I 300 -26.54 19.71 -15.90
N LYS I 301 -25.29 19.92 -15.50
CA LYS I 301 -24.60 21.18 -15.70
C LYS I 301 -23.49 21.14 -16.70
N VAL I 302 -22.99 22.32 -17.04
CA VAL I 302 -21.76 22.50 -17.80
C VAL I 302 -21.18 23.89 -17.44
N GLY I 303 -20.23 23.92 -16.50
CA GLY I 303 -19.48 25.15 -16.18
C GLY I 303 -20.03 26.03 -15.05
N PRO I 304 -19.16 26.89 -14.49
CA PRO I 304 -19.43 27.56 -13.22
C PRO I 304 -20.48 28.68 -13.26
N GLY I 305 -21.08 28.96 -12.11
CA GLY I 305 -21.90 30.16 -11.97
C GLY I 305 -21.00 31.37 -12.00
N ARG I 306 -21.54 32.55 -11.82
CA ARG I 306 -20.74 33.74 -12.01
C ARG I 306 -20.33 34.33 -10.67
N VAL I 307 -19.19 34.95 -10.69
CA VAL I 307 -18.61 35.43 -9.48
C VAL I 307 -19.28 36.73 -9.04
N LEU I 308 -19.75 36.77 -7.82
CA LEU I 308 -20.32 37.98 -7.31
C LEU I 308 -19.17 38.83 -6.78
N PRO I 309 -19.00 40.05 -7.32
CA PRO I 309 -17.88 40.86 -6.88
C PRO I 309 -17.90 41.08 -5.38
N THR I 310 -16.78 40.80 -4.70
CA THR I 310 -16.73 40.96 -3.25
C THR I 310 -15.43 41.65 -2.79
N PRO I 311 -15.36 42.98 -2.96
CA PRO I 311 -14.09 43.66 -2.64
C PRO I 311 -13.68 43.51 -1.19
N THR I 312 -14.63 43.42 -0.27
CA THR I 312 -14.37 43.15 1.18
C THR I 312 -15.19 42.00 1.81
N GLU I 313 -14.77 41.57 2.99
CA GLU I 313 -15.48 40.55 3.75
C GLU I 313 -16.92 40.98 4.01
N LYS I 314 -17.09 42.23 4.44
CA LYS I 314 -18.43 42.86 4.60
C LYS I 314 -19.39 42.54 3.49
N ASP I 315 -18.95 42.70 2.25
CA ASP I 315 -19.78 42.34 1.09
C ASP I 315 -20.26 40.86 1.06
N VAL I 316 -19.41 39.92 1.48
CA VAL I 316 -19.83 38.51 1.47
C VAL I 316 -20.97 38.28 2.46
N PHE I 317 -20.81 38.86 3.63
CA PHE I 317 -21.81 38.71 4.66
C PHE I 317 -23.13 39.35 4.20
N ARG I 318 -23.02 40.56 3.62
CA ARG I 318 -24.16 41.30 3.11
C ARG I 318 -24.88 40.47 2.07
N LEU I 319 -24.14 39.90 1.12
CA LEU I 319 -24.76 39.11 0.09
C LEU I 319 -25.35 37.81 0.62
N LEU I 320 -24.99 37.41 1.83
CA LEU I 320 -25.62 36.23 2.40
C LEU I 320 -26.68 36.61 3.40
N GLY I 321 -26.94 37.89 3.58
CA GLY I 321 -28.06 38.27 4.41
C GLY I 321 -27.70 38.23 5.86
N LEU I 322 -26.40 38.22 6.17
CA LEU I 322 -25.94 38.22 7.54
C LEU I 322 -25.36 39.60 7.83
N PRO I 323 -25.39 40.00 9.08
CA PRO I 323 -24.54 41.05 9.60
C PRO I 323 -23.04 40.60 9.67
N TYR I 324 -22.13 41.52 9.38
CA TYR I 324 -20.72 41.27 9.44
C TYR I 324 -20.28 40.77 10.80
N ARG I 325 -19.55 39.65 10.85
CA ARG I 325 -18.94 39.15 12.11
C ARG I 325 -17.47 39.54 12.10
N GLU I 326 -17.05 40.11 13.23
CA GLU I 326 -15.67 40.46 13.51
C GLU I 326 -14.90 39.17 13.68
N PRO I 327 -13.67 39.08 13.14
CA PRO I 327 -12.94 37.83 13.22
C PRO I 327 -12.97 37.16 14.56
N ALA I 328 -12.88 37.95 15.62
CA ALA I 328 -12.92 37.45 16.97
C ALA I 328 -14.25 36.73 17.33
N GLU I 329 -15.23 36.79 16.48
CA GLU I 329 -16.50 36.17 16.83
C GLU I 329 -16.86 35.08 15.85
N ARG I 330 -15.92 34.64 15.02
CA ARG I 330 -16.24 33.58 14.06
C ARG I 330 -15.82 32.19 14.54
N ASP I 331 -16.05 31.89 15.79
CA ASP I 331 -15.73 30.54 16.18
C ASP I 331 -16.85 29.64 15.73
N TRP I 332 -18.09 30.13 15.80
CA TRP I 332 -19.24 29.41 15.22
C TRP I 332 -20.28 30.39 14.68
N LEU I 333 -20.93 30.10 13.56
CA LEU I 333 -21.93 31.06 13.00
C LEU I 333 -23.23 31.09 13.81
N GLU I 334 -23.71 29.91 14.21
CA GLU I 334 -24.97 29.78 14.95
C GLU I 334 -24.83 30.35 16.39
N HIS I 335 -23.64 30.85 16.74
CA HIS I 335 -23.37 31.44 18.07
C HIS I 335 -24.14 32.74 18.42
N HIS I 336 -23.84 33.89 17.77
CA HIS I 336 -24.52 35.22 18.01
C HIS I 336 -24.20 35.84 19.39
N HIS I 337 -23.07 36.54 19.49
CA HIS I 337 -22.44 36.79 20.79
C HIS I 337 -23.16 37.81 21.68
N ALA M 6 -11.78 -20.33 44.27
CA ALA M 6 -12.97 -19.70 44.90
C ALA M 6 -13.57 -20.61 45.95
N THR M 7 -14.16 -21.74 45.51
CA THR M 7 -15.01 -22.54 46.41
C THR M 7 -15.25 -24.03 45.93
N ASN M 8 -16.48 -24.43 45.54
CA ASN M 8 -16.80 -25.86 45.00
C ASN M 8 -18.00 -26.46 45.68
N HIS M 9 -19.19 -26.13 45.20
CA HIS M 9 -20.37 -26.76 45.77
C HIS M 9 -20.53 -28.25 45.39
N ASN M 10 -19.59 -28.87 44.66
CA ASN M 10 -19.73 -30.32 44.27
C ASN M 10 -18.54 -31.21 44.55
N LEU M 11 -17.89 -31.00 45.68
CA LEU M 11 -16.71 -31.76 46.07
C LEU M 11 -17.10 -33.23 46.26
N HIS M 12 -18.26 -33.45 46.85
CA HIS M 12 -18.81 -34.81 47.06
C HIS M 12 -18.88 -35.63 45.78
N ILE M 13 -18.88 -34.94 44.64
CA ILE M 13 -18.87 -35.58 43.33
C ILE M 13 -17.46 -35.65 42.77
N THR M 14 -16.75 -34.52 42.77
CA THR M 14 -15.47 -34.53 42.13
C THR M 14 -14.47 -35.45 42.76
N GLU M 15 -14.49 -35.58 44.08
CA GLU M 15 -13.48 -36.48 44.66
C GLU M 15 -13.64 -37.91 44.15
N LYS M 16 -14.85 -38.31 43.77
CA LYS M 16 -14.98 -39.69 43.22
C LYS M 16 -14.59 -39.74 41.73
N LEU M 17 -15.04 -38.77 40.94
CA LEU M 17 -14.73 -38.74 39.48
C LEU M 17 -13.21 -38.72 39.22
N GLU M 18 -12.50 -38.01 40.09
CA GLU M 18 -11.06 -37.93 40.06
C GLU M 18 -10.38 -39.24 40.22
N VAL M 19 -10.92 -40.10 41.08
CA VAL M 19 -10.33 -41.42 41.18
C VAL M 19 -10.45 -42.18 39.88
N LEU M 20 -11.61 -42.12 39.25
CA LEU M 20 -11.81 -42.76 37.95
C LEU M 20 -10.97 -42.14 36.85
N ALA M 21 -10.89 -40.82 36.85
CA ALA M 21 -10.14 -40.16 35.79
C ALA M 21 -8.69 -40.67 35.82
N LYS M 22 -8.14 -40.71 37.03
CA LYS M 22 -6.80 -41.23 37.25
C LYS M 22 -6.61 -42.65 36.79
N ALA M 23 -7.57 -43.53 37.06
CA ALA M 23 -7.47 -44.88 36.60
C ALA M 23 -7.36 -44.97 35.06
N TYR M 24 -8.15 -44.17 34.38
CA TYR M 24 -8.15 -44.16 32.94
C TYR M 24 -6.83 -43.56 32.43
N SER M 25 -6.40 -42.45 32.99
CA SER M 25 -5.13 -41.86 32.57
C SER M 25 -3.98 -42.88 32.62
N VAL M 26 -3.76 -43.49 33.77
CA VAL M 26 -2.60 -44.39 33.94
C VAL M 26 -2.72 -45.63 33.15
N GLN M 27 -3.93 -46.02 32.74
CA GLN M 27 -4.08 -47.19 31.86
C GLN M 27 -3.95 -46.82 30.40
N GLY M 28 -3.88 -45.53 30.13
CA GLY M 28 -3.52 -45.06 28.80
C GLY M 28 -4.65 -44.64 27.90
N ASP M 29 -5.84 -44.47 28.45
CA ASP M 29 -7.02 -43.93 27.69
C ASP M 29 -7.06 -42.42 27.87
N LYS M 30 -6.20 -41.68 27.17
CA LYS M 30 -6.02 -40.27 27.54
C LYS M 30 -7.17 -39.37 27.12
N TRP M 31 -7.89 -39.74 26.06
CA TRP M 31 -9.00 -38.89 25.59
C TRP M 31 -10.17 -38.98 26.58
N ARG M 32 -10.40 -40.18 27.06
CA ARG M 32 -11.39 -40.35 28.12
C ARG M 32 -11.00 -39.62 29.39
N ALA M 33 -9.75 -39.79 29.77
CA ALA M 33 -9.22 -39.07 30.95
C ALA M 33 -9.41 -37.59 30.78
N LEU M 34 -9.08 -37.08 29.60
CA LEU M 34 -9.30 -35.65 29.38
C LEU M 34 -10.75 -35.27 29.62
N GLY M 35 -11.67 -36.08 29.09
CA GLY M 35 -13.10 -35.74 29.22
C GLY M 35 -13.50 -35.75 30.67
N TYR M 36 -12.89 -36.63 31.44
CA TYR M 36 -13.18 -36.57 32.87
C TYR M 36 -12.62 -35.26 33.47
N ALA M 37 -11.33 -35.03 33.24
CA ALA M 37 -10.67 -33.76 33.77
C ALA M 37 -11.53 -32.53 33.48
N LYS M 38 -12.13 -32.49 32.28
CA LYS M 38 -12.97 -31.34 31.93
C LYS M 38 -14.24 -31.29 32.71
N ALA M 39 -14.90 -32.44 32.85
CA ALA M 39 -16.20 -32.41 33.51
C ALA M 39 -16.00 -31.95 34.95
N ILE M 40 -14.87 -32.35 35.51
CA ILE M 40 -14.56 -32.03 36.91
C ILE M 40 -14.55 -30.48 37.09
N ASN M 41 -14.01 -29.73 36.13
CA ASN M 41 -13.97 -28.23 36.22
C ASN M 41 -15.38 -27.60 36.14
N ALA M 42 -16.15 -28.04 35.18
CA ALA M 42 -17.50 -27.51 35.09
C ALA M 42 -18.19 -27.64 36.49
N LEU M 43 -18.04 -28.80 37.12
CA LEU M 43 -18.56 -29.01 38.47
C LEU M 43 -17.84 -28.11 39.49
N LYS M 44 -16.52 -28.21 39.41
CA LYS M 44 -15.59 -27.52 40.25
C LYS M 44 -15.63 -26.02 40.12
N SER M 45 -16.61 -25.47 39.38
CA SER M 45 -17.03 -24.06 39.54
C SER M 45 -18.56 -23.81 39.57
N PHE M 46 -19.32 -24.56 38.82
CA PHE M 46 -20.77 -24.35 38.84
C PHE M 46 -21.35 -23.57 40.09
N HIS M 47 -22.16 -22.54 39.83
CA HIS M 47 -22.59 -21.58 40.86
C HIS M 47 -23.39 -22.17 42.06
N LYS M 48 -23.71 -23.45 41.95
CA LYS M 48 -24.36 -24.16 42.98
C LYS M 48 -24.02 -25.67 42.90
N PRO M 49 -24.48 -26.44 43.88
CA PRO M 49 -24.34 -27.85 43.69
C PRO M 49 -25.35 -28.35 42.65
N VAL M 50 -24.92 -29.28 41.81
CA VAL M 50 -25.86 -29.84 40.84
C VAL M 50 -26.93 -30.62 41.56
N THR M 51 -28.18 -30.35 41.25
CA THR M 51 -29.23 -31.12 41.84
C THR M 51 -30.11 -31.91 40.88
N SER M 52 -29.80 -31.97 39.58
CA SER M 52 -30.68 -32.79 38.71
C SER M 52 -29.92 -33.30 37.52
N TYR M 53 -30.41 -34.35 36.89
CA TYR M 53 -29.77 -34.86 35.65
C TYR M 53 -29.92 -33.80 34.55
N GLN M 54 -31.14 -33.29 34.39
CA GLN M 54 -31.39 -32.31 33.33
C GLN M 54 -30.53 -31.11 33.52
N GLU M 55 -30.36 -30.71 34.77
CA GLU M 55 -29.46 -29.63 35.08
C GLU M 55 -28.03 -29.97 34.75
N ALA M 56 -27.57 -31.14 35.14
CA ALA M 56 -26.16 -31.50 34.86
C ALA M 56 -25.77 -31.58 33.35
N CYS M 57 -26.71 -32.01 32.51
CA CYS M 57 -26.47 -32.07 31.05
C CYS M 57 -26.37 -30.69 30.47
N SER M 58 -27.30 -29.83 30.92
CA SER M 58 -27.35 -28.43 30.51
C SER M 58 -26.05 -27.71 30.77
N ILE M 59 -25.04 -28.39 31.32
CA ILE M 59 -23.74 -27.73 31.48
C ILE M 59 -22.64 -28.32 30.61
N PRO M 60 -21.72 -27.49 30.07
CA PRO M 60 -20.89 -28.02 29.03
C PRO M 60 -19.64 -28.67 29.50
N GLY M 61 -19.33 -29.80 28.90
CA GLY M 61 -18.26 -30.69 29.32
C GLY M 61 -18.84 -31.92 30.03
N ILE M 62 -20.15 -31.88 30.30
CA ILE M 62 -20.88 -32.97 30.90
C ILE M 62 -22.04 -33.44 30.05
N GLY M 63 -21.97 -34.72 29.70
CA GLY M 63 -22.95 -35.38 28.87
C GLY M 63 -23.77 -36.42 29.63
N LYS M 64 -24.41 -37.27 28.85
CA LYS M 64 -25.29 -38.29 29.35
C LYS M 64 -24.55 -39.19 30.33
N ARG M 65 -23.35 -39.61 29.96
CA ARG M 65 -22.64 -40.61 30.71
C ARG M 65 -22.23 -40.00 32.04
N MET M 66 -21.61 -38.81 31.98
CA MET M 66 -21.13 -38.10 33.17
C MET M 66 -22.28 -37.72 34.08
N ALA M 67 -23.41 -37.28 33.52
CA ALA M 67 -24.55 -37.03 34.35
C ALA M 67 -25.09 -38.29 35.03
N GLU M 68 -24.97 -39.45 34.37
CA GLU M 68 -25.44 -40.68 34.98
C GLU M 68 -24.64 -40.96 36.29
N LYS M 69 -23.34 -40.71 36.25
CA LYS M 69 -22.44 -40.84 37.39
C LYS M 69 -22.77 -39.83 38.47
N ILE M 70 -23.10 -38.61 38.06
CA ILE M 70 -23.44 -37.61 39.06
C ILE M 70 -24.64 -38.01 39.84
N ILE M 71 -25.69 -38.41 39.14
CA ILE M 71 -26.90 -38.78 39.81
C ILE M 71 -26.67 -40.04 40.63
N GLU M 72 -25.85 -40.94 40.14
CA GLU M 72 -25.58 -42.11 40.97
C GLU M 72 -24.96 -41.68 42.32
N ILE M 73 -23.99 -40.75 42.29
CA ILE M 73 -23.36 -40.25 43.53
C ILE M 73 -24.39 -39.56 44.36
N LEU M 74 -25.17 -38.68 43.75
CA LEU M 74 -26.17 -38.00 44.55
C LEU M 74 -27.09 -38.95 45.25
N GLU M 75 -27.56 -39.98 44.58
CA GLU M 75 -28.57 -40.77 45.21
C GLU M 75 -27.96 -41.85 46.13
N SER M 76 -26.77 -42.34 45.84
CA SER M 76 -26.20 -43.44 46.66
C SER M 76 -24.99 -43.06 47.54
N GLY M 77 -24.31 -41.98 47.21
CA GLY M 77 -23.08 -41.60 47.86
C GLY M 77 -21.90 -42.39 47.37
N HIS M 78 -22.12 -43.18 46.33
CA HIS M 78 -21.06 -44.03 45.89
C HIS M 78 -21.11 -44.11 44.36
N LEU M 79 -20.02 -44.58 43.79
CA LEU M 79 -19.90 -44.85 42.34
C LEU M 79 -19.33 -46.25 42.23
N ARG M 80 -20.16 -47.23 41.93
CA ARG M 80 -19.65 -48.61 42.00
C ARG M 80 -18.62 -48.90 40.96
N LYS M 81 -18.47 -48.03 39.96
CA LYS M 81 -17.35 -48.19 39.05
C LYS M 81 -16.03 -48.19 39.85
N LEU M 82 -16.00 -47.50 41.01
CA LEU M 82 -14.82 -47.43 41.82
C LEU M 82 -14.45 -48.73 42.50
N ASP M 83 -15.26 -49.78 42.34
CA ASP M 83 -15.02 -51.01 43.03
C ASP M 83 -14.53 -52.01 42.03
N HIS M 84 -14.41 -51.61 40.79
CA HIS M 84 -14.03 -52.58 39.78
C HIS M 84 -12.83 -52.09 39.01
N ILE M 85 -12.04 -51.23 39.63
CA ILE M 85 -10.85 -50.71 38.96
C ILE M 85 -9.80 -51.77 39.04
N SER M 86 -9.32 -52.25 37.90
CA SER M 86 -8.18 -53.18 37.84
C SER M 86 -7.07 -52.95 38.88
N GLU M 87 -6.60 -54.07 39.43
CA GLU M 87 -5.63 -54.14 40.51
C GLU M 87 -4.30 -53.49 40.16
N SER M 88 -4.01 -53.43 38.87
CA SER M 88 -2.71 -52.97 38.41
C SER M 88 -2.61 -51.46 38.56
N VAL M 89 -3.71 -50.75 38.82
CA VAL M 89 -3.71 -49.29 38.68
C VAL M 89 -2.77 -48.58 39.62
N PRO M 90 -2.67 -48.99 40.89
CA PRO M 90 -1.76 -48.14 41.70
C PRO M 90 -0.31 -48.28 41.31
N VAL M 91 0.06 -49.47 40.83
CA VAL M 91 1.41 -49.74 40.32
C VAL M 91 1.63 -48.90 39.06
N LEU M 92 0.68 -48.93 38.14
CA LEU M 92 0.81 -48.21 36.89
C LEU M 92 0.93 -46.73 37.20
N GLU M 93 0.18 -46.25 38.16
CA GLU M 93 0.34 -44.90 38.63
C GLU M 93 1.72 -44.68 39.22
N LEU M 94 2.15 -45.57 40.10
CA LEU M 94 3.49 -45.42 40.70
C LEU M 94 4.52 -45.17 39.59
N PHE M 95 4.49 -45.98 38.54
CA PHE M 95 5.46 -45.94 37.47
C PHE M 95 5.33 -44.68 36.62
N SER M 96 4.11 -44.24 36.30
CA SER M 96 3.93 -43.03 35.49
C SER M 96 4.14 -41.78 36.25
N ASN M 97 4.19 -41.85 37.57
CA ASN M 97 4.61 -40.68 38.30
C ASN M 97 6.08 -40.28 38.12
N ILE M 98 6.83 -41.14 37.48
CA ILE M 98 8.20 -40.88 37.13
C ILE M 98 8.23 -39.95 35.91
N TRP M 99 8.95 -38.83 36.02
CA TRP M 99 9.09 -37.91 34.88
C TRP M 99 9.81 -38.58 33.72
N GLY M 100 9.16 -38.65 32.56
CA GLY M 100 9.74 -39.26 31.36
C GLY M 100 9.20 -40.66 31.13
N ALA M 101 8.40 -41.16 32.07
CA ALA M 101 7.75 -42.44 31.87
C ALA M 101 6.27 -42.20 31.84
N GLY M 102 5.59 -42.67 30.82
CA GLY M 102 4.14 -42.47 30.71
C GLY M 102 3.52 -43.87 30.73
N THR M 103 2.35 -43.99 30.12
CA THR M 103 1.56 -45.21 30.16
C THR M 103 2.15 -46.44 29.52
N LYS M 104 2.76 -46.24 28.35
CA LYS M 104 3.38 -47.34 27.63
C LYS M 104 4.55 -47.98 28.40
N THR M 105 5.31 -47.16 29.12
CA THR M 105 6.47 -47.65 29.80
C THR M 105 6.06 -48.38 31.07
N ALA M 106 5.17 -47.76 31.83
CA ALA M 106 4.58 -48.39 32.98
C ALA M 106 3.94 -49.75 32.58
N GLN M 107 3.07 -49.78 31.56
CA GLN M 107 2.55 -51.06 31.00
C GLN M 107 3.65 -52.04 30.68
N MET M 108 4.66 -51.59 29.94
CA MET M 108 5.81 -52.42 29.56
C MET M 108 6.47 -52.97 30.81
N TRP M 109 6.76 -52.10 31.78
CA TRP M 109 7.37 -52.57 33.02
C TRP M 109 6.48 -53.57 33.78
N TYR M 110 5.18 -53.30 33.84
CA TYR M 110 4.26 -54.16 34.57
C TYR M 110 4.29 -55.53 33.93
N GLN M 111 4.21 -55.56 32.60
CA GLN M 111 4.20 -56.83 31.88
C GLN M 111 5.50 -57.58 32.06
N GLN M 112 6.47 -56.96 32.72
CA GLN M 112 7.80 -57.52 32.93
C GLN M 112 7.84 -58.16 34.27
N GLY M 113 6.83 -57.86 35.07
CA GLY M 113 6.77 -58.33 36.41
C GLY M 113 7.27 -57.36 37.44
N PHE M 114 7.58 -56.12 37.05
CA PHE M 114 7.95 -55.11 38.05
C PHE M 114 6.75 -54.56 38.76
N ARG M 115 6.95 -54.11 39.99
CA ARG M 115 5.86 -53.77 40.84
C ARG M 115 6.16 -52.68 41.83
N SER M 116 7.39 -52.24 41.90
CA SER M 116 7.75 -51.28 42.95
C SER M 116 8.88 -50.41 42.36
N LEU M 117 9.27 -49.33 43.00
CA LEU M 117 10.29 -48.45 42.43
C LEU M 117 11.71 -49.11 42.48
N GLU M 118 11.89 -49.96 43.48
CA GLU M 118 13.12 -50.71 43.66
C GLU M 118 13.34 -51.65 42.54
N ASP M 119 12.26 -52.30 42.08
CA ASP M 119 12.32 -53.18 40.90
C ASP M 119 12.84 -52.43 39.65
N ILE M 120 12.27 -51.23 39.46
CA ILE M 120 12.61 -50.36 38.32
C ILE M 120 14.11 -50.02 38.38
N ARG M 121 14.51 -49.43 39.47
CA ARG M 121 15.87 -49.01 39.73
C ARG M 121 16.96 -50.11 39.57
N SER M 122 16.71 -51.31 40.09
CA SER M 122 17.69 -52.39 40.04
C SER M 122 17.63 -53.20 38.77
N GLN M 123 16.47 -53.22 38.11
CA GLN M 123 16.31 -54.03 36.90
C GLN M 123 15.86 -53.42 35.59
N ALA M 124 15.27 -52.23 35.58
CA ALA M 124 14.73 -51.69 34.33
C ALA M 124 15.72 -50.77 33.70
N SER M 125 15.81 -50.90 32.39
CA SER M 125 16.46 -49.95 31.52
C SER M 125 15.71 -48.61 31.61
N LEU M 126 16.42 -47.58 31.98
CA LEU M 126 15.87 -46.29 32.08
C LEU M 126 16.51 -45.38 31.09
N THR M 127 15.72 -44.56 30.42
CA THR M 127 16.24 -43.37 29.69
C THR M 127 16.93 -42.42 30.62
N THR M 128 17.71 -41.53 30.07
CA THR M 128 18.39 -40.52 30.90
C THR M 128 17.34 -39.75 31.67
N GLN M 129 16.27 -39.38 30.97
CA GLN M 129 15.30 -38.53 31.63
C GLN M 129 14.65 -39.29 32.81
N GLN M 130 14.28 -40.55 32.58
CA GLN M 130 13.60 -41.33 33.64
C GLN M 130 14.48 -41.58 34.84
N ALA M 131 15.79 -41.81 34.58
CA ALA M 131 16.70 -42.04 35.67
C ALA M 131 16.63 -40.84 36.55
N ILE M 132 16.54 -39.67 35.90
CA ILE M 132 16.47 -38.42 36.67
C ILE M 132 15.13 -38.27 37.34
N GLY M 133 14.05 -38.54 36.61
CA GLY M 133 12.73 -38.54 37.25
C GLY M 133 12.69 -39.50 38.45
N LEU M 134 13.31 -40.67 38.29
CA LEU M 134 13.25 -41.73 39.36
C LEU M 134 14.06 -41.32 40.56
N LYS M 135 15.25 -40.79 40.29
CA LYS M 135 16.10 -40.27 41.34
C LYS M 135 15.39 -39.27 42.24
N HIS M 136 14.52 -38.43 41.68
CA HIS M 136 13.87 -37.37 42.46
C HIS M 136 12.39 -37.63 42.61
N TYR M 137 12.02 -38.90 42.58
CA TYR M 137 10.63 -39.29 42.53
C TYR M 137 9.79 -38.57 43.56
N SER M 138 10.29 -38.46 44.77
CA SER M 138 9.51 -37.92 45.89
C SER M 138 9.48 -36.44 45.90
N ASP M 139 10.61 -35.82 45.57
CA ASP M 139 10.59 -34.36 45.51
C ASP M 139 9.61 -33.87 44.45
N PHE M 140 9.62 -34.55 43.32
CA PHE M 140 8.83 -34.08 42.16
C PHE M 140 7.33 -34.31 42.35
N LEU M 141 6.98 -35.27 43.20
CA LEU M 141 5.60 -35.58 43.44
C LEU M 141 4.96 -34.52 44.29
N GLU M 142 5.69 -33.81 45.14
CA GLU M 142 5.06 -32.78 45.96
C GLU M 142 4.98 -31.42 45.25
N ARG M 143 4.00 -30.60 45.61
CA ARG M 143 3.90 -29.28 45.05
C ARG M 143 4.63 -28.43 46.00
N MET M 144 5.10 -27.28 45.57
CA MET M 144 5.89 -26.43 46.43
C MET M 144 5.07 -25.28 46.87
N PRO M 145 5.51 -24.63 47.95
CA PRO M 145 4.79 -23.42 48.35
C PRO M 145 5.12 -22.25 47.46
N ARG M 146 4.15 -21.40 47.28
CA ARG M 146 4.24 -20.27 46.37
C ARG M 146 5.52 -19.43 46.56
N GLU M 147 5.97 -19.26 47.79
CA GLU M 147 7.15 -18.43 48.09
C GLU M 147 8.52 -19.08 47.71
N GLU M 148 8.59 -20.40 47.70
CA GLU M 148 9.78 -21.09 47.14
C GLU M 148 9.80 -20.88 45.60
N ALA M 149 8.61 -20.94 44.99
CA ALA M 149 8.47 -20.59 43.58
C ALA M 149 9.04 -19.19 43.36
N THR M 150 8.61 -18.22 44.15
CA THR M 150 9.18 -16.90 44.02
C THR M 150 10.69 -16.85 44.11
N GLU M 151 11.29 -17.67 45.02
CA GLU M 151 12.75 -17.63 45.21
C GLU M 151 13.47 -18.19 43.97
N ILE M 152 12.89 -19.23 43.40
CA ILE M 152 13.42 -19.88 42.20
C ILE M 152 13.40 -18.88 41.05
N GLU M 153 12.27 -18.21 40.83
CA GLU M 153 12.16 -17.15 39.82
C GLU M 153 13.16 -16.04 40.07
N GLN M 154 13.36 -15.71 41.31
CA GLN M 154 14.26 -14.63 41.61
C GLN M 154 15.67 -14.99 41.29
N THR M 155 16.06 -16.22 41.56
CA THR M 155 17.35 -16.73 41.25
C THR M 155 17.60 -16.67 39.72
N VAL M 156 16.58 -17.04 38.92
CA VAL M 156 16.74 -17.05 37.46
C VAL M 156 16.86 -15.63 36.97
N GLN M 157 16.00 -14.76 37.46
CA GLN M 157 15.96 -13.36 37.07
C GLN M 157 17.23 -12.59 37.42
N LYS M 158 17.79 -12.82 38.61
CA LYS M 158 19.07 -12.17 38.95
C LYS M 158 20.16 -12.66 38.01
N ALA M 159 20.25 -13.96 37.77
CA ALA M 159 21.32 -14.47 36.88
C ALA M 159 21.19 -13.92 35.47
N ALA M 160 19.98 -13.67 35.03
CA ALA M 160 19.72 -13.20 33.65
C ALA M 160 19.98 -11.73 33.51
N GLN M 161 19.54 -10.95 34.51
CA GLN M 161 19.65 -9.52 34.48
C GLN M 161 21.11 -9.10 34.70
N ALA M 162 21.92 -10.00 35.22
CA ALA M 162 23.36 -9.81 35.26
C ALA M 162 23.93 -9.66 33.83
N PHE M 163 23.26 -10.24 32.82
CA PHE M 163 23.82 -10.21 31.45
C PHE M 163 23.26 -9.02 30.76
N ASN M 164 22.00 -8.73 31.02
CA ASN M 164 21.35 -7.61 30.44
C ASN M 164 20.25 -7.18 31.34
N SER M 165 20.43 -5.96 31.84
CA SER M 165 19.54 -5.38 32.83
C SER M 165 18.14 -5.05 32.29
N GLY M 166 17.93 -4.95 30.99
CA GLY M 166 16.60 -4.71 30.39
C GLY M 166 15.69 -5.96 30.21
N LEU M 167 16.18 -7.11 30.52
CA LEU M 167 15.38 -8.35 30.34
C LEU M 167 14.21 -8.43 31.34
N LEU M 168 13.11 -8.98 30.85
CA LEU M 168 11.91 -9.24 31.59
C LEU M 168 11.88 -10.71 31.85
N CYS M 169 11.72 -11.09 33.12
CA CYS M 169 11.59 -12.48 33.53
C CYS M 169 10.30 -12.54 34.34
N VAL M 170 9.52 -13.58 34.09
CA VAL M 170 8.23 -13.74 34.74
CA VAL M 170 8.18 -13.74 34.65
C VAL M 170 7.92 -15.22 34.90
N ALA M 171 7.69 -15.64 36.15
CA ALA M 171 7.23 -17.04 36.37
C ALA M 171 5.75 -17.12 35.97
N CYS M 172 5.41 -18.15 35.25
CA CYS M 172 4.08 -18.33 34.72
C CYS M 172 3.36 -19.48 35.45
N GLY M 173 2.69 -20.34 34.72
CA GLY M 173 1.97 -21.46 35.32
C GLY M 173 1.03 -21.06 36.46
N SER M 174 0.84 -22.04 37.37
CA SER M 174 -0.02 -21.92 38.51
C SER M 174 0.40 -20.77 39.37
N TYR M 175 1.67 -20.45 39.38
CA TYR M 175 2.23 -19.34 40.10
C TYR M 175 1.67 -18.03 39.63
N ARG M 176 1.59 -17.84 38.32
CA ARG M 176 1.17 -16.54 37.87
C ARG M 176 -0.33 -16.45 38.10
N ARG M 177 -1.00 -17.58 38.23
CA ARG M 177 -2.42 -17.55 38.41
C ARG M 177 -2.72 -17.46 39.90
N GLY M 178 -1.72 -17.20 40.75
CA GLY M 178 -1.93 -16.89 42.13
C GLY M 178 -2.11 -18.10 43.06
N LYS M 179 -1.80 -19.30 42.64
CA LYS M 179 -2.10 -20.45 43.52
C LYS M 179 -1.14 -20.53 44.70
N ALA M 180 -1.53 -21.27 45.73
CA ALA M 180 -0.76 -21.24 47.01
C ALA M 180 0.43 -22.16 46.87
N THR M 181 0.24 -23.22 46.14
CA THR M 181 1.26 -24.14 45.84
C THR M 181 1.42 -24.38 44.31
N CYS M 182 2.64 -24.72 43.89
CA CYS M 182 2.96 -24.92 42.46
C CYS M 182 3.63 -26.24 42.18
N GLY M 183 3.18 -26.93 41.16
CA GLY M 183 3.84 -28.14 40.72
C GLY M 183 5.27 -28.01 40.23
N ASP M 184 5.60 -26.85 39.66
CA ASP M 184 6.89 -26.63 39.01
C ASP M 184 6.97 -25.17 38.76
N VAL M 185 8.07 -24.69 38.21
CA VAL M 185 8.21 -23.28 37.86
C VAL M 185 8.65 -23.13 36.36
N ASP M 186 8.02 -22.22 35.65
CA ASP M 186 8.28 -21.97 34.24
C ASP M 186 8.64 -20.47 34.25
N VAL M 187 9.89 -20.12 33.92
CA VAL M 187 10.27 -18.72 33.84
C VAL M 187 10.44 -18.31 32.41
N LEU M 188 9.64 -17.33 32.01
CA LEU M 188 9.60 -16.73 30.65
C LEU M 188 10.43 -15.49 30.59
N ILE M 189 11.36 -15.41 29.62
CA ILE M 189 12.26 -14.29 29.46
C ILE M 189 12.20 -13.66 28.11
N THR M 190 12.18 -12.33 28.07
CA THR M 190 12.24 -11.60 26.79
C THR M 190 12.97 -10.28 26.99
N HIS M 191 13.15 -9.53 25.92
CA HIS M 191 13.67 -8.16 26.03
C HIS M 191 12.84 -7.20 25.24
N PRO M 192 12.41 -6.06 25.85
CA PRO M 192 11.55 -5.20 25.09
C PRO M 192 12.11 -4.59 23.84
N ASP M 193 13.42 -4.64 23.57
CA ASP M 193 13.94 -4.06 22.29
C ASP M 193 13.78 -5.03 21.16
N GLY M 194 13.29 -6.23 21.39
CA GLY M 194 13.02 -7.12 20.28
C GLY M 194 14.13 -8.02 19.81
N ARG M 195 15.32 -7.80 20.31
CA ARG M 195 16.48 -8.55 19.89
C ARG M 195 17.53 -8.91 20.92
N SER M 196 17.60 -8.22 22.05
CA SER M 196 18.69 -8.48 22.98
C SER M 196 18.41 -9.67 23.90
N HIS M 197 17.31 -10.38 23.67
CA HIS M 197 17.15 -11.68 24.29
C HIS M 197 18.08 -12.74 23.68
N ARG M 198 18.62 -12.46 22.48
CA ARG M 198 19.44 -13.46 21.82
C ARG M 198 20.73 -13.71 22.58
N GLY M 199 21.11 -14.97 22.67
CA GLY M 199 22.41 -15.41 23.25
C GLY M 199 22.36 -15.41 24.77
N ILE M 200 21.19 -15.16 25.33
CA ILE M 200 21.06 -15.09 26.79
C ILE M 200 20.86 -16.48 27.36
N PHE M 201 20.09 -17.27 26.64
CA PHE M 201 19.76 -18.63 27.04
C PHE M 201 21.00 -19.50 27.52
N SER M 202 21.93 -19.78 26.64
CA SER M 202 22.99 -20.71 27.00
C SER M 202 23.90 -20.09 28.07
N ARG M 203 24.14 -18.79 27.99
CA ARG M 203 24.92 -18.13 29.07
C ARG M 203 24.23 -18.22 30.42
N LEU M 204 22.91 -18.14 30.39
CA LEU M 204 22.13 -18.14 31.61
C LEU M 204 22.19 -19.53 32.23
N LEU M 205 22.02 -20.55 31.42
CA LEU M 205 22.08 -21.89 31.93
C LEU M 205 23.49 -22.17 32.52
N ASP M 206 24.55 -21.68 31.84
CA ASP M 206 25.94 -21.92 32.30
C ASP M 206 26.15 -21.30 33.68
N SER M 207 25.74 -20.09 33.80
CA SER M 207 25.78 -19.44 35.06
C SER M 207 25.01 -20.16 36.18
N LEU M 208 23.84 -20.67 35.87
CA LEU M 208 23.04 -21.36 36.91
C LEU M 208 23.62 -22.73 37.23
N ARG M 209 24.23 -23.36 36.25
CA ARG M 209 24.98 -24.60 36.50
C ARG M 209 26.13 -24.41 37.43
N GLN M 210 26.90 -23.35 37.25
CA GLN M 210 28.16 -23.25 37.93
C GLN M 210 27.92 -22.77 39.34
N GLU M 211 26.76 -22.20 39.63
CA GLU M 211 26.46 -21.88 41.04
C GLU M 211 25.78 -23.04 41.78
N GLY M 212 25.66 -24.16 41.11
CA GLY M 212 25.01 -25.36 41.65
C GLY M 212 23.48 -25.27 41.74
N PHE M 213 22.83 -24.30 41.12
CA PHE M 213 21.34 -24.20 41.12
C PHE M 213 20.67 -25.26 40.25
N LEU M 214 21.14 -25.41 39.01
CA LEU M 214 20.69 -26.49 38.14
C LEU M 214 21.46 -27.74 38.45
N THR M 215 20.78 -28.84 38.75
CA THR M 215 21.44 -30.09 39.16
C THR M 215 21.36 -31.13 38.12
N ASP M 216 20.45 -30.99 37.16
CA ASP M 216 20.23 -32.04 36.17
C ASP M 216 19.47 -31.39 34.98
N ASP M 217 19.64 -31.94 33.79
CA ASP M 217 19.01 -31.38 32.62
C ASP M 217 18.17 -32.44 32.02
N LEU M 218 16.91 -32.14 31.81
CA LEU M 218 16.02 -33.08 31.16
C LEU M 218 16.05 -32.89 29.67
N VAL M 219 15.90 -31.64 29.25
CA VAL M 219 16.14 -31.24 27.85
C VAL M 219 16.93 -29.96 27.91
N SER M 220 18.18 -30.06 27.50
CA SER M 220 19.15 -28.99 27.63
C SER M 220 18.73 -27.83 26.77
N GLN M 221 18.37 -28.11 25.53
CA GLN M 221 17.88 -27.06 24.64
C GLN M 221 16.82 -27.61 23.71
N GLU M 222 15.68 -26.93 23.65
CA GLU M 222 14.76 -27.15 22.59
C GLU M 222 14.60 -25.83 21.81
N GLU M 223 14.51 -25.89 20.48
CA GLU M 223 14.29 -24.70 19.63
C GLU M 223 12.99 -24.87 18.93
N ASN M 224 12.02 -24.01 19.26
CA ASN M 224 10.74 -24.08 18.65
C ASN M 224 10.50 -22.76 18.02
N GLY M 225 10.73 -22.72 16.70
CA GLY M 225 10.68 -21.47 16.00
C GLY M 225 11.68 -20.48 16.58
N GLN M 226 11.18 -19.34 16.96
CA GLN M 226 11.94 -18.33 17.59
C GLN M 226 12.09 -18.44 19.13
N GLN M 227 11.62 -19.49 19.75
CA GLN M 227 11.77 -19.65 21.18
C GLN M 227 12.84 -20.65 21.49
N GLN M 228 13.47 -20.45 22.63
CA GLN M 228 14.40 -21.47 23.14
C GLN M 228 13.89 -21.94 24.48
N LYS M 229 13.91 -23.26 24.70
CA LYS M 229 13.38 -23.82 25.92
C LYS M 229 14.28 -24.84 26.61
N TYR M 230 14.38 -24.66 27.91
CA TYR M 230 15.15 -25.57 28.79
C TYR M 230 14.21 -26.32 29.75
N LEU M 231 14.37 -27.64 29.85
CA LEU M 231 13.59 -28.39 30.83
C LEU M 231 14.61 -29.02 31.77
N GLY M 232 14.51 -28.77 33.06
CA GLY M 232 15.45 -29.38 34.02
C GLY M 232 15.08 -29.32 35.46
N VAL M 233 16.10 -29.35 36.32
CA VAL M 233 15.90 -29.54 37.75
C VAL M 233 16.70 -28.53 38.52
N CYS M 234 16.10 -27.90 39.47
CA CYS M 234 16.84 -26.95 40.26
C CYS M 234 16.73 -27.29 41.73
N ARG M 235 17.53 -26.60 42.53
CA ARG M 235 17.48 -26.78 43.98
C ARG M 235 18.05 -25.61 44.62
N LEU M 236 17.24 -24.98 45.46
CA LEU M 236 17.63 -23.77 46.09
C LEU M 236 18.77 -24.09 47.10
N PRO M 237 19.63 -23.10 47.42
CA PRO M 237 20.72 -23.33 48.41
C PRO M 237 20.17 -23.60 49.81
N GLY M 238 20.85 -24.46 50.54
CA GLY M 238 20.65 -24.53 51.98
C GLY M 238 20.15 -25.88 52.39
N PRO M 239 19.99 -26.07 53.71
CA PRO M 239 19.70 -27.44 54.14
C PRO M 239 18.25 -27.84 53.90
N GLY M 240 18.03 -29.10 53.64
CA GLY M 240 16.68 -29.64 53.45
C GLY M 240 15.83 -29.15 52.28
N ARG M 241 16.44 -28.55 51.26
CA ARG M 241 15.66 -28.02 50.12
C ARG M 241 15.35 -29.15 49.20
N ARG M 242 14.20 -29.13 48.54
CA ARG M 242 13.87 -30.19 47.65
C ARG M 242 14.28 -29.82 46.23
N HIS M 243 14.50 -30.86 45.42
CA HIS M 243 14.77 -30.70 44.00
C HIS M 243 13.44 -30.38 43.38
N ARG M 244 13.40 -29.36 42.52
CA ARG M 244 12.16 -28.91 41.81
C ARG M 244 12.35 -28.87 40.28
N ARG M 245 11.26 -29.13 39.58
CA ARG M 245 11.21 -29.10 38.12
C ARG M 245 11.13 -27.59 37.74
N LEU M 246 12.06 -27.17 36.88
CA LEU M 246 12.19 -25.80 36.37
C LEU M 246 12.29 -25.84 34.82
N ASP M 247 11.56 -24.93 34.21
CA ASP M 247 11.58 -24.74 32.78
C ASP M 247 11.93 -23.27 32.62
N ILE M 248 12.82 -23.00 31.68
CA ILE M 248 13.19 -21.65 31.31
C ILE M 248 12.95 -21.43 29.79
N ILE M 249 12.28 -20.33 29.44
CA ILE M 249 11.87 -20.11 28.09
C ILE M 249 12.27 -18.72 27.67
N VAL M 250 13.00 -18.60 26.55
CA VAL M 250 13.49 -17.28 26.07
C VAL M 250 12.87 -17.08 24.71
N VAL M 251 12.19 -15.95 24.59
CA VAL M 251 11.25 -15.62 23.50
C VAL M 251 11.47 -14.17 23.00
N PRO M 252 11.28 -13.89 21.69
CA PRO M 252 11.31 -12.50 21.27
C PRO M 252 10.13 -11.72 21.74
N TYR M 253 10.29 -10.40 21.91
CA TYR M 253 9.22 -9.57 22.36
C TYR M 253 7.90 -9.69 21.58
N SER M 254 7.95 -9.89 20.28
CA SER M 254 6.73 -9.97 19.48
C SER M 254 5.88 -11.17 19.86
N GLU M 255 6.48 -12.16 20.50
CA GLU M 255 5.76 -13.40 20.89
C GLU M 255 5.39 -13.44 22.36
N PHE M 256 5.65 -12.37 23.07
CA PHE M 256 5.68 -12.43 24.49
C PHE M 256 4.26 -12.58 25.01
N ALA M 257 3.30 -11.86 24.42
CA ALA M 257 1.93 -11.98 24.99
C ALA M 257 1.45 -13.42 24.80
N CYS M 258 1.71 -13.98 23.65
CA CYS M 258 1.19 -15.30 23.39
C CYS M 258 1.96 -16.35 24.22
N ALA M 259 3.26 -16.16 24.43
CA ALA M 259 3.99 -17.09 25.27
C ALA M 259 3.49 -17.03 26.71
N LEU M 260 3.29 -15.82 27.20
CA LEU M 260 2.75 -15.59 28.50
C LEU M 260 1.38 -16.23 28.66
N LEU M 261 0.58 -16.17 27.63
CA LEU M 261 -0.75 -16.72 27.71
C LEU M 261 -0.69 -18.24 27.78
N TYR M 262 0.10 -18.82 26.91
CA TYR M 262 0.26 -20.26 26.84
C TYR M 262 0.87 -20.86 28.14
N PHE M 263 1.98 -20.29 28.54
CA PHE M 263 2.68 -20.83 29.75
C PHE M 263 2.00 -20.55 31.09
N THR M 264 1.13 -19.53 31.15
CA THR M 264 0.30 -19.31 32.31
C THR M 264 -0.87 -20.33 32.38
N GLY M 265 -1.37 -20.76 31.23
CA GLY M 265 -2.44 -21.74 31.20
C GLY M 265 -3.70 -21.26 31.90
N SER M 266 -4.45 -22.19 32.54
CA SER M 266 -4.13 -23.62 32.61
C SER M 266 -4.22 -24.30 31.28
N ALA M 267 -3.81 -25.56 31.25
CA ALA M 267 -3.93 -26.35 30.09
C ALA M 267 -5.39 -26.37 29.61
N HIS M 268 -6.36 -26.38 30.54
CA HIS M 268 -7.78 -26.37 30.09
C HIS M 268 -8.15 -25.04 29.53
N PHE M 269 -7.66 -23.97 30.14
CA PHE M 269 -7.91 -22.67 29.62
C PHE M 269 -7.38 -22.57 28.18
N ASN M 270 -6.15 -22.96 27.97
CA ASN M 270 -5.55 -22.97 26.62
C ASN M 270 -6.37 -23.76 25.62
N ARG M 271 -6.81 -24.93 26.00
CA ARG M 271 -7.55 -25.75 25.08
C ARG M 271 -8.81 -25.04 24.63
N SER M 272 -9.44 -24.36 25.58
CA SER M 272 -10.68 -23.63 25.27
C SER M 272 -10.38 -22.42 24.41
N MET M 273 -9.21 -21.80 24.59
CA MET M 273 -8.84 -20.69 23.70
C MET M 273 -8.54 -21.17 22.32
N ARG M 274 -7.85 -22.28 22.21
CA ARG M 274 -7.60 -22.80 20.90
C ARG M 274 -8.91 -23.16 20.20
N ALA M 275 -9.91 -23.66 20.94
CA ALA M 275 -11.08 -24.15 20.30
C ALA M 275 -11.85 -22.93 19.81
N LEU M 276 -11.83 -21.86 20.58
CA LEU M 276 -12.47 -20.65 20.19
C LEU M 276 -11.79 -20.03 18.96
N ALA M 277 -10.46 -20.00 18.95
CA ALA M 277 -9.74 -19.59 17.75
C ALA M 277 -10.19 -20.35 16.56
N LYS M 278 -10.30 -21.66 16.70
CA LYS M 278 -10.58 -22.50 15.56
C LYS M 278 -11.98 -22.14 15.02
N THR M 279 -12.92 -21.75 15.86
CA THR M 279 -14.24 -21.42 15.33
C THR M 279 -14.21 -20.12 14.60
N LYS M 280 -13.20 -19.28 14.82
CA LYS M 280 -13.06 -18.04 14.07
C LYS M 280 -12.05 -18.14 12.92
N GLY M 281 -11.72 -19.35 12.48
CA GLY M 281 -10.69 -19.56 11.48
C GLY M 281 -9.29 -19.07 11.84
N MET M 282 -8.94 -19.17 13.13
CA MET M 282 -7.62 -18.74 13.66
C MET M 282 -6.98 -19.93 14.37
N SER M 283 -5.69 -19.86 14.66
CA SER M 283 -5.01 -20.82 15.52
C SER M 283 -4.30 -20.06 16.59
N LEU M 284 -4.14 -20.66 17.76
CA LEU M 284 -3.46 -19.97 18.80
C LEU M 284 -2.37 -20.88 19.38
N SER M 285 -1.13 -20.40 19.36
CA SER M 285 0.01 -21.18 19.86
C SER M 285 0.76 -20.37 20.88
N GLU M 286 1.86 -20.93 21.39
CA GLU M 286 2.77 -20.19 22.23
C GLU M 286 3.51 -19.06 21.50
N HIS M 287 3.52 -19.09 20.15
CA HIS M 287 4.11 -18.03 19.27
C HIS M 287 3.19 -16.90 18.88
N ALA M 288 1.92 -17.21 18.59
CA ALA M 288 1.09 -16.30 17.91
C ALA M 288 -0.36 -16.71 17.83
N LEU M 289 -1.18 -15.68 17.69
CA LEU M 289 -2.54 -15.84 17.16
C LEU M 289 -2.46 -15.59 15.69
N SER M 290 -2.90 -16.57 14.88
CA SER M 290 -2.74 -16.47 13.40
C SER M 290 -4.03 -16.76 12.68
N THR M 291 -4.18 -16.22 11.49
CA THR M 291 -5.35 -16.60 10.68
C THR M 291 -5.07 -17.99 10.11
N ALA M 292 -6.07 -18.55 9.45
CA ALA M 292 -6.04 -19.90 8.79
C ALA M 292 -4.77 -20.28 8.11
N VAL M 293 -4.32 -21.50 8.38
CA VAL M 293 -3.23 -22.06 7.58
C VAL M 293 -3.68 -22.09 6.11
N VAL M 294 -2.74 -21.77 5.20
CA VAL M 294 -2.99 -21.84 3.74
C VAL M 294 -3.26 -23.30 3.27
N ARG M 295 -4.54 -23.61 3.04
CA ARG M 295 -4.95 -24.91 2.52
C ARG M 295 -5.60 -24.72 1.14
N CYS M 300 -3.46 -29.73 -0.54
CA CYS M 300 -3.40 -28.28 -0.63
C CYS M 300 -2.83 -27.58 0.63
N LYS M 301 -2.75 -28.29 1.76
CA LYS M 301 -2.17 -27.75 3.02
C LYS M 301 -0.69 -27.29 2.91
N VAL M 302 -0.44 -26.00 2.73
CA VAL M 302 0.94 -25.49 2.75
C VAL M 302 1.08 -24.02 3.20
N GLY M 303 2.12 -23.75 3.99
CA GLY M 303 2.39 -22.42 4.54
C GLY M 303 1.58 -22.06 5.78
N PRO M 304 2.26 -21.49 6.79
CA PRO M 304 1.52 -21.04 7.98
C PRO M 304 0.57 -19.85 7.72
N GLY M 305 -0.32 -19.57 8.65
CA GLY M 305 -1.20 -18.43 8.48
C GLY M 305 -0.45 -17.15 8.81
N ARG M 306 -1.10 -16.06 8.57
CA ARG M 306 -0.56 -14.76 8.88
C ARG M 306 -0.82 -14.42 10.35
N VAL M 307 0.23 -14.03 11.02
CA VAL M 307 0.24 -13.62 12.40
C VAL M 307 -0.48 -12.31 12.56
N LEU M 308 -1.36 -12.25 13.54
CA LEU M 308 -2.09 -11.06 13.95
C LEU M 308 -1.36 -10.56 15.18
N PRO M 309 -0.63 -9.46 15.07
CA PRO M 309 0.23 -9.07 16.13
C PRO M 309 -0.59 -8.72 17.34
N THR M 310 -0.01 -9.02 18.49
CA THR M 310 -0.69 -8.99 19.80
C THR M 310 0.38 -8.53 20.78
N PRO M 311 0.44 -7.21 21.06
CA PRO M 311 1.48 -6.74 21.95
C PRO M 311 1.16 -7.06 23.36
N THR M 312 -0.12 -7.24 23.72
CA THR M 312 -0.41 -7.73 25.09
C THR M 312 -1.39 -8.85 25.11
N GLU M 313 -1.45 -9.60 26.24
CA GLU M 313 -2.49 -10.67 26.41
C GLU M 313 -3.88 -10.16 26.05
N LYS M 314 -4.16 -8.93 26.44
CA LYS M 314 -5.45 -8.29 26.15
C LYS M 314 -5.80 -8.25 24.71
N ASP M 315 -4.79 -8.10 23.85
CA ASP M 315 -5.02 -8.10 22.44
C ASP M 315 -5.43 -9.47 21.94
N VAL M 316 -5.01 -10.54 22.62
CA VAL M 316 -5.34 -11.88 22.12
C VAL M 316 -6.85 -12.09 22.43
N PHE M 317 -7.25 -11.77 23.65
CA PHE M 317 -8.65 -11.88 24.00
C PHE M 317 -9.54 -11.05 23.11
N ARG M 318 -9.18 -9.78 22.91
CA ARG M 318 -9.99 -8.89 22.06
C ARG M 318 -10.14 -9.49 20.67
N LEU M 319 -9.07 -9.89 20.02
CA LEU M 319 -9.22 -10.45 18.67
C LEU M 319 -10.00 -11.75 18.69
N LEU M 320 -10.09 -12.42 19.83
CA LEU M 320 -10.94 -13.60 19.88
C LEU M 320 -12.41 -13.30 20.30
N GLY M 321 -12.70 -12.06 20.67
CA GLY M 321 -14.04 -11.62 21.09
C GLY M 321 -14.33 -12.01 22.53
N LEU M 322 -13.30 -12.29 23.30
CA LEU M 322 -13.50 -12.90 24.58
C LEU M 322 -13.17 -11.82 25.58
N PRO M 323 -14.04 -11.62 26.58
CA PRO M 323 -13.67 -10.63 27.57
C PRO M 323 -12.38 -11.07 28.26
N TYR M 324 -11.58 -10.11 28.69
CA TYR M 324 -10.27 -10.32 29.22
C TYR M 324 -10.39 -11.01 30.54
N ARG M 325 -9.46 -11.92 30.82
CA ARG M 325 -9.47 -12.63 32.06
C ARG M 325 -8.12 -12.48 32.71
N GLU M 326 -8.07 -11.95 33.92
CA GLU M 326 -6.87 -11.99 34.76
C GLU M 326 -6.30 -13.41 34.88
N PRO M 327 -4.96 -13.55 34.95
CA PRO M 327 -4.40 -14.89 35.19
C PRO M 327 -5.11 -15.68 36.26
N ALA M 328 -5.52 -15.00 37.34
CA ALA M 328 -6.21 -15.74 38.45
C ALA M 328 -7.58 -16.31 38.10
N GLU M 329 -8.20 -15.84 37.04
CA GLU M 329 -9.47 -16.36 36.57
C GLU M 329 -9.26 -17.40 35.48
N ARG M 330 -8.06 -17.95 35.30
CA ARG M 330 -7.84 -18.80 34.13
C ARG M 330 -7.63 -20.27 34.45
N ASP M 331 -8.23 -20.77 35.52
CA ASP M 331 -8.12 -22.19 35.76
C ASP M 331 -8.94 -22.92 34.75
N TRP M 332 -10.03 -22.30 34.31
CA TRP M 332 -10.78 -22.79 33.19
C TRP M 332 -11.69 -21.65 32.77
N LEU M 333 -12.40 -21.82 31.67
CA LEU M 333 -13.20 -20.77 31.08
C LEU M 333 -14.70 -21.03 31.18
N GLU M 334 -15.47 -20.14 31.82
CA GLU M 334 -16.95 -20.16 31.73
C GLU M 334 -17.59 -18.79 32.02
#